data_8X8O
#
_entry.id   8X8O
#
_cell.length_a   1.00
_cell.length_b   1.00
_cell.length_c   1.00
_cell.angle_alpha   90.00
_cell.angle_beta   90.00
_cell.angle_gamma   90.00
#
_symmetry.space_group_name_H-M   'P 1'
#
_entity_poly.entity_id   1
_entity_poly.type   'polypeptide(L)'
_entity_poly.pdbx_seq_one_letter_code
;MGSSHHHHHHSSGLVPRGSHMDQDTKTIIQYPTSGDEYDIPFDYLSRKFVRVSLVSNTQRVLLDNITDYRYVSRTRVKLL
VSTDGYSRVEIRRFTSASEMVVDFSDGSVLRATDLNVSALQSAHIAEEARDLFSTSLSIGQLSYFDAKGLQIKNVAAGVD
NTDAVTVQQLNKIIADVVTTIPDSVADNIRGLWARVLGDIGITLVDGSFETGATITTRTQALWSISGRKCYTWAGALPKV
VPENSTPESTGGISETAWVDSSSKALGVLLAGPSGAERVGLKQGGTVQDAINWLTFDSFDIVKDGSKDVTADIMAACVVA
NDLGLDIKQNDGTYLVSGNPVWPVYNSLDLNGVTLKLAAGFTGYFALTQKDSTTVYGPTSPIVQAINAAGGRTAGSGVLE
GLVNSTELNGKFLFMEGADVLYYSRGTAKYWWTNTYLSNRGKLSDNLKYGVSAITKITAVTPRTKIVYYRLPNLDFGNGP
ANNGVIRVLNNTRFIMQGGSISNRPLKDVSKSPVIISLNYCAAFKAYDFFDPYPAFAVDSNNSLVYSYTLNFNDIADAVF
ENFNSQGYGWGVVGGQRSTNITYRDCNLNRVDMHNPYMGYLKVLDTRLGTWGINASGMGDMYLERVTVDLDDSAHGGHRE
HEGIINARGDFGGFHDGGLYIKDLTIVGEASAFEATSGHPVALVSAYSFNASLAYIPESSPVTPWGFKEVIVEGLHCPFK
RTGRRFNSIISAPSIQFTVYHPMRVKLEDCNFNSTAFEKFDLRGWRVTPYNPSKVGIANTLAFRPTNFVDVKDCSMVGLE
FTRPTSAYDYSNFDVNLVNVKNVEEHSLSPFTLYTNQCGRYNLVGCGLQQIVDKSMTSGERANRRSTFSVTGGTWNSLSG
NPTDITYGNGYDIPVVATGVMFVGPYSQTEVTGANLNVAEFVQASGCKFLSSGPTYIQPLLWSGAGGPTGASANFNVARG
NTLGLNISAVNGETSQVIAATLVIPQGFSTGPAAGTTYGFAVEKNINYQLGLNARSLKANVGLVRCSDTITGVYLNA
;
_entity_poly.pdbx_strand_id   A,B,C
#
# COMPACT_ATOMS: atom_id res chain seq x y z
N SER A 263 5.40 -49.78 63.95
CA SER A 263 4.91 -50.02 62.60
C SER A 263 4.85 -48.73 61.80
N LYS A 264 5.92 -47.96 61.84
CA LYS A 264 6.04 -46.71 61.11
C LYS A 264 7.40 -46.64 60.43
N ALA A 265 7.75 -47.70 59.71
CA ALA A 265 9.07 -47.79 59.09
C ALA A 265 9.26 -46.65 58.09
N LEU A 266 10.50 -46.17 58.00
CA LEU A 266 10.80 -45.05 57.11
C LEU A 266 10.55 -45.41 55.66
N GLY A 267 10.86 -46.64 55.26
CA GLY A 267 10.63 -47.04 53.89
C GLY A 267 9.17 -47.01 53.51
N VAL A 268 8.28 -47.39 54.44
CA VAL A 268 6.85 -47.36 54.17
C VAL A 268 6.35 -45.91 54.09
N LEU A 269 6.80 -45.07 55.01
CA LEU A 269 6.36 -43.68 55.01
C LEU A 269 6.82 -42.93 53.77
N LEU A 270 8.03 -43.25 53.29
CA LEU A 270 8.56 -42.57 52.11
C LEU A 270 7.73 -42.87 50.88
N ALA A 271 7.24 -44.10 50.75
CA ALA A 271 6.54 -44.51 49.55
C ALA A 271 5.08 -44.07 49.53
N GLY A 272 4.57 -43.50 50.61
CA GLY A 272 3.19 -43.06 50.67
C GLY A 272 3.02 -41.67 50.12
N PRO A 273 1.81 -41.12 50.27
CA PRO A 273 1.55 -39.76 49.78
C PRO A 273 2.40 -38.70 50.43
N SER A 274 2.77 -38.85 51.70
CA SER A 274 3.59 -37.85 52.39
C SER A 274 5.07 -38.20 52.33
N GLY A 275 5.58 -38.45 51.14
CA GLY A 275 6.97 -38.83 50.99
C GLY A 275 7.87 -37.68 50.59
N ALA A 276 7.44 -36.89 49.61
CA ALA A 276 8.25 -35.79 49.13
C ALA A 276 8.33 -34.64 50.12
N GLU A 277 7.47 -34.61 51.14
CA GLU A 277 7.55 -33.58 52.17
C GLU A 277 8.63 -33.87 53.20
N ARG A 278 9.24 -35.04 53.15
CA ARG A 278 10.28 -35.42 54.09
C ARG A 278 11.68 -35.34 53.49
N VAL A 279 11.81 -34.79 52.28
CA VAL A 279 13.10 -34.63 51.62
C VAL A 279 13.32 -33.14 51.39
N GLY A 280 14.43 -32.62 51.88
CA GLY A 280 14.73 -31.21 51.79
C GLY A 280 15.63 -30.86 50.62
N LEU A 281 15.49 -29.63 50.14
CA LEU A 281 16.28 -29.10 49.04
C LEU A 281 17.34 -28.14 49.57
N LYS A 282 18.45 -28.04 48.84
CA LYS A 282 19.55 -27.20 49.27
C LYS A 282 19.15 -25.72 49.28
N GLN A 283 18.39 -25.28 48.29
CA GLN A 283 17.99 -23.88 48.21
C GLN A 283 16.91 -23.52 49.21
N GLY A 284 16.26 -24.50 49.83
CA GLY A 284 15.19 -24.22 50.78
C GLY A 284 13.90 -24.91 50.42
N GLY A 285 13.16 -25.38 51.41
CA GLY A 285 11.92 -26.08 51.16
C GLY A 285 12.12 -27.56 50.98
N THR A 286 11.06 -28.20 50.49
CA THR A 286 11.07 -29.64 50.24
C THR A 286 10.84 -29.92 48.76
N VAL A 287 10.99 -31.20 48.41
CA VAL A 287 10.74 -31.63 47.04
C VAL A 287 9.27 -31.47 46.69
N GLN A 288 8.38 -31.69 47.66
CA GLN A 288 6.95 -31.58 47.39
C GLN A 288 6.55 -30.18 46.96
N ASP A 289 7.18 -29.15 47.55
CA ASP A 289 6.85 -27.79 47.17
C ASP A 289 7.27 -27.45 45.75
N ALA A 290 8.22 -28.18 45.18
CA ALA A 290 8.73 -27.83 43.86
C ALA A 290 7.88 -28.43 42.74
N ILE A 291 7.36 -29.63 42.92
CA ILE A 291 6.60 -30.33 41.89
C ILE A 291 5.12 -30.11 42.14
N ASN A 292 4.43 -29.55 41.14
CA ASN A 292 3.02 -29.23 41.29
C ASN A 292 2.21 -29.61 40.05
N TRP A 293 2.63 -30.66 39.36
CA TRP A 293 1.94 -31.09 38.15
C TRP A 293 1.77 -32.60 38.17
N LEU A 294 1.02 -33.11 37.20
CA LEU A 294 0.72 -34.53 37.07
C LEU A 294 1.15 -35.03 35.70
N THR A 295 1.43 -36.33 35.63
CA THR A 295 1.80 -36.99 34.38
C THR A 295 0.93 -38.21 34.19
N PHE A 296 0.98 -38.76 32.98
CA PHE A 296 0.31 -40.04 32.74
C PHE A 296 1.05 -41.18 33.42
N ASP A 297 2.37 -41.03 33.62
CA ASP A 297 3.15 -42.04 34.32
C ASP A 297 2.83 -42.09 35.80
N SER A 298 2.17 -41.06 36.34
CA SER A 298 1.76 -41.07 37.74
C SER A 298 0.66 -42.08 38.02
N PHE A 299 0.05 -42.65 36.98
CA PHE A 299 -1.00 -43.65 37.15
C PHE A 299 -0.64 -44.97 36.49
N ASP A 300 0.60 -45.13 36.05
CA ASP A 300 1.10 -46.38 35.45
C ASP A 300 0.29 -46.78 34.22
N ILE A 301 0.06 -45.82 33.34
CA ILE A 301 -0.68 -46.08 32.11
C ILE A 301 0.25 -46.75 31.10
N VAL A 302 -0.22 -47.86 30.53
CA VAL A 302 0.59 -48.61 29.57
C VAL A 302 0.79 -47.76 28.31
N LYS A 303 2.03 -47.56 27.92
CA LYS A 303 2.36 -46.62 26.85
C LYS A 303 3.21 -47.28 25.78
N ASP A 304 2.90 -48.53 25.45
CA ASP A 304 3.50 -49.18 24.29
C ASP A 304 2.47 -49.45 23.19
N GLY A 305 1.23 -49.03 23.39
CA GLY A 305 0.20 -49.24 22.39
C GLY A 305 -0.38 -50.64 22.33
N SER A 306 -0.20 -51.44 23.38
CA SER A 306 -0.66 -52.82 23.40
C SER A 306 -1.82 -53.04 24.35
N LYS A 307 -2.52 -51.97 24.75
CA LYS A 307 -3.62 -52.08 25.68
C LYS A 307 -4.49 -50.84 25.59
N ASP A 308 -5.80 -51.02 25.68
CA ASP A 308 -6.72 -49.90 25.65
C ASP A 308 -6.68 -49.17 26.99
N VAL A 309 -6.42 -47.87 26.95
CA VAL A 309 -6.20 -47.11 28.18
C VAL A 309 -7.17 -45.93 28.29
N THR A 310 -8.38 -46.10 27.76
CA THR A 310 -9.35 -45.01 27.77
C THR A 310 -9.79 -44.66 29.19
N ALA A 311 -10.12 -45.68 29.98
CA ALA A 311 -10.60 -45.44 31.34
C ALA A 311 -9.51 -44.85 32.23
N ASP A 312 -8.27 -45.29 32.03
CA ASP A 312 -7.16 -44.75 32.82
C ASP A 312 -6.97 -43.26 32.56
N ILE A 313 -7.02 -42.86 31.29
CA ILE A 313 -6.89 -41.45 30.96
C ILE A 313 -8.07 -40.66 31.54
N MET A 314 -9.27 -41.24 31.50
CA MET A 314 -10.42 -40.57 32.10
C MET A 314 -10.21 -40.35 33.60
N ALA A 315 -9.71 -41.37 34.30
CA ALA A 315 -9.48 -41.23 35.74
C ALA A 315 -8.41 -40.19 36.03
N ALA A 316 -7.34 -40.18 35.23
CA ALA A 316 -6.31 -39.17 35.42
C ALA A 316 -6.85 -37.76 35.22
N CYS A 317 -7.66 -37.56 34.19
CA CYS A 317 -8.26 -36.26 33.96
C CYS A 317 -9.17 -35.85 35.11
N VAL A 318 -9.94 -36.80 35.65
CA VAL A 318 -10.83 -36.49 36.76
C VAL A 318 -10.03 -36.04 37.97
N VAL A 319 -8.96 -36.76 38.30
CA VAL A 319 -8.14 -36.38 39.45
C VAL A 319 -7.51 -35.01 39.24
N ALA A 320 -6.97 -34.77 38.05
CA ALA A 320 -6.32 -33.48 37.79
C ALA A 320 -7.31 -32.33 37.88
N ASN A 321 -8.53 -32.52 37.37
CA ASN A 321 -9.54 -31.47 37.48
C ASN A 321 -9.93 -31.24 38.93
N ASP A 322 -10.05 -32.32 39.71
CA ASP A 322 -10.43 -32.17 41.11
C ASP A 322 -9.38 -31.41 41.90
N LEU A 323 -8.11 -31.67 41.64
CA LEU A 323 -7.04 -30.99 42.36
C LEU A 323 -6.62 -29.68 41.73
N GLY A 324 -7.10 -29.36 40.54
CA GLY A 324 -6.72 -28.14 39.85
C GLY A 324 -5.27 -28.07 39.40
N LEU A 325 -4.74 -29.16 38.83
CA LEU A 325 -3.35 -29.23 38.42
C LEU A 325 -3.24 -29.29 36.90
N ASP A 326 -2.01 -29.17 36.42
CA ASP A 326 -1.67 -29.32 35.01
C ASP A 326 -1.21 -30.75 34.73
N ILE A 327 -1.28 -31.13 33.46
CA ILE A 327 -0.90 -32.47 33.01
C ILE A 327 0.23 -32.34 32.00
N LYS A 328 1.29 -33.11 32.20
CA LYS A 328 2.44 -33.12 31.32
C LYS A 328 2.82 -34.55 30.96
N GLN A 329 3.13 -34.78 29.69
CA GLN A 329 3.57 -36.08 29.22
C GLN A 329 4.29 -35.88 27.89
N ASN A 330 5.51 -36.39 27.79
CA ASN A 330 6.36 -36.07 26.65
C ASN A 330 6.85 -37.31 25.90
N ASP A 331 6.26 -38.47 26.11
CA ASP A 331 6.63 -39.67 25.35
C ASP A 331 5.53 -40.70 25.51
N GLY A 332 5.59 -41.72 24.66
CA GLY A 332 4.69 -42.85 24.74
C GLY A 332 3.60 -42.81 23.68
N THR A 333 3.04 -43.98 23.41
CA THR A 333 1.92 -44.13 22.49
C THR A 333 0.79 -44.88 23.19
N TYR A 334 -0.43 -44.40 23.00
CA TYR A 334 -1.58 -44.90 23.74
C TYR A 334 -2.68 -45.29 22.78
N LEU A 335 -3.30 -46.44 23.04
CA LEU A 335 -4.38 -46.96 22.21
C LEU A 335 -5.71 -46.66 22.89
N VAL A 336 -6.61 -45.98 22.17
CA VAL A 336 -7.88 -45.54 22.73
C VAL A 336 -9.01 -45.94 21.80
N SER A 337 -10.20 -46.12 22.36
CA SER A 337 -11.37 -46.52 21.59
C SER A 337 -12.63 -46.09 22.34
N GLY A 338 -13.78 -46.37 21.75
CA GLY A 338 -15.05 -45.99 22.34
C GLY A 338 -15.41 -44.55 22.03
N ASN A 339 -16.22 -43.94 22.91
CA ASN A 339 -16.58 -42.53 22.80
C ASN A 339 -16.44 -41.85 24.16
N PRO A 340 -15.22 -41.70 24.66
CA PRO A 340 -15.02 -40.98 25.91
C PRO A 340 -15.13 -39.48 25.73
N VAL A 341 -15.37 -38.79 26.84
CA VAL A 341 -15.34 -37.33 26.89
C VAL A 341 -14.38 -36.97 28.02
N TRP A 342 -13.15 -36.62 27.66
CA TRP A 342 -12.12 -36.30 28.64
C TRP A 342 -12.19 -34.81 28.96
N PRO A 343 -12.58 -34.40 30.16
CA PRO A 343 -12.66 -32.97 30.46
C PRO A 343 -11.38 -32.43 31.08
N VAL A 344 -10.90 -31.28 30.60
CA VAL A 344 -9.69 -30.64 31.09
C VAL A 344 -10.01 -29.19 31.41
N TYR A 345 -9.70 -28.76 32.63
CA TYR A 345 -9.98 -27.40 33.07
C TYR A 345 -8.74 -26.52 33.16
N ASN A 346 -7.55 -27.07 32.91
CA ASN A 346 -6.30 -26.33 33.08
C ASN A 346 -5.39 -26.65 31.90
N SER A 347 -4.10 -26.32 32.05
CA SER A 347 -3.15 -26.52 30.97
C SER A 347 -2.96 -28.00 30.67
N LEU A 348 -2.62 -28.29 29.41
CA LEU A 348 -2.40 -29.65 28.93
C LEU A 348 -1.21 -29.65 27.99
N ASP A 349 -0.22 -30.51 28.29
CA ASP A 349 1.04 -30.56 27.54
C ASP A 349 1.29 -31.99 27.10
N LEU A 350 1.09 -32.26 25.82
CA LEU A 350 1.25 -33.61 25.28
C LEU A 350 2.19 -33.62 24.07
N ASN A 351 3.15 -32.70 24.04
CA ASN A 351 4.12 -32.66 22.95
C ASN A 351 5.03 -33.88 23.05
N GLY A 352 5.05 -34.70 22.00
CA GLY A 352 5.80 -35.93 21.98
C GLY A 352 4.99 -37.18 22.24
N VAL A 353 3.68 -37.07 22.34
CA VAL A 353 2.80 -38.19 22.64
C VAL A 353 2.00 -38.53 21.39
N THR A 354 1.86 -39.82 21.11
CA THR A 354 1.07 -40.31 19.99
C THR A 354 -0.17 -41.03 20.53
N LEU A 355 -1.32 -40.68 20.00
CA LEU A 355 -2.57 -41.38 20.30
C LEU A 355 -2.95 -42.22 19.10
N LYS A 356 -3.03 -43.53 19.29
CA LYS A 356 -3.43 -44.45 18.23
C LYS A 356 -4.92 -44.71 18.35
N LEU A 357 -5.70 -44.11 17.46
CA LEU A 357 -7.14 -44.23 17.50
C LEU A 357 -7.60 -45.53 16.86
N ALA A 358 -8.55 -46.21 17.52
CA ALA A 358 -9.15 -47.39 16.95
C ALA A 358 -10.10 -47.00 15.81
N ALA A 359 -10.54 -48.02 15.06
CA ALA A 359 -11.37 -47.74 13.89
C ALA A 359 -12.72 -47.16 14.27
N GLY A 360 -13.27 -47.53 15.42
CA GLY A 360 -14.56 -47.05 15.84
C GLY A 360 -14.53 -45.94 16.88
N PHE A 361 -13.39 -45.26 17.00
CA PHE A 361 -13.25 -44.21 18.00
C PHE A 361 -14.10 -43.01 17.64
N THR A 362 -14.86 -42.50 18.62
CA THR A 362 -15.67 -41.30 18.41
C THR A 362 -15.63 -40.34 19.59
N GLY A 363 -14.63 -40.45 20.48
CA GLY A 363 -14.51 -39.57 21.62
C GLY A 363 -13.71 -38.32 21.31
N TYR A 364 -13.47 -37.54 22.36
CA TYR A 364 -12.72 -36.31 22.18
C TYR A 364 -12.22 -35.79 23.53
N PHE A 365 -11.18 -34.95 23.45
CA PHE A 365 -10.76 -34.12 24.57
C PHE A 365 -11.66 -32.89 24.64
N ALA A 366 -12.12 -32.55 25.83
CA ALA A 366 -13.00 -31.40 26.03
C ALA A 366 -12.26 -30.33 26.83
N LEU A 367 -11.58 -29.43 26.13
CA LEU A 367 -10.84 -28.34 26.76
C LEU A 367 -11.81 -27.19 27.01
N THR A 368 -12.08 -26.88 28.26
CA THR A 368 -13.11 -25.92 28.60
C THR A 368 -12.70 -25.13 29.83
N GLN A 369 -13.52 -24.16 30.19
CA GLN A 369 -13.30 -23.29 31.34
C GLN A 369 -14.43 -23.49 32.33
N LYS A 370 -14.09 -23.59 33.61
CA LYS A 370 -15.06 -23.98 34.63
C LYS A 370 -16.04 -22.86 34.93
N ASP A 371 -17.34 -23.16 34.83
CA ASP A 371 -18.47 -22.27 35.10
C ASP A 371 -18.20 -20.83 34.65
N SER A 372 -17.93 -20.68 33.37
CA SER A 372 -17.65 -19.39 32.78
C SER A 372 -18.83 -18.79 32.01
N THR A 373 -19.96 -19.47 31.97
CA THR A 373 -21.05 -19.09 31.08
C THR A 373 -22.36 -18.97 31.83
N THR A 374 -23.14 -17.95 31.47
CA THR A 374 -24.52 -17.79 31.91
C THR A 374 -25.39 -17.49 30.70
N VAL A 375 -26.58 -18.10 30.66
CA VAL A 375 -27.50 -17.94 29.55
C VAL A 375 -28.75 -17.23 30.05
N TYR A 376 -29.15 -16.18 29.34
CA TYR A 376 -30.33 -15.39 29.68
C TYR A 376 -31.38 -15.60 28.60
N GLY A 377 -32.57 -16.03 29.00
CA GLY A 377 -33.63 -16.32 28.07
C GLY A 377 -34.54 -15.14 27.83
N PRO A 378 -35.57 -15.33 26.99
CA PRO A 378 -36.47 -14.21 26.66
C PRO A 378 -37.26 -13.68 27.84
N THR A 379 -37.50 -14.49 28.86
CA THR A 379 -38.24 -14.03 30.03
C THR A 379 -37.34 -13.52 31.13
N SER A 380 -36.04 -13.48 30.92
CA SER A 380 -35.12 -12.98 31.92
C SER A 380 -35.29 -11.47 32.10
N PRO A 381 -35.10 -10.97 33.32
CA PRO A 381 -35.21 -9.52 33.54
C PRO A 381 -34.24 -8.70 32.72
N ILE A 382 -33.04 -9.21 32.46
CA ILE A 382 -32.06 -8.48 31.67
C ILE A 382 -32.56 -8.28 30.24
N VAL A 383 -33.11 -9.34 29.64
CA VAL A 383 -33.57 -9.25 28.26
C VAL A 383 -34.77 -8.32 28.16
N GLN A 384 -35.69 -8.39 29.12
CA GLN A 384 -36.83 -7.49 29.12
C GLN A 384 -36.39 -6.04 29.28
N ALA A 385 -35.42 -5.80 30.18
CA ALA A 385 -34.91 -4.44 30.35
C ALA A 385 -34.28 -3.93 29.06
N ILE A 386 -33.53 -4.78 28.37
CA ILE A 386 -32.94 -4.37 27.09
C ILE A 386 -34.03 -4.04 26.08
N ASN A 387 -35.05 -4.90 25.99
CA ASN A 387 -36.09 -4.72 24.99
C ASN A 387 -37.00 -3.55 25.29
N ALA A 388 -37.03 -3.06 26.52
CA ALA A 388 -37.91 -1.95 26.88
C ALA A 388 -37.28 -0.58 26.64
N ALA A 389 -36.03 -0.51 26.23
CA ALA A 389 -35.34 0.75 26.02
C ALA A 389 -34.84 0.83 24.57
N GLY A 390 -34.13 1.92 24.27
CA GLY A 390 -33.64 2.17 22.94
C GLY A 390 -32.21 1.70 22.73
N GLY A 391 -31.60 2.20 21.66
CA GLY A 391 -30.25 1.83 21.32
C GLY A 391 -30.10 0.59 20.47
N ARG A 392 -31.19 0.09 19.89
CA ARG A 392 -31.16 -1.12 19.08
C ARG A 392 -31.24 -0.83 17.58
N THR A 393 -30.60 0.24 17.12
CA THR A 393 -30.64 0.64 15.73
C THR A 393 -29.31 0.34 15.04
N ALA A 394 -29.30 0.52 13.72
CA ALA A 394 -28.10 0.25 12.93
C ALA A 394 -27.01 1.26 13.28
N GLY A 395 -25.81 0.76 13.51
CA GLY A 395 -24.69 1.61 13.88
C GLY A 395 -24.60 1.95 15.35
N SER A 396 -25.49 1.43 16.18
CA SER A 396 -25.49 1.76 17.60
C SER A 396 -24.31 1.11 18.31
N GLY A 397 -23.80 1.79 19.32
CA GLY A 397 -22.69 1.28 20.10
C GLY A 397 -22.98 1.16 21.57
N VAL A 398 -24.20 1.50 21.99
CA VAL A 398 -24.60 1.46 23.39
C VAL A 398 -26.02 0.90 23.48
N LEU A 399 -26.22 -0.05 24.39
CA LEU A 399 -27.57 -0.52 24.73
C LEU A 399 -28.09 0.28 25.91
N GLU A 400 -29.17 1.02 25.69
CA GLU A 400 -29.64 1.98 26.70
C GLU A 400 -30.28 1.30 27.90
N GLY A 401 -30.68 0.04 27.78
CA GLY A 401 -31.26 -0.64 28.91
C GLY A 401 -30.28 -1.15 29.93
N LEU A 402 -28.99 -1.00 29.68
CA LEU A 402 -27.95 -1.50 30.59
C LEU A 402 -27.04 -0.38 31.11
N VAL A 403 -27.40 0.87 30.90
CA VAL A 403 -26.53 1.97 31.31
C VAL A 403 -26.39 2.00 32.83
N ASN A 404 -27.45 1.66 33.56
CA ASN A 404 -27.43 1.66 35.01
C ASN A 404 -27.42 0.24 35.58
N SER A 405 -26.84 -0.71 34.84
CA SER A 405 -26.73 -2.08 35.27
C SER A 405 -25.27 -2.52 35.23
N THR A 406 -24.90 -3.40 36.17
CA THR A 406 -23.55 -3.94 36.23
C THR A 406 -23.53 -5.45 36.06
N GLU A 407 -24.60 -6.05 35.56
CA GLU A 407 -24.69 -7.50 35.50
C GLU A 407 -23.75 -8.08 34.46
N LEU A 408 -23.69 -7.47 33.27
CA LEU A 408 -22.94 -8.02 32.14
C LEU A 408 -21.61 -7.32 31.92
N ASN A 409 -21.10 -6.61 32.92
CA ASN A 409 -19.87 -5.87 32.76
C ASN A 409 -18.69 -6.81 32.54
N GLY A 410 -17.85 -6.48 31.57
CA GLY A 410 -16.63 -7.23 31.31
C GLY A 410 -16.80 -8.65 30.80
N LYS A 411 -17.70 -8.86 29.85
CA LYS A 411 -17.98 -10.19 29.34
C LYS A 411 -18.16 -10.15 27.83
N PHE A 412 -17.93 -11.31 27.21
CA PHE A 412 -18.22 -11.49 25.79
C PHE A 412 -19.67 -11.93 25.62
N LEU A 413 -20.38 -11.28 24.71
CA LEU A 413 -21.81 -11.51 24.53
C LEU A 413 -22.07 -12.12 23.16
N PHE A 414 -22.84 -13.20 23.15
CA PHE A 414 -23.31 -13.84 21.92
C PHE A 414 -24.82 -13.79 21.94
N MET A 415 -25.42 -12.93 21.11
CA MET A 415 -26.82 -12.57 21.21
C MET A 415 -27.58 -13.00 19.96
N GLU A 416 -28.87 -13.30 20.14
CA GLU A 416 -29.74 -13.71 19.05
C GLU A 416 -31.00 -12.87 19.06
N GLY A 417 -31.54 -12.60 17.87
CA GLY A 417 -32.70 -11.76 17.72
C GLY A 417 -33.89 -12.44 17.09
N ALA A 418 -34.91 -11.65 16.73
CA ALA A 418 -36.17 -12.20 16.25
C ALA A 418 -36.47 -11.87 14.79
N ASP A 419 -35.63 -11.09 14.12
CA ASP A 419 -35.87 -10.73 12.73
C ASP A 419 -35.13 -11.66 11.79
N VAL A 420 -35.75 -11.97 10.66
CA VAL A 420 -35.16 -12.84 9.65
C VAL A 420 -34.28 -12.00 8.74
N LEU A 421 -33.04 -12.47 8.52
CA LEU A 421 -32.07 -11.76 7.70
C LEU A 421 -31.91 -12.34 6.30
N TYR A 422 -31.86 -13.66 6.16
CA TYR A 422 -31.69 -14.30 4.87
C TYR A 422 -32.20 -15.73 4.98
N TYR A 423 -32.20 -16.43 3.85
CA TYR A 423 -32.63 -17.81 3.75
C TYR A 423 -31.47 -18.67 3.25
N SER A 424 -31.38 -19.89 3.77
CA SER A 424 -30.35 -20.83 3.33
C SER A 424 -30.96 -22.22 3.31
N ARG A 425 -31.02 -22.82 2.12
CA ARG A 425 -31.62 -24.14 1.91
C ARG A 425 -33.06 -24.19 2.41
N GLY A 426 -33.78 -23.07 2.27
CA GLY A 426 -35.16 -23.00 2.69
C GLY A 426 -35.37 -22.75 4.16
N THR A 427 -34.32 -22.54 4.93
CA THR A 427 -34.40 -22.29 6.36
C THR A 427 -34.11 -20.82 6.63
N ALA A 428 -34.97 -20.20 7.43
CA ALA A 428 -34.78 -18.80 7.79
C ALA A 428 -33.70 -18.66 8.86
N LYS A 429 -32.86 -17.66 8.71
CA LYS A 429 -31.80 -17.34 9.65
C LYS A 429 -32.08 -16.00 10.30
N TYR A 430 -31.76 -15.88 11.58
CA TYR A 430 -32.20 -14.76 12.38
C TYR A 430 -31.05 -13.82 12.72
N TRP A 431 -31.41 -12.67 13.27
CA TRP A 431 -30.46 -11.65 13.66
C TRP A 431 -29.51 -12.16 14.74
N TRP A 432 -28.26 -11.71 14.68
CA TRP A 432 -27.25 -12.13 15.64
C TRP A 432 -26.17 -11.07 15.71
N THR A 433 -25.39 -11.11 16.79
CA THR A 433 -24.22 -10.27 16.92
C THR A 433 -23.31 -10.83 18.01
N ASN A 434 -22.01 -10.71 17.80
CA ASN A 434 -20.99 -11.11 18.78
C ASN A 434 -20.17 -9.88 19.12
N THR A 435 -20.05 -9.57 20.41
CA THR A 435 -19.37 -8.36 20.81
C THR A 435 -18.90 -8.52 22.25
N TYR A 436 -18.17 -7.52 22.73
CA TYR A 436 -17.66 -7.45 24.09
C TYR A 436 -18.26 -6.23 24.77
N LEU A 437 -18.71 -6.39 26.01
CA LEU A 437 -19.30 -5.30 26.79
C LEU A 437 -18.36 -4.94 27.93
N SER A 438 -17.92 -3.68 27.96
CA SER A 438 -17.02 -3.25 29.03
C SER A 438 -17.80 -2.84 30.28
N ASN A 439 -18.58 -1.76 30.19
CA ASN A 439 -19.46 -1.36 31.28
C ASN A 439 -20.42 -0.30 30.77
N ARG A 440 -21.43 -0.02 31.59
CA ARG A 440 -22.52 0.92 31.30
C ARG A 440 -22.95 0.88 29.83
N GLY A 441 -23.18 -0.34 29.35
CA GLY A 441 -23.85 -0.56 28.08
C GLY A 441 -23.00 -0.40 26.83
N LYS A 442 -21.72 -0.09 26.96
CA LYS A 442 -20.89 0.19 25.80
C LYS A 442 -20.43 -1.10 25.14
N LEU A 443 -20.64 -1.20 23.84
CA LEU A 443 -20.24 -2.36 23.06
C LEU A 443 -18.97 -2.06 22.28
N SER A 444 -18.11 -3.07 22.14
CA SER A 444 -16.86 -2.87 21.40
C SER A 444 -17.11 -2.82 19.90
N ASP A 445 -18.02 -3.64 19.39
CA ASP A 445 -18.36 -3.67 17.98
C ASP A 445 -19.80 -3.19 17.79
N ASN A 446 -19.98 -2.21 16.91
CA ASN A 446 -21.30 -1.63 16.70
C ASN A 446 -22.21 -2.60 15.99
N LEU A 447 -23.52 -2.43 16.22
CA LEU A 447 -24.51 -3.24 15.52
C LEU A 447 -24.58 -2.83 14.06
N LYS A 448 -24.49 -3.79 13.16
CA LYS A 448 -24.65 -3.47 11.75
C LYS A 448 -26.11 -3.24 11.37
N TYR A 449 -27.01 -4.03 11.92
CA TYR A 449 -28.43 -3.92 11.62
C TYR A 449 -29.22 -3.76 12.91
N GLY A 450 -30.33 -3.04 12.83
CA GLY A 450 -31.22 -2.94 13.95
C GLY A 450 -32.06 -4.18 14.15
N VAL A 451 -32.59 -4.34 15.35
CA VAL A 451 -33.38 -5.51 15.71
C VAL A 451 -34.56 -5.06 16.56
N SER A 452 -35.72 -5.67 16.33
CA SER A 452 -36.93 -5.31 17.06
C SER A 452 -36.91 -5.86 18.48
N ALA A 453 -36.46 -7.09 18.67
CA ALA A 453 -36.45 -7.70 19.99
C ALA A 453 -35.32 -8.71 20.07
N ILE A 454 -34.78 -8.86 21.28
CA ILE A 454 -33.67 -9.77 21.55
C ILE A 454 -34.22 -10.97 22.31
N THR A 455 -33.81 -12.17 21.91
CA THR A 455 -34.39 -13.39 22.44
C THR A 455 -33.43 -14.23 23.28
N LYS A 456 -32.12 -14.02 23.16
CA LYS A 456 -31.18 -14.84 23.92
C LYS A 456 -29.85 -14.11 24.03
N ILE A 457 -29.18 -14.28 25.17
CA ILE A 457 -27.84 -13.76 25.39
C ILE A 457 -27.02 -14.83 26.09
N THR A 458 -25.84 -15.13 25.55
CA THR A 458 -24.88 -16.02 26.18
C THR A 458 -23.65 -15.20 26.54
N ALA A 459 -23.28 -15.20 27.83
CA ALA A 459 -22.21 -14.36 28.33
C ALA A 459 -21.09 -15.22 28.88
N VAL A 460 -19.86 -14.92 28.47
CA VAL A 460 -18.67 -15.68 28.86
C VAL A 460 -17.70 -14.74 29.57
N THR A 461 -17.22 -15.16 30.74
CA THR A 461 -16.30 -14.37 31.56
C THR A 461 -14.85 -14.71 31.24
N PRO A 462 -14.01 -13.72 30.96
CA PRO A 462 -12.60 -14.02 30.67
C PRO A 462 -11.86 -14.60 31.86
N ARG A 463 -10.86 -15.41 31.56
CA ARG A 463 -10.00 -16.02 32.58
C ARG A 463 -9.15 -14.96 33.28
N THR A 464 -8.80 -15.24 34.52
CA THR A 464 -7.80 -14.45 35.24
C THR A 464 -6.41 -15.05 35.12
N LYS A 465 -6.15 -15.80 34.05
CA LYS A 465 -4.94 -16.58 33.88
C LYS A 465 -4.89 -17.03 32.43
N ILE A 466 -3.70 -17.35 31.95
CA ILE A 466 -3.49 -17.87 30.61
C ILE A 466 -3.19 -19.36 30.71
N VAL A 467 -3.90 -20.16 29.93
CA VAL A 467 -3.65 -21.61 29.88
C VAL A 467 -3.04 -21.93 28.53
N TYR A 468 -2.21 -22.97 28.52
CA TYR A 468 -1.47 -23.39 27.34
C TYR A 468 -1.87 -24.81 26.97
N TYR A 469 -2.06 -25.05 25.68
CA TYR A 469 -2.36 -26.37 25.15
C TYR A 469 -1.29 -26.76 24.14
N ARG A 470 -0.65 -27.89 24.36
CA ARG A 470 0.32 -28.44 23.41
C ARG A 470 -0.23 -29.77 22.92
N LEU A 471 -0.70 -29.77 21.68
CA LEU A 471 -1.47 -30.89 21.15
C LEU A 471 -0.57 -32.07 20.82
N PRO A 472 -1.08 -33.28 20.92
CA PRO A 472 -0.29 -34.47 20.61
C PRO A 472 -0.28 -34.75 19.11
N ASN A 473 0.35 -35.86 18.75
CA ASN A 473 0.31 -36.39 17.39
C ASN A 473 -0.78 -37.45 17.33
N LEU A 474 -1.64 -37.36 16.32
CA LEU A 474 -2.76 -38.28 16.15
C LEU A 474 -2.45 -39.24 15.02
N ASP A 475 -2.51 -40.53 15.30
CA ASP A 475 -2.26 -41.57 14.30
C ASP A 475 -3.58 -42.02 13.71
N PHE A 476 -3.74 -41.83 12.40
CA PHE A 476 -4.99 -42.13 11.70
C PHE A 476 -4.87 -43.37 10.83
N GLY A 477 -4.06 -44.35 11.26
CA GLY A 477 -3.84 -45.53 10.44
C GLY A 477 -5.09 -46.33 10.17
N ASN A 478 -5.97 -46.45 11.17
CA ASN A 478 -7.19 -47.21 11.03
C ASN A 478 -8.34 -46.41 10.42
N GLY A 479 -8.18 -45.10 10.27
CA GLY A 479 -9.17 -44.27 9.63
C GLY A 479 -10.46 -44.08 10.39
N PRO A 480 -10.42 -43.38 11.51
CA PRO A 480 -11.65 -42.97 12.18
C PRO A 480 -12.27 -41.74 11.53
N ALA A 481 -13.54 -41.49 11.85
CA ALA A 481 -14.31 -40.44 11.21
C ALA A 481 -15.13 -39.65 12.23
N ASN A 482 -14.48 -39.19 13.30
CA ASN A 482 -15.16 -38.45 14.34
C ASN A 482 -15.58 -37.05 13.85
N ASN A 483 -16.44 -36.41 14.63
CA ASN A 483 -16.82 -35.02 14.43
C ASN A 483 -15.97 -34.07 15.27
N GLY A 484 -14.66 -34.23 15.22
CA GLY A 484 -13.77 -33.44 16.04
C GLY A 484 -13.13 -34.23 17.18
N VAL A 485 -11.81 -34.36 17.15
CA VAL A 485 -11.10 -35.06 18.21
C VAL A 485 -10.66 -34.12 19.32
N ILE A 486 -10.34 -32.88 18.99
CA ILE A 486 -10.03 -31.86 19.99
C ILE A 486 -11.14 -30.82 19.91
N ARG A 487 -11.84 -30.62 21.03
CA ARG A 487 -12.95 -29.69 21.08
C ARG A 487 -12.73 -28.68 22.19
N VAL A 488 -12.86 -27.40 21.86
CA VAL A 488 -12.75 -26.30 22.81
C VAL A 488 -14.12 -25.63 22.90
N LEU A 489 -14.63 -25.47 24.12
CA LEU A 489 -15.95 -24.89 24.33
C LEU A 489 -15.93 -23.95 25.51
N ASN A 490 -16.60 -22.80 25.36
CA ASN A 490 -16.77 -21.80 26.40
C ASN A 490 -15.45 -21.45 27.08
N ASN A 491 -14.49 -21.03 26.25
CA ASN A 491 -13.12 -20.84 26.69
C ASN A 491 -12.64 -19.46 26.29
N THR A 492 -11.73 -18.91 27.09
CA THR A 492 -11.11 -17.63 26.79
C THR A 492 -9.64 -17.68 27.19
N ARG A 493 -8.84 -16.85 26.52
CA ARG A 493 -7.46 -16.59 26.91
C ARG A 493 -6.63 -17.88 27.00
N PHE A 494 -6.50 -18.55 25.86
CA PHE A 494 -5.69 -19.74 25.77
C PHE A 494 -4.80 -19.66 24.52
N ILE A 495 -3.70 -20.41 24.55
CA ILE A 495 -2.76 -20.48 23.44
C ILE A 495 -2.58 -21.93 23.07
N MET A 496 -2.86 -22.26 21.81
CA MET A 496 -2.72 -23.62 21.28
C MET A 496 -1.51 -23.67 20.36
N GLN A 497 -0.66 -24.67 20.54
CA GLN A 497 0.53 -24.83 19.71
C GLN A 497 0.79 -26.30 19.44
N GLY A 498 1.40 -26.57 18.30
CA GLY A 498 1.76 -27.91 17.94
C GLY A 498 0.58 -28.72 17.40
N GLY A 499 0.80 -30.02 17.33
CA GLY A 499 -0.20 -30.95 16.84
C GLY A 499 0.10 -31.38 15.41
N SER A 500 -0.26 -32.62 15.10
CA SER A 500 0.01 -33.17 13.78
C SER A 500 -0.85 -34.40 13.55
N ILE A 501 -0.86 -34.86 12.30
CA ILE A 501 -1.56 -36.06 11.88
C ILE A 501 -0.54 -36.96 11.18
N SER A 502 -0.62 -38.26 11.45
CA SER A 502 0.27 -39.22 10.84
C SER A 502 -0.51 -40.40 10.28
N ASN A 503 0.01 -40.97 9.19
CA ASN A 503 -0.56 -42.16 8.56
C ASN A 503 -2.01 -41.93 8.12
N ARG A 504 -2.28 -40.77 7.58
CA ARG A 504 -3.61 -40.48 7.05
C ARG A 504 -3.84 -41.31 5.79
N PRO A 505 -4.95 -42.03 5.69
CA PRO A 505 -5.22 -42.81 4.48
C PRO A 505 -5.42 -41.93 3.26
N LEU A 506 -5.10 -42.47 2.09
CA LEU A 506 -5.19 -41.69 0.86
C LEU A 506 -6.63 -41.42 0.45
N LYS A 507 -7.56 -42.34 0.76
CA LYS A 507 -8.97 -42.16 0.45
C LYS A 507 -9.81 -42.47 1.68
N ASP A 508 -10.99 -41.83 1.74
CA ASP A 508 -11.85 -41.84 2.92
C ASP A 508 -13.30 -42.10 2.53
N VAL A 509 -13.53 -43.19 1.79
CA VAL A 509 -14.85 -43.51 1.24
C VAL A 509 -15.95 -43.44 2.29
N SER A 510 -16.93 -42.57 2.06
CA SER A 510 -18.14 -42.45 2.89
C SER A 510 -17.81 -42.07 4.33
N LYS A 511 -16.94 -41.08 4.50
CA LYS A 511 -16.58 -40.58 5.82
C LYS A 511 -16.32 -39.09 5.71
N SER A 512 -16.38 -38.41 6.86
CA SER A 512 -16.11 -36.98 6.93
C SER A 512 -15.38 -36.67 8.24
N PRO A 513 -14.08 -36.91 8.29
CA PRO A 513 -13.33 -36.65 9.52
C PRO A 513 -13.17 -35.16 9.78
N VAL A 514 -13.20 -34.79 11.05
CA VAL A 514 -12.91 -33.44 11.53
C VAL A 514 -11.90 -33.55 12.67
N ILE A 515 -10.92 -32.66 12.67
CA ILE A 515 -9.82 -32.77 13.63
C ILE A 515 -10.03 -31.85 14.82
N ILE A 516 -10.16 -30.55 14.58
CA ILE A 516 -10.27 -29.55 15.63
C ILE A 516 -11.57 -28.78 15.45
N SER A 517 -12.33 -28.61 16.53
CA SER A 517 -13.54 -27.82 16.51
C SER A 517 -13.55 -26.86 17.69
N LEU A 518 -14.14 -25.69 17.49
CA LEU A 518 -14.23 -24.66 18.52
C LEU A 518 -15.67 -24.14 18.59
N ASN A 519 -16.03 -23.63 19.77
CA ASN A 519 -17.42 -23.23 20.01
C ASN A 519 -17.45 -22.28 21.19
N TYR A 520 -17.91 -21.04 20.96
CA TYR A 520 -18.06 -20.02 22.00
C TYR A 520 -16.73 -19.71 22.69
N CYS A 521 -15.76 -19.33 21.86
CA CYS A 521 -14.41 -19.02 22.33
C CYS A 521 -14.05 -17.59 21.96
N ALA A 522 -13.14 -17.00 22.71
CA ALA A 522 -12.77 -15.61 22.45
C ALA A 522 -11.37 -15.34 22.97
N ALA A 523 -10.67 -14.44 22.27
CA ALA A 523 -9.37 -13.90 22.69
C ALA A 523 -8.34 -15.01 22.87
N PHE A 524 -8.00 -15.67 21.76
CA PHE A 524 -7.04 -16.77 21.78
C PHE A 524 -6.16 -16.70 20.54
N LYS A 525 -5.19 -17.60 20.48
CA LYS A 525 -4.35 -17.75 19.30
C LYS A 525 -3.92 -19.20 19.16
N ALA A 526 -3.69 -19.62 17.92
CA ALA A 526 -3.30 -20.99 17.61
C ALA A 526 -2.10 -20.99 16.68
N TYR A 527 -1.14 -21.87 16.95
CA TYR A 527 0.15 -21.87 16.26
C TYR A 527 0.53 -23.26 15.79
N ASP A 528 1.21 -23.30 14.65
CA ASP A 528 2.09 -24.40 14.25
C ASP A 528 1.40 -25.77 14.27
N PHE A 529 0.24 -25.86 13.65
CA PHE A 529 -0.36 -27.15 13.38
C PHE A 529 0.10 -27.63 12.01
N PHE A 530 0.64 -28.85 11.95
CA PHE A 530 1.17 -29.39 10.71
C PHE A 530 0.35 -30.59 10.26
N ASP A 531 -0.15 -30.55 9.05
CA ASP A 531 -0.86 -31.66 8.43
C ASP A 531 -0.18 -31.98 7.11
N PRO A 532 0.43 -33.16 6.96
CA PRO A 532 1.16 -33.45 5.72
C PRO A 532 0.33 -33.34 4.46
N TYR A 533 -0.93 -33.76 4.48
CA TYR A 533 -1.83 -33.54 3.36
C TYR A 533 -3.26 -33.64 3.85
N PRO A 534 -4.19 -32.90 3.24
CA PRO A 534 -5.58 -32.94 3.70
C PRO A 534 -6.25 -34.26 3.35
N ALA A 535 -7.42 -34.46 3.95
CA ALA A 535 -8.22 -35.65 3.69
C ALA A 535 -8.87 -35.57 2.31
N PHE A 536 -8.97 -36.73 1.67
CA PHE A 536 -9.60 -36.88 0.36
C PHE A 536 -10.76 -37.86 0.53
N ALA A 537 -11.94 -37.33 0.82
CA ALA A 537 -13.12 -38.14 1.12
C ALA A 537 -14.09 -38.10 -0.04
N VAL A 538 -14.68 -39.26 -0.35
CA VAL A 538 -15.61 -39.41 -1.46
C VAL A 538 -16.85 -40.14 -0.97
N ASP A 539 -17.76 -40.41 -1.89
CA ASP A 539 -18.98 -41.15 -1.62
C ASP A 539 -19.06 -42.37 -2.54
N SER A 540 -20.22 -43.02 -2.56
CA SER A 540 -20.40 -44.22 -3.37
C SER A 540 -20.21 -43.96 -4.86
N ASN A 541 -20.41 -42.73 -5.32
CA ASN A 541 -20.26 -42.38 -6.72
C ASN A 541 -18.90 -41.77 -7.02
N ASN A 542 -17.95 -41.87 -6.09
CA ASN A 542 -16.59 -41.37 -6.28
C ASN A 542 -16.55 -39.86 -6.50
N SER A 543 -17.37 -39.13 -5.75
CA SER A 543 -17.40 -37.68 -5.81
C SER A 543 -17.08 -37.10 -4.45
N LEU A 544 -16.44 -35.93 -4.47
CA LEU A 544 -15.89 -35.33 -3.25
C LEU A 544 -17.00 -34.94 -2.27
N VAL A 545 -16.72 -35.12 -0.98
CA VAL A 545 -17.60 -34.71 0.10
C VAL A 545 -16.80 -33.94 1.13
N TYR A 546 -17.50 -33.26 2.03
CA TYR A 546 -16.87 -32.33 2.95
C TYR A 546 -16.05 -33.05 4.01
N SER A 547 -14.97 -32.40 4.43
CA SER A 547 -14.09 -32.85 5.50
C SER A 547 -13.21 -31.67 5.90
N TYR A 548 -13.05 -31.46 7.20
CA TYR A 548 -12.38 -30.27 7.70
C TYR A 548 -11.22 -30.65 8.62
N THR A 549 -10.16 -29.85 8.56
CA THR A 549 -9.12 -29.91 9.57
C THR A 549 -9.42 -28.97 10.73
N LEU A 550 -9.99 -27.81 10.45
CA LEU A 550 -10.40 -26.85 11.47
C LEU A 550 -11.84 -26.44 11.22
N ASN A 551 -12.66 -26.49 12.27
CA ASN A 551 -14.06 -26.13 12.20
C ASN A 551 -14.39 -25.26 13.40
N PHE A 552 -15.15 -24.18 13.19
CA PHE A 552 -15.51 -23.34 14.31
C PHE A 552 -16.82 -22.63 14.05
N ASN A 553 -17.46 -22.20 15.14
CA ASN A 553 -18.61 -21.32 15.07
C ASN A 553 -18.72 -20.54 16.37
N ASP A 554 -19.15 -19.28 16.26
CA ASP A 554 -19.32 -18.38 17.39
C ASP A 554 -18.00 -18.15 18.13
N ILE A 555 -17.05 -17.52 17.44
CA ILE A 555 -15.78 -17.12 18.04
C ILE A 555 -15.56 -15.65 17.78
N ALA A 556 -14.68 -15.05 18.57
CA ALA A 556 -14.37 -13.62 18.43
C ALA A 556 -12.93 -13.36 18.81
N ASP A 557 -12.28 -12.47 18.05
CA ASP A 557 -10.90 -12.03 18.30
C ASP A 557 -9.93 -13.22 18.30
N ALA A 558 -9.82 -13.85 17.14
CA ALA A 558 -9.00 -15.05 16.97
C ALA A 558 -7.88 -14.78 15.99
N VAL A 559 -6.69 -15.32 16.28
CA VAL A 559 -5.55 -15.25 15.39
C VAL A 559 -5.07 -16.67 15.12
N PHE A 560 -4.93 -17.01 13.85
CA PHE A 560 -4.37 -18.29 13.43
C PHE A 560 -3.07 -18.02 12.68
N GLU A 561 -1.98 -18.64 13.12
CA GLU A 561 -0.67 -18.41 12.55
C GLU A 561 0.04 -19.72 12.25
N ASN A 562 0.67 -19.79 11.08
CA ASN A 562 1.55 -20.89 10.72
C ASN A 562 0.83 -22.24 10.74
N PHE A 563 -0.30 -22.29 10.05
CA PHE A 563 -1.05 -23.54 9.86
C PHE A 563 -0.67 -24.15 8.52
N ASN A 564 -0.45 -25.46 8.51
CA ASN A 564 0.03 -26.16 7.33
C ASN A 564 -0.95 -27.27 6.97
N SER A 565 -1.74 -27.07 5.92
CA SER A 565 -2.57 -28.14 5.36
C SER A 565 -2.84 -27.79 3.90
N GLN A 566 -2.06 -28.38 3.00
CA GLN A 566 -2.06 -27.99 1.60
C GLN A 566 -2.05 -29.22 0.71
N GLY A 567 -2.91 -29.24 -0.31
CA GLY A 567 -2.94 -30.34 -1.25
C GLY A 567 -4.33 -30.52 -1.82
N TYR A 568 -4.59 -31.75 -2.28
CA TYR A 568 -5.86 -32.11 -2.88
C TYR A 568 -6.90 -32.43 -1.82
N GLY A 569 -8.17 -32.24 -2.17
CA GLY A 569 -9.28 -32.59 -1.31
C GLY A 569 -10.17 -31.40 -1.01
N TRP A 570 -11.15 -31.65 -0.16
CA TRP A 570 -12.07 -30.60 0.26
C TRP A 570 -11.33 -29.54 1.08
N GLY A 571 -11.87 -28.32 1.05
CA GLY A 571 -11.26 -27.24 1.79
C GLY A 571 -11.18 -27.55 3.28
N VAL A 572 -10.06 -27.17 3.89
CA VAL A 572 -9.73 -27.62 5.23
C VAL A 572 -10.21 -26.70 6.35
N VAL A 573 -10.89 -25.60 6.01
CA VAL A 573 -11.39 -24.68 7.02
C VAL A 573 -12.88 -24.45 6.77
N GLY A 574 -13.68 -24.60 7.82
CA GLY A 574 -15.07 -24.21 7.77
C GLY A 574 -15.47 -23.40 8.99
N GLY A 575 -15.89 -22.16 8.79
CA GLY A 575 -16.22 -21.29 9.90
C GLY A 575 -17.61 -20.71 9.76
N GLN A 576 -18.15 -20.23 10.88
CA GLN A 576 -19.52 -19.72 10.94
C GLN A 576 -19.67 -18.70 12.05
N ARG A 577 -20.35 -17.58 11.73
CA ARG A 577 -20.83 -16.60 12.70
C ARG A 577 -19.74 -16.15 13.68
N SER A 578 -18.73 -15.49 13.13
CA SER A 578 -17.58 -15.08 13.92
C SER A 578 -17.32 -13.59 13.72
N THR A 579 -16.37 -13.07 14.50
CA THR A 579 -16.03 -11.65 14.48
C THR A 579 -14.53 -11.48 14.61
N ASN A 580 -13.94 -10.66 13.73
CA ASN A 580 -12.54 -10.24 13.82
C ASN A 580 -11.57 -11.43 13.79
N ILE A 581 -11.54 -12.09 12.63
CA ILE A 581 -10.68 -13.25 12.40
C ILE A 581 -9.44 -12.83 11.63
N THR A 582 -8.29 -13.37 12.01
CA THR A 582 -7.03 -13.06 11.35
C THR A 582 -6.27 -14.35 11.03
N TYR A 583 -5.78 -14.45 9.79
CA TYR A 583 -4.88 -15.51 9.37
C TYR A 583 -3.54 -14.89 9.00
N ARG A 584 -2.45 -15.44 9.51
CA ARG A 584 -1.14 -14.90 9.21
C ARG A 584 -0.14 -16.03 8.98
N ASP A 585 0.63 -15.92 7.90
CA ASP A 585 1.72 -16.85 7.60
C ASP A 585 1.24 -18.29 7.49
N CYS A 586 0.06 -18.49 6.94
CA CYS A 586 -0.55 -19.81 6.86
C CYS A 586 -0.34 -20.42 5.49
N ASN A 587 -0.52 -21.74 5.41
CA ASN A 587 -0.39 -22.50 4.17
C ASN A 587 -1.57 -23.48 4.10
N LEU A 588 -2.69 -23.01 3.56
CA LEU A 588 -3.93 -23.76 3.53
C LEU A 588 -4.51 -23.74 2.12
N ASN A 589 -5.34 -24.73 1.82
CA ASN A 589 -5.93 -24.80 0.50
C ASN A 589 -7.26 -24.04 0.39
N ARG A 590 -7.77 -23.48 1.49
CA ARG A 590 -9.00 -22.71 1.44
C ARG A 590 -9.20 -21.97 2.76
N VAL A 591 -9.81 -20.78 2.65
CA VAL A 591 -10.32 -20.04 3.80
C VAL A 591 -11.81 -19.79 3.55
N ASP A 592 -12.65 -20.19 4.50
CA ASP A 592 -14.08 -20.22 4.26
C ASP A 592 -14.86 -19.71 5.46
N MET A 593 -16.05 -19.17 5.18
CA MET A 593 -17.06 -18.82 6.19
C MET A 593 -18.43 -19.11 5.59
N HIS A 594 -19.15 -20.09 6.14
CA HIS A 594 -20.48 -20.41 5.62
C HIS A 594 -21.49 -19.36 6.05
N ASN A 595 -21.77 -19.28 7.35
CA ASN A 595 -22.56 -18.19 7.85
C ASN A 595 -21.69 -16.94 7.89
N PRO A 596 -22.27 -15.76 7.65
CA PRO A 596 -21.45 -14.56 7.49
C PRO A 596 -20.68 -14.20 8.75
N TYR A 597 -19.53 -13.59 8.55
CA TYR A 597 -18.77 -12.97 9.62
C TYR A 597 -19.19 -11.51 9.76
N MET A 598 -18.65 -10.86 10.79
CA MET A 598 -18.85 -9.43 10.99
C MET A 598 -17.57 -8.85 11.56
N GLY A 599 -17.41 -7.56 11.41
CA GLY A 599 -16.16 -6.91 11.79
C GLY A 599 -15.18 -6.85 10.61
N TYR A 600 -14.11 -7.64 10.70
CA TYR A 600 -13.17 -7.76 9.60
C TYR A 600 -12.76 -9.22 9.44
N LEU A 601 -12.22 -9.51 8.26
CA LEU A 601 -11.58 -10.80 7.98
C LEU A 601 -10.28 -10.51 7.26
N LYS A 602 -9.15 -10.89 7.86
CA LYS A 602 -7.83 -10.54 7.34
C LYS A 602 -7.07 -11.81 6.95
N VAL A 603 -6.50 -11.80 5.75
CA VAL A 603 -5.60 -12.86 5.29
C VAL A 603 -4.30 -12.18 4.88
N LEU A 604 -3.23 -12.44 5.62
CA LEU A 604 -1.96 -11.77 5.42
C LEU A 604 -0.84 -12.78 5.25
N ASP A 605 -0.02 -12.60 4.22
CA ASP A 605 1.20 -13.38 4.01
C ASP A 605 0.91 -14.87 3.96
N THR A 606 -0.12 -15.24 3.23
CA THR A 606 -0.64 -16.61 3.22
C THR A 606 -0.61 -17.18 1.82
N ARG A 607 -0.28 -18.47 1.72
CA ARG A 607 -0.36 -19.20 0.46
C ARG A 607 -1.63 -20.02 0.43
N LEU A 608 -2.39 -19.93 -0.66
CA LEU A 608 -3.68 -20.57 -0.77
C LEU A 608 -3.69 -21.60 -1.88
N GLY A 609 -4.64 -22.52 -1.80
CA GLY A 609 -4.82 -23.54 -2.81
C GLY A 609 -5.83 -23.15 -3.86
N THR A 610 -6.32 -24.15 -4.59
CA THR A 610 -7.18 -23.89 -5.73
C THR A 610 -8.56 -23.38 -5.32
N TRP A 611 -8.98 -23.59 -4.08
CA TRP A 611 -10.32 -23.19 -3.68
C TRP A 611 -10.45 -21.69 -3.45
N GLY A 612 -9.38 -21.02 -3.04
CA GLY A 612 -9.43 -19.59 -2.81
C GLY A 612 -10.12 -19.21 -1.52
N ILE A 613 -10.97 -18.19 -1.57
CA ILE A 613 -11.71 -17.70 -0.41
C ILE A 613 -13.19 -17.70 -0.74
N ASN A 614 -13.99 -18.32 0.12
CA ASN A 614 -15.45 -18.31 0.01
C ASN A 614 -16.01 -17.80 1.33
N ALA A 615 -16.61 -16.61 1.32
CA ALA A 615 -17.11 -16.04 2.57
C ALA A 615 -18.21 -15.04 2.28
N SER A 616 -19.42 -15.32 2.76
CA SER A 616 -20.44 -14.29 2.88
C SER A 616 -20.08 -13.41 4.06
N GLY A 617 -20.36 -12.12 3.95
CA GLY A 617 -19.84 -11.16 4.92
C GLY A 617 -20.82 -10.06 5.23
N MET A 618 -20.72 -9.58 6.47
CA MET A 618 -21.32 -8.33 6.92
C MET A 618 -20.23 -7.42 7.50
N GLY A 619 -19.07 -7.43 6.87
CA GLY A 619 -17.93 -6.64 7.29
C GLY A 619 -17.02 -6.36 6.12
N ASP A 620 -15.73 -6.22 6.39
CA ASP A 620 -14.74 -5.89 5.37
C ASP A 620 -13.69 -6.98 5.28
N MET A 621 -13.21 -7.23 4.07
CA MET A 621 -12.23 -8.27 3.80
C MET A 621 -10.93 -7.64 3.32
N TYR A 622 -9.82 -8.06 3.91
CA TYR A 622 -8.49 -7.53 3.58
C TYR A 622 -7.58 -8.67 3.13
N LEU A 623 -6.80 -8.41 2.09
CA LEU A 623 -5.83 -9.38 1.57
C LEU A 623 -4.51 -8.66 1.34
N GLU A 624 -3.41 -9.26 1.77
CA GLU A 624 -2.10 -8.64 1.63
C GLU A 624 -1.05 -9.71 1.40
N ARG A 625 -0.40 -9.67 0.24
CA ARG A 625 0.70 -10.57 -0.10
C ARG A 625 0.25 -12.03 -0.02
N VAL A 626 -0.70 -12.39 -0.88
CA VAL A 626 -1.28 -13.72 -0.91
C VAL A 626 -0.96 -14.36 -2.25
N THR A 627 -0.53 -15.61 -2.21
CA THR A 627 -0.28 -16.40 -3.41
C THR A 627 -1.36 -17.47 -3.56
N VAL A 628 -1.87 -17.63 -4.77
CA VAL A 628 -2.89 -18.62 -5.09
C VAL A 628 -2.33 -19.58 -6.13
N ASP A 629 -2.41 -20.87 -5.85
CA ASP A 629 -2.02 -21.93 -6.78
C ASP A 629 -3.29 -22.60 -7.29
N LEU A 630 -3.45 -22.65 -8.61
CA LEU A 630 -4.73 -23.01 -9.21
C LEU A 630 -4.82 -24.46 -9.68
N ASP A 631 -3.78 -25.26 -9.51
CA ASP A 631 -3.78 -26.61 -10.08
C ASP A 631 -4.79 -27.51 -9.37
N ASP A 632 -5.63 -28.19 -10.14
CA ASP A 632 -6.71 -29.00 -9.60
C ASP A 632 -6.88 -30.31 -10.38
N SER A 633 -5.78 -30.96 -10.72
CA SER A 633 -5.87 -32.11 -11.62
C SER A 633 -6.64 -33.27 -11.00
N ALA A 634 -6.43 -33.54 -9.70
CA ALA A 634 -7.05 -34.70 -9.07
C ALA A 634 -8.56 -34.56 -8.96
N HIS A 635 -9.07 -33.35 -8.76
CA HIS A 635 -10.51 -33.14 -8.81
C HIS A 635 -10.98 -33.27 -10.25
N GLY A 636 -12.13 -33.93 -10.44
CA GLY A 636 -12.57 -34.22 -11.78
C GLY A 636 -13.26 -33.07 -12.47
N GLY A 637 -12.68 -31.87 -12.36
CA GLY A 637 -13.31 -30.69 -12.90
C GLY A 637 -14.47 -30.16 -12.12
N HIS A 638 -14.54 -30.45 -10.81
CA HIS A 638 -15.65 -30.05 -9.97
C HIS A 638 -15.26 -28.81 -9.17
N ARG A 639 -16.04 -27.74 -9.31
CA ARG A 639 -15.86 -26.52 -8.54
C ARG A 639 -17.17 -26.16 -7.86
N GLU A 640 -17.09 -25.77 -6.59
CA GLU A 640 -18.28 -25.24 -5.91
C GLU A 640 -18.65 -23.87 -6.46
N HIS A 641 -17.67 -22.98 -6.59
CA HIS A 641 -17.87 -21.64 -7.11
C HIS A 641 -16.89 -21.40 -8.25
N GLU A 642 -17.23 -20.47 -9.13
CA GLU A 642 -16.53 -20.29 -10.38
C GLU A 642 -15.44 -19.23 -10.33
N GLY A 643 -15.13 -18.69 -9.16
CA GLY A 643 -14.12 -17.66 -9.03
C GLY A 643 -13.08 -18.00 -7.98
N ILE A 644 -12.15 -17.07 -7.78
CA ILE A 644 -11.10 -17.23 -6.79
C ILE A 644 -11.51 -16.66 -5.44
N ILE A 645 -12.16 -15.49 -5.44
CA ILE A 645 -12.76 -14.92 -4.24
C ILE A 645 -14.26 -14.91 -4.46
N ASN A 646 -14.99 -15.65 -3.62
CA ASN A 646 -16.40 -15.88 -3.84
C ASN A 646 -17.20 -15.56 -2.59
N ALA A 647 -18.47 -15.24 -2.80
CA ALA A 647 -19.49 -15.24 -1.76
C ALA A 647 -20.26 -16.56 -1.80
N ARG A 648 -20.91 -16.88 -0.70
CA ARG A 648 -21.54 -18.19 -0.55
C ARG A 648 -22.76 -18.30 -1.45
N GLY A 649 -22.77 -19.32 -2.32
CA GLY A 649 -23.89 -19.52 -3.22
C GLY A 649 -25.13 -20.08 -2.58
N ASP A 650 -25.00 -20.77 -1.45
CA ASP A 650 -26.15 -21.31 -0.74
C ASP A 650 -26.70 -20.35 0.30
N PHE A 651 -26.17 -19.14 0.37
CA PHE A 651 -26.71 -18.10 1.24
C PHE A 651 -27.22 -16.90 0.45
N GLY A 652 -27.28 -16.99 -0.87
CA GLY A 652 -27.71 -15.90 -1.71
C GLY A 652 -26.62 -15.17 -2.44
N GLY A 653 -25.36 -15.42 -2.10
CA GLY A 653 -24.24 -14.74 -2.75
C GLY A 653 -24.11 -13.27 -2.42
N PHE A 654 -24.35 -12.88 -1.19
CA PHE A 654 -24.24 -11.48 -0.78
C PHE A 654 -22.97 -11.26 0.03
N HIS A 655 -22.44 -10.04 -0.06
CA HIS A 655 -21.34 -9.61 0.79
C HIS A 655 -21.53 -8.11 1.01
N ASP A 656 -22.15 -7.75 2.13
CA ASP A 656 -22.47 -6.36 2.43
C ASP A 656 -21.24 -5.68 3.04
N GLY A 657 -20.29 -5.35 2.17
CA GLY A 657 -19.06 -4.74 2.62
C GLY A 657 -18.05 -4.71 1.50
N GLY A 658 -16.91 -4.12 1.81
CA GLY A 658 -15.88 -3.92 0.82
C GLY A 658 -14.84 -5.04 0.76
N LEU A 659 -14.11 -5.07 -0.34
CA LEU A 659 -13.02 -6.02 -0.56
C LEU A 659 -11.79 -5.25 -0.97
N TYR A 660 -10.69 -5.43 -0.26
CA TYR A 660 -9.46 -4.67 -0.49
C TYR A 660 -8.29 -5.63 -0.60
N ILE A 661 -7.60 -5.60 -1.72
CA ILE A 661 -6.56 -6.56 -2.06
C ILE A 661 -5.27 -5.82 -2.39
N LYS A 662 -4.15 -6.32 -1.87
CA LYS A 662 -2.84 -5.77 -2.19
C LYS A 662 -1.86 -6.90 -2.48
N ASP A 663 -1.19 -6.84 -3.65
CA ASP A 663 -0.11 -7.74 -4.02
C ASP A 663 -0.57 -9.20 -4.04
N LEU A 664 -1.47 -9.49 -4.97
CA LEU A 664 -1.96 -10.84 -5.20
C LEU A 664 -1.19 -11.49 -6.33
N THR A 665 -0.79 -12.75 -6.14
CA THR A 665 0.00 -13.51 -7.10
C THR A 665 -0.78 -14.74 -7.54
N ILE A 666 -0.79 -14.99 -8.85
CA ILE A 666 -1.54 -16.11 -9.43
C ILE A 666 -0.57 -17.03 -10.15
N VAL A 667 -0.58 -18.31 -9.78
CA VAL A 667 0.18 -19.34 -10.47
C VAL A 667 -0.74 -20.52 -10.71
N GLY A 668 -0.44 -21.31 -11.74
CA GLY A 668 -1.30 -22.40 -12.12
C GLY A 668 -2.34 -22.00 -13.13
N GLU A 669 -3.15 -22.97 -13.54
CA GLU A 669 -4.13 -22.71 -14.60
C GLU A 669 -5.54 -23.20 -14.28
N ALA A 670 -5.68 -24.24 -13.46
CA ALA A 670 -6.95 -24.90 -13.21
C ALA A 670 -7.54 -25.44 -14.52
N SER A 671 -6.80 -26.37 -15.12
CA SER A 671 -7.11 -26.83 -16.47
C SER A 671 -8.28 -27.81 -16.52
N ALA A 672 -8.49 -28.60 -15.46
CA ALA A 672 -9.59 -29.57 -15.49
C ALA A 672 -10.95 -28.88 -15.50
N PHE A 673 -11.11 -27.83 -14.70
CA PHE A 673 -12.36 -27.08 -14.71
C PHE A 673 -12.58 -26.43 -16.07
N GLU A 674 -11.52 -25.89 -16.67
CA GLU A 674 -11.65 -25.30 -17.99
C GLU A 674 -12.03 -26.34 -19.02
N ALA A 675 -11.49 -27.55 -18.90
CA ALA A 675 -11.81 -28.62 -19.84
C ALA A 675 -13.29 -28.99 -19.74
N THR A 676 -13.82 -29.12 -18.52
CA THR A 676 -15.21 -29.53 -18.41
C THR A 676 -16.19 -28.37 -18.69
N SER A 677 -15.78 -27.12 -18.46
CA SER A 677 -16.69 -26.00 -18.58
C SER A 677 -16.46 -25.13 -19.80
N GLY A 678 -15.23 -25.05 -20.31
CA GLY A 678 -14.95 -24.30 -21.53
C GLY A 678 -14.27 -22.96 -21.31
N HIS A 679 -14.22 -22.46 -20.09
CA HIS A 679 -13.63 -21.16 -19.81
C HIS A 679 -12.86 -21.23 -18.49
N PRO A 680 -11.86 -20.37 -18.31
CA PRO A 680 -11.14 -20.35 -17.04
C PRO A 680 -11.96 -19.80 -15.90
N VAL A 681 -11.39 -19.79 -14.69
CA VAL A 681 -12.11 -19.26 -13.55
C VAL A 681 -12.21 -17.74 -13.65
N ALA A 682 -13.14 -17.17 -12.90
CA ALA A 682 -13.25 -15.73 -12.76
C ALA A 682 -12.37 -15.26 -11.60
N LEU A 683 -12.29 -13.95 -11.42
CA LEU A 683 -11.57 -13.42 -10.28
C LEU A 683 -12.47 -13.29 -9.06
N VAL A 684 -13.60 -12.62 -9.20
CA VAL A 684 -14.57 -12.43 -8.13
C VAL A 684 -15.92 -12.93 -8.60
N SER A 685 -16.61 -13.68 -7.74
CA SER A 685 -17.89 -14.26 -8.08
C SER A 685 -18.89 -13.99 -6.97
N ALA A 686 -20.14 -13.75 -7.34
CA ALA A 686 -21.21 -13.51 -6.37
C ALA A 686 -22.54 -13.83 -7.02
N TYR A 687 -23.15 -14.95 -6.64
CA TYR A 687 -24.41 -15.38 -7.23
C TYR A 687 -25.02 -16.45 -6.33
N SER A 688 -26.19 -16.95 -6.73
CA SER A 688 -26.93 -17.93 -5.97
C SER A 688 -27.16 -19.18 -6.82
N PHE A 689 -27.17 -20.33 -6.14
CA PHE A 689 -27.49 -21.59 -6.82
C PHE A 689 -28.97 -21.72 -7.13
N ASN A 690 -29.83 -21.22 -6.24
CA ASN A 690 -31.28 -21.38 -6.36
C ASN A 690 -31.94 -20.22 -5.66
N ALA A 691 -32.71 -19.43 -6.41
CA ALA A 691 -33.31 -18.23 -5.84
C ALA A 691 -34.47 -18.54 -4.91
N SER A 692 -35.06 -19.73 -4.99
CA SER A 692 -36.17 -20.10 -4.12
C SER A 692 -35.71 -20.71 -2.81
N LEU A 693 -34.42 -21.01 -2.67
CA LEU A 693 -33.87 -21.54 -1.43
C LEU A 693 -32.93 -20.60 -0.70
N ALA A 694 -32.17 -19.79 -1.43
CA ALA A 694 -31.18 -18.90 -0.85
C ALA A 694 -31.36 -17.50 -1.45
N TYR A 695 -31.84 -16.56 -0.65
CA TYR A 695 -32.16 -15.23 -1.13
C TYR A 695 -32.29 -14.31 0.08
N ILE A 696 -32.48 -13.02 -0.20
CA ILE A 696 -32.70 -11.99 0.80
C ILE A 696 -34.15 -11.52 0.69
N PRO A 697 -34.97 -11.71 1.71
CA PRO A 697 -36.35 -11.20 1.65
C PRO A 697 -36.40 -9.68 1.67
N GLU A 698 -37.50 -9.14 1.15
CA GLU A 698 -37.64 -7.71 1.00
C GLU A 698 -37.67 -6.98 2.34
N SER A 699 -38.20 -7.62 3.38
CA SER A 699 -38.29 -6.97 4.68
C SER A 699 -36.99 -7.02 5.47
N SER A 700 -35.98 -7.72 4.99
CA SER A 700 -34.72 -7.82 5.70
C SER A 700 -33.97 -6.48 5.63
N PRO A 701 -33.18 -6.16 6.67
CA PRO A 701 -32.36 -4.95 6.63
C PRO A 701 -31.06 -5.09 5.87
N VAL A 702 -30.79 -6.25 5.28
CA VAL A 702 -29.55 -6.49 4.55
C VAL A 702 -29.67 -5.92 3.15
N THR A 703 -28.68 -5.14 2.74
CA THR A 703 -28.60 -4.65 1.37
C THR A 703 -27.91 -5.70 0.50
N PRO A 704 -28.57 -6.24 -0.52
CA PRO A 704 -27.99 -7.37 -1.27
C PRO A 704 -26.94 -6.95 -2.29
N TRP A 705 -25.80 -6.48 -1.80
CA TRP A 705 -24.65 -6.23 -2.66
C TRP A 705 -23.91 -7.54 -2.93
N GLY A 706 -23.53 -7.76 -4.18
CA GLY A 706 -22.62 -8.85 -4.46
C GLY A 706 -21.27 -8.63 -3.79
N PHE A 707 -20.69 -7.46 -4.01
CA PHE A 707 -19.64 -6.90 -3.20
C PHE A 707 -19.86 -5.39 -3.26
N LYS A 708 -19.82 -4.72 -2.12
CA LYS A 708 -20.08 -3.28 -2.13
C LYS A 708 -19.02 -2.53 -2.90
N GLU A 709 -17.75 -2.88 -2.71
CA GLU A 709 -16.63 -2.20 -3.34
C GLU A 709 -15.52 -3.22 -3.56
N VAL A 710 -14.79 -3.07 -4.66
CA VAL A 710 -13.66 -3.94 -4.97
C VAL A 710 -12.48 -3.07 -5.35
N ILE A 711 -11.36 -3.20 -4.62
CA ILE A 711 -10.13 -2.48 -4.90
C ILE A 711 -9.01 -3.50 -5.04
N VAL A 712 -8.28 -3.45 -6.16
CA VAL A 712 -7.15 -4.33 -6.40
C VAL A 712 -5.95 -3.47 -6.76
N GLU A 713 -4.88 -3.56 -5.97
CA GLU A 713 -3.65 -2.82 -6.22
C GLU A 713 -2.50 -3.82 -6.27
N GLY A 714 -2.13 -4.24 -7.47
CA GLY A 714 -1.01 -5.14 -7.64
C GLY A 714 -1.43 -6.57 -7.88
N LEU A 715 -1.39 -6.99 -9.14
CA LEU A 715 -1.69 -8.36 -9.52
C LEU A 715 -0.55 -8.87 -10.39
N HIS A 716 0.09 -9.95 -9.95
CA HIS A 716 1.26 -10.49 -10.63
C HIS A 716 0.98 -11.88 -11.14
N CYS A 717 1.31 -12.13 -12.40
CA CYS A 717 1.16 -13.45 -13.02
C CYS A 717 2.48 -13.78 -13.71
N PRO A 718 3.41 -14.43 -13.00
CA PRO A 718 4.76 -14.63 -13.56
C PRO A 718 4.81 -15.53 -14.78
N PHE A 719 3.81 -16.38 -15.02
CA PHE A 719 3.85 -17.32 -16.12
C PHE A 719 2.84 -16.93 -17.19
N LYS A 720 3.26 -17.02 -18.45
CA LYS A 720 2.43 -16.57 -19.56
C LYS A 720 1.23 -17.49 -19.77
N ARG A 721 0.15 -16.91 -20.26
CA ARG A 721 -1.09 -17.63 -20.54
C ARG A 721 -1.48 -17.38 -22.00
N THR A 722 -1.86 -18.44 -22.69
CA THR A 722 -2.42 -18.33 -24.04
C THR A 722 -3.93 -18.29 -23.91
N GLY A 723 -4.53 -17.15 -24.24
CA GLY A 723 -5.93 -16.89 -23.96
C GLY A 723 -6.08 -15.71 -23.01
N ARG A 724 -7.14 -15.75 -22.22
CA ARG A 724 -7.39 -14.72 -21.23
C ARG A 724 -7.20 -15.29 -19.83
N ARG A 725 -6.68 -14.45 -18.92
CA ARG A 725 -6.37 -14.92 -17.58
C ARG A 725 -7.63 -15.31 -16.81
N PHE A 726 -8.68 -14.50 -16.89
CA PHE A 726 -9.92 -14.75 -16.17
C PHE A 726 -11.10 -14.72 -17.13
N ASN A 727 -12.14 -15.47 -16.78
CA ASN A 727 -13.37 -15.40 -17.55
C ASN A 727 -14.00 -14.02 -17.44
N SER A 728 -13.99 -13.44 -16.24
CA SER A 728 -14.50 -12.10 -16.01
C SER A 728 -13.89 -11.57 -14.73
N ILE A 729 -13.82 -10.23 -14.63
CA ILE A 729 -13.31 -9.63 -13.41
C ILE A 729 -14.31 -9.81 -12.27
N ILE A 730 -15.56 -9.45 -12.50
CA ILE A 730 -16.66 -9.68 -11.57
C ILE A 730 -17.69 -10.52 -12.31
N SER A 731 -18.08 -11.65 -11.73
CA SER A 731 -18.85 -12.65 -12.46
C SER A 731 -20.09 -13.09 -11.70
N ALA A 732 -21.20 -13.27 -12.42
CA ALA A 732 -22.44 -13.83 -11.88
C ALA A 732 -23.01 -14.81 -12.89
N PRO A 733 -22.48 -16.03 -12.93
CA PRO A 733 -22.81 -16.93 -14.05
C PRO A 733 -24.12 -17.70 -13.91
N SER A 734 -25.03 -17.25 -13.06
CA SER A 734 -26.32 -17.91 -12.90
C SER A 734 -27.44 -17.06 -13.52
N ILE A 735 -28.67 -17.54 -13.40
CA ILE A 735 -29.83 -16.80 -13.85
C ILE A 735 -30.80 -16.59 -12.70
N GLN A 736 -30.27 -16.45 -11.48
CA GLN A 736 -31.12 -16.25 -10.32
C GLN A 736 -31.34 -14.79 -9.97
N PHE A 737 -30.39 -13.92 -10.30
CA PHE A 737 -30.51 -12.46 -10.13
C PHE A 737 -30.87 -12.10 -8.68
N THR A 738 -29.95 -12.40 -7.76
CA THR A 738 -30.19 -12.16 -6.36
C THR A 738 -29.44 -10.96 -5.78
N VAL A 739 -28.33 -10.55 -6.36
CA VAL A 739 -27.49 -9.51 -5.78
C VAL A 739 -27.14 -8.46 -6.83
N TYR A 740 -26.86 -7.25 -6.35
CA TYR A 740 -26.45 -6.15 -7.20
C TYR A 740 -25.00 -6.31 -7.65
N HIS A 741 -24.69 -5.73 -8.81
CA HIS A 741 -23.31 -5.60 -9.23
C HIS A 741 -22.59 -4.62 -8.30
N PRO A 742 -21.29 -4.80 -8.10
CA PRO A 742 -20.55 -3.87 -7.24
C PRO A 742 -20.67 -2.43 -7.71
N MET A 743 -20.80 -1.53 -6.74
CA MET A 743 -21.02 -0.12 -7.07
C MET A 743 -19.76 0.54 -7.60
N ARG A 744 -18.60 0.17 -7.08
CA ARG A 744 -17.33 0.76 -7.49
C ARG A 744 -16.27 -0.33 -7.62
N VAL A 745 -15.53 -0.30 -8.72
CA VAL A 745 -14.45 -1.25 -8.98
C VAL A 745 -13.22 -0.47 -9.41
N LYS A 746 -12.07 -0.78 -8.81
CA LYS A 746 -10.82 -0.10 -9.14
C LYS A 746 -9.71 -1.13 -9.33
N LEU A 747 -8.96 -1.00 -10.42
CA LEU A 747 -7.81 -1.84 -10.69
C LEU A 747 -6.59 -0.96 -10.87
N GLU A 748 -5.46 -1.38 -10.30
CA GLU A 748 -4.24 -0.59 -10.36
C GLU A 748 -3.02 -1.51 -10.39
N ASP A 749 -2.12 -1.25 -11.34
CA ASP A 749 -0.86 -1.96 -11.45
C ASP A 749 -1.05 -3.47 -11.64
N CYS A 750 -2.01 -3.85 -12.47
CA CYS A 750 -2.33 -5.25 -12.71
C CYS A 750 -1.75 -5.69 -14.04
N ASN A 751 -0.86 -6.67 -14.00
CA ASN A 751 -0.25 -7.25 -15.20
C ASN A 751 -0.85 -8.63 -15.40
N PHE A 752 -1.78 -8.73 -16.35
CA PHE A 752 -2.47 -9.99 -16.60
C PHE A 752 -1.59 -11.00 -17.33
N ASN A 753 -0.70 -10.53 -18.21
CA ASN A 753 0.26 -11.39 -18.91
C ASN A 753 -0.43 -12.46 -19.74
N SER A 754 -1.34 -12.03 -20.61
CA SER A 754 -2.13 -12.93 -21.43
C SER A 754 -2.24 -12.37 -22.85
N THR A 755 -2.68 -13.21 -23.77
CA THR A 755 -2.71 -12.87 -25.18
C THR A 755 -4.10 -12.50 -25.71
N ALA A 756 -5.12 -12.50 -24.86
CA ALA A 756 -6.47 -12.16 -25.27
C ALA A 756 -7.06 -11.12 -24.31
N PHE A 757 -8.11 -10.44 -24.76
CA PHE A 757 -8.68 -9.35 -23.98
C PHE A 757 -9.45 -9.86 -22.77
N GLU A 758 -9.43 -9.07 -21.71
CA GLU A 758 -10.23 -9.31 -20.52
C GLU A 758 -11.59 -8.62 -20.67
N LYS A 759 -12.55 -9.05 -19.86
CA LYS A 759 -13.90 -8.52 -20.03
C LYS A 759 -14.58 -8.25 -18.70
N PHE A 760 -15.54 -7.32 -18.75
CA PHE A 760 -16.45 -7.00 -17.66
C PHE A 760 -17.84 -7.50 -18.08
N ASP A 761 -18.23 -8.67 -17.60
CA ASP A 761 -19.52 -9.25 -17.95
C ASP A 761 -20.59 -8.76 -16.98
N LEU A 762 -21.58 -8.04 -17.50
CA LEU A 762 -22.60 -7.43 -16.67
C LEU A 762 -23.94 -8.16 -16.73
N ARG A 763 -23.93 -9.40 -17.19
CA ARG A 763 -25.15 -10.20 -17.23
C ARG A 763 -25.30 -10.98 -15.93
N GLY A 764 -26.53 -11.12 -15.48
CA GLY A 764 -26.84 -11.91 -14.29
C GLY A 764 -26.99 -11.14 -13.00
N TRP A 765 -27.05 -9.82 -13.04
CA TRP A 765 -27.08 -9.00 -11.84
C TRP A 765 -28.46 -8.40 -11.63
N ARG A 766 -28.82 -8.25 -10.36
CA ARG A 766 -30.06 -7.59 -9.98
C ARG A 766 -30.02 -6.12 -10.38
N VAL A 767 -31.20 -5.59 -10.73
CA VAL A 767 -31.27 -4.22 -11.22
C VAL A 767 -30.80 -3.24 -10.14
N THR A 768 -30.01 -2.26 -10.56
CA THR A 768 -29.31 -1.40 -9.61
C THR A 768 -30.30 -0.60 -8.76
N PRO A 769 -29.97 -0.36 -7.48
CA PRO A 769 -30.86 0.45 -6.64
C PRO A 769 -30.86 1.93 -6.98
N TYR A 770 -29.96 2.39 -7.84
CA TYR A 770 -29.95 3.80 -8.25
C TYR A 770 -31.05 4.10 -9.26
N ASN A 771 -31.65 3.08 -9.87
CA ASN A 771 -32.72 3.24 -10.85
C ASN A 771 -33.88 2.33 -10.46
N PRO A 772 -34.54 2.62 -9.33
CA PRO A 772 -35.58 1.70 -8.83
C PRO A 772 -36.84 1.69 -9.67
N SER A 773 -37.14 2.77 -10.39
CA SER A 773 -38.33 2.82 -11.23
C SER A 773 -38.11 2.23 -12.61
N LYS A 774 -36.89 1.79 -12.91
CA LYS A 774 -36.54 1.21 -14.20
C LYS A 774 -36.92 2.15 -15.35
N VAL A 775 -36.27 3.31 -15.33
CA VAL A 775 -36.44 4.33 -16.35
C VAL A 775 -35.51 4.04 -17.50
N GLY A 776 -36.04 4.01 -18.72
CA GLY A 776 -35.22 3.78 -19.89
C GLY A 776 -34.35 4.99 -20.20
N ILE A 777 -33.04 4.78 -20.25
CA ILE A 777 -32.08 5.85 -20.52
C ILE A 777 -31.87 5.94 -22.02
N ALA A 778 -31.58 7.14 -22.50
CA ALA A 778 -31.41 7.36 -23.94
C ALA A 778 -30.08 8.00 -24.31
N ASN A 779 -29.42 8.75 -23.42
CA ASN A 779 -28.23 9.48 -23.83
C ASN A 779 -27.09 9.54 -22.82
N THR A 780 -27.19 8.83 -21.69
CA THR A 780 -26.16 8.63 -20.66
C THR A 780 -25.76 9.94 -20.01
N LEU A 781 -26.25 11.07 -20.54
CA LEU A 781 -26.08 12.36 -19.92
C LEU A 781 -27.38 12.89 -19.35
N ALA A 782 -28.49 12.26 -19.67
CA ALA A 782 -29.80 12.62 -19.14
C ALA A 782 -30.18 11.80 -17.91
N PHE A 783 -29.28 10.95 -17.41
CA PHE A 783 -29.54 10.17 -16.20
C PHE A 783 -28.26 10.12 -15.39
N ARG A 784 -28.43 9.87 -14.09
CA ARG A 784 -27.29 9.78 -13.18
C ARG A 784 -26.48 8.52 -13.46
N PRO A 785 -25.18 8.54 -13.17
CA PRO A 785 -24.41 7.29 -13.21
C PRO A 785 -24.82 6.36 -12.08
N THR A 786 -24.72 5.06 -12.35
CA THR A 786 -25.07 4.05 -11.36
C THR A 786 -23.89 3.17 -10.95
N ASN A 787 -22.88 3.02 -11.78
CA ASN A 787 -21.71 2.21 -11.46
C ASN A 787 -20.47 2.95 -11.92
N PHE A 788 -19.34 2.67 -11.24
CA PHE A 788 -18.09 3.38 -11.48
C PHE A 788 -16.95 2.38 -11.60
N VAL A 789 -16.14 2.53 -12.64
CA VAL A 789 -15.01 1.66 -12.90
C VAL A 789 -13.79 2.52 -13.22
N ASP A 790 -12.66 2.22 -12.57
CA ASP A 790 -11.40 2.92 -12.79
C ASP A 790 -10.28 1.92 -13.02
N VAL A 791 -9.52 2.11 -14.09
CA VAL A 791 -8.37 1.28 -14.41
C VAL A 791 -7.17 2.18 -14.63
N LYS A 792 -6.07 1.89 -13.94
CA LYS A 792 -4.90 2.75 -13.96
C LYS A 792 -3.63 1.94 -14.01
N ASP A 793 -2.75 2.27 -14.96
CA ASP A 793 -1.41 1.67 -15.07
C ASP A 793 -1.46 0.16 -15.13
N CYS A 794 -2.45 -0.37 -15.83
CA CYS A 794 -2.61 -1.81 -15.97
C CYS A 794 -2.17 -2.24 -17.37
N SER A 795 -1.94 -3.54 -17.52
CA SER A 795 -1.41 -4.10 -18.76
C SER A 795 -2.33 -5.20 -19.26
N MET A 796 -3.04 -4.93 -20.35
CA MET A 796 -3.81 -5.97 -21.02
C MET A 796 -3.94 -5.65 -22.49
N VAL A 797 -4.27 -6.69 -23.27
CA VAL A 797 -4.43 -6.53 -24.71
C VAL A 797 -5.73 -5.80 -25.05
N GLY A 798 -6.78 -6.00 -24.27
CA GLY A 798 -8.03 -5.30 -24.53
C GLY A 798 -8.96 -5.40 -23.35
N LEU A 799 -10.07 -4.67 -23.46
CA LEU A 799 -11.09 -4.62 -22.43
C LEU A 799 -12.46 -4.57 -23.09
N GLU A 800 -13.40 -5.38 -22.59
CA GLU A 800 -14.72 -5.49 -23.20
C GLU A 800 -15.80 -5.37 -22.14
N PHE A 801 -16.84 -4.59 -22.43
CA PHE A 801 -18.01 -4.44 -21.57
C PHE A 801 -19.23 -5.02 -22.29
N THR A 802 -19.92 -5.96 -21.64
CA THR A 802 -21.08 -6.62 -22.21
C THR A 802 -22.30 -6.27 -21.38
N ARG A 803 -23.33 -5.73 -22.03
CA ARG A 803 -24.51 -5.27 -21.33
C ARG A 803 -25.45 -6.42 -21.01
N PRO A 804 -26.31 -6.25 -19.99
CA PRO A 804 -27.26 -7.31 -19.64
C PRO A 804 -28.39 -7.38 -20.66
N THR A 805 -29.14 -8.48 -20.57
CA THR A 805 -30.32 -8.67 -21.41
C THR A 805 -31.42 -7.71 -20.98
N SER A 806 -32.45 -7.60 -21.82
CA SER A 806 -33.57 -6.75 -21.49
C SER A 806 -34.27 -7.26 -20.24
N ALA A 807 -35.03 -6.37 -19.60
CA ALA A 807 -35.64 -6.51 -18.29
C ALA A 807 -34.63 -6.39 -17.17
N TYR A 808 -33.34 -6.25 -17.49
CA TYR A 808 -32.33 -5.94 -16.49
C TYR A 808 -31.36 -4.86 -16.93
N ASP A 809 -31.54 -4.30 -18.13
CA ASP A 809 -30.60 -3.35 -18.71
C ASP A 809 -31.03 -1.92 -18.35
N TYR A 810 -30.62 -1.50 -17.16
CA TYR A 810 -30.99 -0.17 -16.68
C TYR A 810 -29.83 0.53 -15.98
N SER A 811 -28.59 0.16 -16.28
CA SER A 811 -27.42 0.74 -15.65
C SER A 811 -26.83 1.85 -16.51
N ASN A 812 -25.96 2.64 -15.88
CA ASN A 812 -25.31 3.77 -16.53
C ASN A 812 -23.90 3.87 -15.95
N PHE A 813 -22.88 3.56 -16.74
CA PHE A 813 -21.54 3.38 -16.25
C PHE A 813 -20.69 4.63 -16.47
N ASP A 814 -19.69 4.79 -15.60
CA ASP A 814 -18.71 5.86 -15.70
C ASP A 814 -17.32 5.23 -15.63
N VAL A 815 -16.59 5.25 -16.73
CA VAL A 815 -15.35 4.50 -16.87
C VAL A 815 -14.19 5.46 -17.08
N ASN A 816 -13.14 5.29 -16.28
CA ASN A 816 -11.92 6.07 -16.39
C ASN A 816 -10.75 5.12 -16.65
N LEU A 817 -10.01 5.38 -17.73
CA LEU A 817 -8.84 4.59 -18.09
C LEU A 817 -7.65 5.53 -18.19
N VAL A 818 -6.60 5.25 -17.43
CA VAL A 818 -5.42 6.09 -17.37
C VAL A 818 -4.19 5.24 -17.62
N ASN A 819 -3.47 5.53 -18.72
CA ASN A 819 -2.18 4.93 -19.01
C ASN A 819 -2.27 3.41 -19.13
N VAL A 820 -3.15 2.97 -20.02
CA VAL A 820 -3.41 1.56 -20.23
C VAL A 820 -2.82 1.15 -21.58
N LYS A 821 -2.01 0.10 -21.56
CA LYS A 821 -1.39 -0.45 -22.76
C LYS A 821 -0.84 -1.82 -22.40
N ASN A 822 -0.32 -2.54 -23.39
CA ASN A 822 0.30 -3.84 -23.17
C ASN A 822 1.82 -3.69 -23.19
N VAL A 823 2.47 -4.15 -22.12
CA VAL A 823 3.92 -3.99 -21.98
C VAL A 823 4.70 -5.26 -22.27
N GLU A 824 4.03 -6.40 -22.37
CA GLU A 824 4.74 -7.65 -22.60
C GLU A 824 5.21 -7.76 -24.04
N GLU A 825 6.23 -8.59 -24.25
CA GLU A 825 6.90 -8.70 -25.54
C GLU A 825 6.13 -9.53 -26.55
N HIS A 826 5.11 -10.28 -26.15
CA HIS A 826 4.53 -11.30 -27.01
C HIS A 826 3.23 -10.88 -27.69
N SER A 827 2.72 -9.66 -27.46
CA SER A 827 1.35 -9.44 -27.91
C SER A 827 1.06 -8.05 -28.50
N LEU A 828 2.07 -7.28 -28.89
CA LEU A 828 1.88 -5.92 -29.42
C LEU A 828 1.36 -4.95 -28.37
N SER A 829 1.70 -3.67 -28.51
CA SER A 829 1.42 -2.70 -27.46
C SER A 829 -0.02 -2.17 -27.43
N PRO A 830 -0.55 -1.62 -28.52
CA PRO A 830 -1.83 -0.91 -28.43
C PRO A 830 -2.98 -1.83 -28.04
N PHE A 831 -3.96 -1.27 -27.33
CA PHE A 831 -5.08 -2.05 -26.79
C PHE A 831 -6.39 -1.57 -27.38
N THR A 832 -7.37 -2.47 -27.44
CA THR A 832 -8.66 -2.22 -28.05
C THR A 832 -9.74 -2.13 -26.98
N LEU A 833 -10.71 -1.24 -27.18
CA LEU A 833 -11.82 -1.05 -26.27
C LEU A 833 -13.11 -1.49 -26.95
N TYR A 834 -13.73 -2.54 -26.43
CA TYR A 834 -15.03 -3.02 -26.89
C TYR A 834 -16.08 -2.65 -25.85
N THR A 835 -17.20 -2.09 -26.30
CA THR A 835 -18.27 -1.76 -25.37
C THR A 835 -19.59 -1.68 -26.11
N ASN A 836 -20.63 -2.31 -25.56
CA ASN A 836 -22.00 -2.11 -26.00
C ASN A 836 -22.90 -1.68 -24.86
N GLN A 837 -22.32 -1.12 -23.79
CA GLN A 837 -23.03 -0.66 -22.62
C GLN A 837 -23.09 0.86 -22.60
N CYS A 838 -24.22 1.40 -22.14
CA CYS A 838 -24.38 2.84 -22.02
C CYS A 838 -23.46 3.41 -20.95
N GLY A 839 -22.70 4.44 -21.29
CA GLY A 839 -21.80 5.02 -20.31
C GLY A 839 -20.97 6.14 -20.89
N ARG A 840 -20.18 6.75 -20.00
CA ARG A 840 -19.24 7.80 -20.36
C ARG A 840 -17.82 7.28 -20.18
N TYR A 841 -16.99 7.46 -21.20
CA TYR A 841 -15.66 6.86 -21.25
C TYR A 841 -14.60 7.95 -21.42
N ASN A 842 -13.62 7.95 -20.53
CA ASN A 842 -12.54 8.93 -20.54
C ASN A 842 -11.20 8.20 -20.57
N LEU A 843 -10.37 8.53 -21.55
CA LEU A 843 -9.05 7.92 -21.71
C LEU A 843 -7.99 9.00 -21.65
N VAL A 844 -7.01 8.83 -20.78
CA VAL A 844 -5.96 9.82 -20.56
C VAL A 844 -4.62 9.12 -20.71
N GLY A 845 -3.83 9.55 -21.70
CA GLY A 845 -2.49 9.02 -21.89
C GLY A 845 -2.43 7.53 -22.15
N CYS A 846 -3.36 7.01 -22.93
CA CYS A 846 -3.46 5.58 -23.19
C CYS A 846 -2.84 5.22 -24.54
N GLY A 847 -2.40 3.98 -24.66
CA GLY A 847 -1.95 3.43 -25.92
C GLY A 847 -3.08 2.78 -26.70
N LEU A 848 -3.95 3.60 -27.27
CA LEU A 848 -5.17 3.11 -27.90
C LEU A 848 -4.88 2.54 -29.29
N GLN A 849 -5.66 1.52 -29.66
CA GLN A 849 -5.63 0.95 -31.00
C GLN A 849 -6.93 1.17 -31.75
N GLN A 850 -8.07 0.85 -31.15
CA GLN A 850 -9.35 0.94 -31.84
C GLN A 850 -10.45 1.06 -30.81
N ILE A 851 -11.54 1.73 -31.19
CA ILE A 851 -12.74 1.84 -30.38
C ILE A 851 -13.87 1.16 -31.15
N VAL A 852 -14.42 0.10 -30.58
CA VAL A 852 -15.44 -0.72 -31.23
C VAL A 852 -16.70 -0.72 -30.37
N ASP A 853 -17.81 -0.33 -30.98
CA ASP A 853 -19.09 -0.26 -30.25
C ASP A 853 -19.89 -1.56 -30.40
N LYS A 854 -19.24 -2.65 -30.02
CA LYS A 854 -19.89 -3.96 -30.04
C LYS A 854 -19.22 -4.85 -29.01
N SER A 855 -19.89 -5.95 -28.68
CA SER A 855 -19.38 -6.95 -27.77
C SER A 855 -19.04 -8.21 -28.56
N MET A 856 -17.78 -8.64 -28.48
CA MET A 856 -17.37 -9.84 -29.20
C MET A 856 -17.90 -11.11 -28.56
N THR A 857 -18.17 -11.09 -27.26
CA THR A 857 -18.70 -12.28 -26.59
C THR A 857 -20.11 -12.62 -27.07
N SER A 858 -20.95 -11.61 -27.26
CA SER A 858 -22.35 -11.83 -27.62
C SER A 858 -22.69 -11.45 -29.06
N GLY A 859 -22.08 -10.39 -29.60
CA GLY A 859 -22.30 -9.99 -30.97
C GLY A 859 -23.23 -8.79 -31.14
N GLU A 860 -24.00 -8.45 -30.12
CA GLU A 860 -24.90 -7.31 -30.21
C GLU A 860 -24.11 -6.01 -30.30
N ARG A 861 -24.69 -5.00 -30.94
CA ARG A 861 -23.93 -3.79 -31.27
C ARG A 861 -24.06 -2.71 -30.21
N ALA A 862 -25.24 -2.11 -30.07
CA ALA A 862 -25.49 -1.06 -29.10
C ALA A 862 -26.93 -0.61 -29.26
N ASN A 863 -27.45 0.01 -28.20
CA ASN A 863 -28.82 0.52 -28.25
C ASN A 863 -28.99 1.90 -27.65
N ARG A 864 -27.99 2.46 -26.98
CA ARG A 864 -28.07 3.79 -26.39
C ARG A 864 -26.88 4.61 -26.83
N ARG A 865 -26.92 5.90 -26.53
CA ARG A 865 -25.87 6.83 -26.94
C ARG A 865 -24.86 7.00 -25.83
N SER A 866 -23.58 6.87 -26.18
CA SER A 866 -22.47 6.97 -25.24
C SER A 866 -21.57 8.14 -25.60
N THR A 867 -20.55 8.35 -24.78
CA THR A 867 -19.66 9.49 -24.91
C THR A 867 -18.21 9.02 -24.76
N PHE A 868 -17.33 9.55 -25.62
CA PHE A 868 -15.92 9.16 -25.62
C PHE A 868 -15.05 10.41 -25.67
N SER A 869 -13.99 10.42 -24.86
CA SER A 869 -13.09 11.55 -24.76
C SER A 869 -11.67 11.04 -24.59
N VAL A 870 -10.76 11.48 -25.47
CA VAL A 870 -9.38 10.99 -25.50
C VAL A 870 -8.43 12.17 -25.36
N THR A 871 -7.49 12.07 -24.43
CA THR A 871 -6.52 13.14 -24.16
C THR A 871 -5.12 12.55 -24.17
N GLY A 872 -4.26 13.10 -25.02
CA GLY A 872 -2.87 12.70 -25.05
C GLY A 872 -2.68 11.28 -25.57
N GLY A 873 -1.46 10.78 -25.37
CA GLY A 873 -1.13 9.43 -25.74
C GLY A 873 -0.95 9.23 -27.24
N THR A 874 -0.98 7.96 -27.63
CA THR A 874 -0.82 7.54 -29.01
C THR A 874 -2.05 6.74 -29.44
N TRP A 875 -2.49 6.94 -30.68
CA TRP A 875 -3.58 6.18 -31.27
C TRP A 875 -3.02 5.47 -32.51
N ASN A 876 -2.51 4.27 -32.30
CA ASN A 876 -1.90 3.47 -33.37
C ASN A 876 -2.88 2.39 -33.78
N SER A 877 -3.45 2.54 -34.97
CA SER A 877 -4.42 1.59 -35.49
C SER A 877 -3.80 0.51 -36.35
N LEU A 878 -2.47 0.45 -36.41
CA LEU A 878 -1.75 -0.59 -37.12
C LEU A 878 -2.08 -0.58 -38.60
N SER A 879 -2.99 -1.45 -39.04
CA SER A 879 -3.36 -1.52 -40.45
C SER A 879 -4.87 -1.41 -40.65
N GLY A 880 -5.58 -0.86 -39.68
CA GLY A 880 -7.02 -0.68 -39.81
C GLY A 880 -7.48 0.73 -39.50
N ASN A 881 -8.76 0.92 -39.33
CA ASN A 881 -9.32 2.21 -39.01
C ASN A 881 -9.29 2.46 -37.51
N PRO A 882 -9.19 3.71 -37.08
CA PRO A 882 -9.18 3.99 -35.64
C PRO A 882 -10.48 3.65 -34.92
N THR A 883 -11.62 3.66 -35.60
CA THR A 883 -12.90 3.45 -34.96
C THR A 883 -13.73 2.44 -35.74
N ASP A 884 -14.65 1.79 -35.01
CA ASP A 884 -15.68 0.93 -35.61
C ASP A 884 -16.98 1.18 -34.85
N ILE A 885 -17.76 2.16 -35.30
CA ILE A 885 -18.98 2.59 -34.63
C ILE A 885 -20.11 2.55 -35.64
N THR A 886 -21.24 1.95 -35.24
CA THR A 886 -22.31 1.69 -36.20
C THR A 886 -23.68 2.11 -35.70
N TYR A 887 -23.88 2.18 -34.38
CA TYR A 887 -25.20 2.47 -33.85
C TYR A 887 -25.67 3.84 -34.28
N GLY A 888 -26.83 3.88 -34.94
CA GLY A 888 -27.34 5.11 -35.51
C GLY A 888 -26.44 5.70 -36.58
N ASN A 889 -25.71 4.85 -37.30
CA ASN A 889 -24.73 5.24 -38.30
C ASN A 889 -23.58 6.06 -37.74
N GLY A 890 -23.46 6.14 -36.42
CA GLY A 890 -22.40 6.90 -35.79
C GLY A 890 -22.78 8.32 -35.43
N TYR A 891 -23.88 8.85 -35.96
CA TYR A 891 -24.31 10.17 -35.54
C TYR A 891 -24.78 10.11 -34.09
N ASP A 892 -24.69 11.24 -33.41
CA ASP A 892 -25.00 11.40 -31.99
C ASP A 892 -23.99 10.72 -31.08
N ILE A 893 -22.83 10.32 -31.58
CA ILE A 893 -21.77 9.73 -30.76
C ILE A 893 -20.56 10.64 -30.82
N PRO A 894 -20.36 11.48 -29.81
CA PRO A 894 -19.27 12.45 -29.84
C PRO A 894 -17.90 11.94 -29.41
N VAL A 895 -17.09 11.42 -30.32
CA VAL A 895 -15.70 11.10 -30.01
C VAL A 895 -14.86 12.36 -30.16
N VAL A 896 -14.17 12.76 -29.09
CA VAL A 896 -13.40 14.00 -29.06
C VAL A 896 -11.97 13.66 -28.65
N ALA A 897 -11.00 14.19 -29.39
CA ALA A 897 -9.59 13.93 -29.13
C ALA A 897 -8.81 15.23 -29.03
N THR A 898 -7.78 15.24 -28.20
CA THR A 898 -6.97 16.43 -27.97
C THR A 898 -5.52 16.02 -27.75
N GLY A 899 -4.63 16.50 -28.61
CA GLY A 899 -3.21 16.25 -28.46
C GLY A 899 -2.79 14.80 -28.63
N VAL A 900 -3.31 14.12 -29.66
CA VAL A 900 -3.07 12.70 -29.89
C VAL A 900 -2.21 12.55 -31.13
N MET A 901 -1.30 11.59 -31.10
CA MET A 901 -0.49 11.24 -32.26
C MET A 901 -1.11 10.03 -32.95
N PHE A 902 -1.57 10.22 -34.18
CA PHE A 902 -2.24 9.17 -34.93
C PHE A 902 -1.24 8.45 -35.82
N VAL A 903 -1.13 7.14 -35.66
CA VAL A 903 -0.25 6.29 -36.47
C VAL A 903 -1.12 5.25 -37.14
N GLY A 904 -0.97 5.09 -38.45
CA GLY A 904 -1.75 4.13 -39.20
C GLY A 904 -1.63 4.31 -40.70
N PRO A 905 -2.50 3.65 -41.44
CA PRO A 905 -2.43 3.69 -42.91
C PRO A 905 -3.08 4.94 -43.51
N TYR A 906 -2.46 6.09 -43.23
CA TYR A 906 -2.90 7.36 -43.78
C TYR A 906 -2.05 7.73 -44.98
N SER A 907 -2.60 8.62 -45.81
CA SER A 907 -1.89 9.02 -47.03
C SER A 907 -2.20 10.48 -47.34
N GLN A 908 -1.26 11.13 -48.02
CA GLN A 908 -1.46 12.50 -48.48
C GLN A 908 -1.70 12.59 -49.97
N THR A 909 -1.34 11.57 -50.74
CA THR A 909 -1.54 11.58 -52.19
C THR A 909 -2.66 10.66 -52.64
N GLU A 910 -3.27 9.91 -51.73
CA GLU A 910 -4.38 9.02 -52.07
C GLU A 910 -5.45 9.11 -50.99
N VAL A 911 -6.66 8.73 -51.36
CA VAL A 911 -7.80 8.72 -50.44
C VAL A 911 -7.96 7.29 -49.94
N THR A 912 -7.53 7.05 -48.71
CA THR A 912 -7.61 5.73 -48.09
C THR A 912 -8.79 5.68 -47.12
N GLY A 913 -9.11 4.46 -46.69
CA GLY A 913 -10.23 4.28 -45.77
C GLY A 913 -9.99 4.92 -44.42
N ALA A 914 -8.75 4.86 -43.93
CA ALA A 914 -8.45 5.44 -42.64
C ALA A 914 -8.61 6.96 -42.65
N ASN A 915 -8.26 7.61 -43.77
CA ASN A 915 -8.48 9.05 -43.89
C ASN A 915 -9.95 9.40 -43.65
N LEU A 916 -10.84 8.75 -44.37
CA LEU A 916 -12.26 9.05 -44.25
C LEU A 916 -12.79 8.67 -42.87
N ASN A 917 -12.33 7.54 -42.32
CA ASN A 917 -12.80 7.13 -41.02
C ASN A 917 -12.44 8.16 -39.94
N VAL A 918 -11.20 8.61 -39.94
CA VAL A 918 -10.79 9.57 -38.92
C VAL A 918 -11.43 10.93 -39.17
N ALA A 919 -11.68 11.29 -40.44
CA ALA A 919 -12.31 12.58 -40.69
C ALA A 919 -13.77 12.59 -40.27
N GLU A 920 -14.46 11.44 -40.38
CA GLU A 920 -15.87 11.41 -40.04
C GLU A 920 -16.13 11.19 -38.56
N PHE A 921 -15.42 10.26 -37.93
CA PHE A 921 -15.83 9.82 -36.60
C PHE A 921 -15.11 10.50 -35.45
N VAL A 922 -14.03 11.25 -35.70
CA VAL A 922 -13.26 11.86 -34.63
C VAL A 922 -13.19 13.37 -34.88
N GLN A 923 -13.49 14.15 -33.86
CA GLN A 923 -13.29 15.60 -33.88
C GLN A 923 -11.97 15.88 -33.17
N ALA A 924 -10.94 16.20 -33.95
CA ALA A 924 -9.59 16.32 -33.45
C ALA A 924 -9.15 17.78 -33.42
N SER A 925 -8.21 18.08 -32.53
CA SER A 925 -7.66 19.43 -32.42
C SER A 925 -6.24 19.31 -31.87
N GLY A 926 -5.27 19.81 -32.62
CA GLY A 926 -3.88 19.69 -32.24
C GLY A 926 -3.35 18.28 -32.28
N CYS A 927 -3.59 17.59 -33.39
CA CYS A 927 -3.20 16.19 -33.56
C CYS A 927 -2.27 16.05 -34.77
N LYS A 928 -1.51 14.97 -34.77
CA LYS A 928 -0.52 14.68 -35.81
C LYS A 928 -0.81 13.33 -36.44
N PHE A 929 -0.35 13.17 -37.69
CA PHE A 929 -0.56 11.95 -38.45
C PHE A 929 0.76 11.48 -39.06
N LEU A 930 0.99 10.17 -38.98
CA LEU A 930 2.22 9.58 -39.50
C LEU A 930 1.93 8.17 -39.96
N SER A 931 2.30 7.83 -41.19
CA SER A 931 2.09 6.46 -41.64
C SER A 931 3.35 5.61 -41.49
N SER A 932 4.40 5.93 -42.23
CA SER A 932 5.64 5.17 -42.13
C SER A 932 6.87 6.05 -42.02
N GLY A 933 6.91 7.16 -42.75
CA GLY A 933 8.13 7.89 -42.96
C GLY A 933 8.55 8.66 -41.73
N PRO A 934 9.73 9.26 -41.79
CA PRO A 934 10.19 10.08 -40.65
C PRO A 934 9.40 11.36 -40.46
N THR A 935 8.64 11.79 -41.45
CA THR A 935 7.91 13.06 -41.40
C THR A 935 6.42 12.81 -41.23
N TYR A 936 5.66 13.90 -41.17
CA TYR A 936 4.24 13.88 -40.89
C TYR A 936 3.45 14.33 -42.11
N ILE A 937 2.18 13.91 -42.16
CA ILE A 937 1.35 14.09 -43.34
C ILE A 937 0.00 14.68 -42.95
N GLN A 938 -0.71 15.17 -43.97
CA GLN A 938 -2.08 15.66 -43.84
C GLN A 938 -3.01 14.75 -44.64
N PRO A 939 -3.96 14.07 -44.01
CA PRO A 939 -4.82 13.15 -44.77
C PRO A 939 -5.60 13.84 -45.86
N LEU A 940 -5.71 13.17 -47.01
CA LEU A 940 -6.43 13.69 -48.16
C LEU A 940 -7.83 13.10 -48.19
N LEU A 941 -8.83 13.95 -48.40
CA LEU A 941 -10.22 13.52 -48.38
C LEU A 941 -10.91 13.57 -49.74
N TRP A 942 -10.43 14.38 -50.67
CA TRP A 942 -11.10 14.53 -51.94
C TRP A 942 -10.11 15.04 -52.98
N SER A 943 -10.26 14.56 -54.21
CA SER A 943 -9.44 15.00 -55.32
C SER A 943 -10.34 15.24 -56.52
N GLY A 944 -9.99 16.24 -57.32
CA GLY A 944 -10.82 16.56 -58.48
C GLY A 944 -10.54 17.96 -58.98
N ALA A 945 -11.57 18.56 -59.59
CA ALA A 945 -11.47 19.92 -60.15
C ALA A 945 -12.76 20.66 -59.80
N GLY A 946 -12.75 21.36 -58.67
CA GLY A 946 -13.90 22.09 -58.18
C GLY A 946 -14.07 23.49 -58.75
N GLY A 947 -14.61 23.59 -59.97
CA GLY A 947 -14.77 24.86 -60.62
C GLY A 947 -16.01 25.62 -60.17
N PRO A 948 -16.32 26.71 -60.87
CA PRO A 948 -17.48 27.54 -60.49
C PRO A 948 -18.81 26.80 -60.51
N THR A 949 -19.00 25.86 -61.43
CA THR A 949 -20.26 25.13 -61.48
C THR A 949 -20.40 24.19 -60.29
N GLY A 950 -19.32 23.55 -59.89
CA GLY A 950 -19.33 22.64 -58.75
C GLY A 950 -19.07 21.22 -59.20
N ALA A 951 -18.35 20.47 -58.36
CA ALA A 951 -18.05 19.07 -58.60
C ALA A 951 -18.69 18.21 -57.52
N SER A 952 -19.18 17.04 -57.91
CA SER A 952 -19.86 16.17 -56.98
C SER A 952 -18.87 15.56 -55.97
N ALA A 953 -19.36 15.34 -54.76
CA ALA A 953 -18.58 14.72 -53.71
C ALA A 953 -19.51 13.98 -52.77
N ASN A 954 -18.97 13.02 -52.03
CA ASN A 954 -19.77 12.29 -51.05
C ASN A 954 -18.84 11.80 -49.94
N PHE A 955 -18.76 12.58 -48.85
CA PHE A 955 -18.01 12.14 -47.68
C PHE A 955 -18.46 12.96 -46.48
N ASN A 956 -18.50 12.32 -45.32
CA ASN A 956 -18.95 12.94 -44.09
C ASN A 956 -17.75 13.42 -43.27
N VAL A 957 -17.96 14.50 -42.52
CA VAL A 957 -16.93 15.04 -41.65
C VAL A 957 -17.59 15.61 -40.40
N ALA A 958 -17.04 15.28 -39.23
CA ALA A 958 -17.61 15.77 -37.97
C ALA A 958 -17.50 17.28 -37.89
N ARG A 959 -18.58 17.92 -37.46
CA ARG A 959 -18.58 19.37 -37.33
C ARG A 959 -17.62 19.80 -36.23
N GLY A 960 -16.91 20.89 -36.49
CA GLY A 960 -15.84 21.34 -35.62
C GLY A 960 -14.45 21.04 -36.14
N ASN A 961 -14.33 20.14 -37.10
CA ASN A 961 -13.05 19.89 -37.74
C ASN A 961 -12.71 21.02 -38.72
N THR A 962 -11.42 21.18 -38.97
CA THR A 962 -10.91 22.20 -39.88
C THR A 962 -10.40 21.54 -41.14
N LEU A 963 -10.76 22.09 -42.29
CA LEU A 963 -10.38 21.55 -43.59
C LEU A 963 -9.44 22.51 -44.31
N GLY A 964 -8.53 21.94 -45.09
CA GLY A 964 -7.61 22.72 -45.90
C GLY A 964 -7.90 22.50 -47.38
N LEU A 965 -7.89 23.58 -48.15
CA LEU A 965 -8.18 23.54 -49.57
C LEU A 965 -6.96 24.04 -50.35
N ASN A 966 -6.56 23.27 -51.36
CA ASN A 966 -5.49 23.66 -52.27
C ASN A 966 -6.14 24.22 -53.54
N ILE A 967 -5.91 25.49 -53.81
CA ILE A 967 -6.59 26.22 -54.87
C ILE A 967 -5.57 26.68 -55.89
N SER A 968 -5.85 26.44 -57.16
CA SER A 968 -5.04 26.91 -58.27
C SER A 968 -5.76 28.09 -58.91
N ALA A 969 -5.30 29.30 -58.61
CA ALA A 969 -5.92 30.52 -59.09
C ALA A 969 -5.17 31.05 -60.31
N VAL A 970 -5.91 31.47 -61.33
CA VAL A 970 -5.31 31.96 -62.56
C VAL A 970 -6.04 33.23 -62.98
N ASN A 971 -5.29 34.30 -63.18
CA ASN A 971 -5.81 35.54 -63.75
C ASN A 971 -5.58 35.51 -65.26
N GLY A 972 -5.70 36.66 -65.92
CA GLY A 972 -5.54 36.67 -67.36
C GLY A 972 -4.21 36.11 -67.83
N GLU A 973 -3.13 36.48 -67.16
CA GLU A 973 -1.80 36.00 -67.52
C GLU A 973 -0.98 35.46 -66.36
N THR A 974 -1.34 35.75 -65.12
CA THR A 974 -0.60 35.29 -63.96
C THR A 974 -1.33 34.14 -63.28
N SER A 975 -0.60 33.40 -62.46
CA SER A 975 -1.15 32.27 -61.74
C SER A 975 -0.52 32.22 -60.35
N GLN A 976 -1.19 31.51 -59.44
CA GLN A 976 -0.74 31.44 -58.06
C GLN A 976 -1.39 30.24 -57.38
N VAL A 977 -0.68 29.70 -56.40
CA VAL A 977 -1.18 28.60 -55.58
C VAL A 977 -1.68 29.17 -54.26
N ILE A 978 -2.92 28.85 -53.90
CA ILE A 978 -3.57 29.41 -52.72
C ILE A 978 -3.81 28.29 -51.71
N ALA A 979 -3.49 28.55 -50.45
CA ALA A 979 -3.80 27.66 -49.35
C ALA A 979 -4.87 28.31 -48.49
N ALA A 980 -6.00 27.63 -48.33
CA ALA A 980 -7.13 28.17 -47.60
C ALA A 980 -7.58 27.18 -46.54
N THR A 981 -7.98 27.70 -45.38
CA THR A 981 -8.50 26.89 -44.29
C THR A 981 -9.96 27.23 -44.05
N LEU A 982 -10.72 26.22 -43.62
CA LEU A 982 -12.16 26.35 -43.47
C LEU A 982 -12.62 25.53 -42.27
N VAL A 983 -13.52 26.09 -41.48
CA VAL A 983 -14.06 25.44 -40.29
C VAL A 983 -15.52 25.09 -40.56
N ILE A 984 -15.88 23.85 -40.30
CA ILE A 984 -17.26 23.40 -40.50
C ILE A 984 -18.13 23.95 -39.37
N PRO A 985 -19.22 24.64 -39.68
CA PRO A 985 -20.09 25.16 -38.63
C PRO A 985 -20.74 24.04 -37.81
N GLN A 986 -21.11 24.38 -36.58
CA GLN A 986 -21.53 23.36 -35.61
C GLN A 986 -22.98 22.93 -35.77
N GLY A 987 -23.81 23.67 -36.49
CA GLY A 987 -25.17 23.20 -36.68
C GLY A 987 -26.25 24.12 -36.15
N PHE A 988 -25.87 25.34 -35.78
CA PHE A 988 -26.86 26.36 -35.41
C PHE A 988 -27.68 26.81 -36.60
N SER A 989 -27.19 26.59 -37.81
CA SER A 989 -27.81 27.07 -39.04
C SER A 989 -27.89 25.93 -40.04
N THR A 990 -28.49 26.22 -41.19
CA THR A 990 -28.63 25.25 -42.27
C THR A 990 -27.85 25.63 -43.51
N GLY A 991 -27.03 26.68 -43.44
CA GLY A 991 -26.28 27.13 -44.59
C GLY A 991 -25.02 26.31 -44.81
N PRO A 992 -24.37 26.56 -45.94
CA PRO A 992 -23.15 25.84 -46.27
C PRO A 992 -21.93 26.48 -45.62
N ALA A 993 -20.79 25.81 -45.79
CA ALA A 993 -19.51 26.32 -45.32
C ALA A 993 -18.82 27.06 -46.46
N ALA A 994 -18.69 28.37 -46.31
CA ALA A 994 -18.10 29.22 -47.34
C ALA A 994 -17.05 30.12 -46.74
N GLY A 995 -16.34 30.83 -47.60
CA GLY A 995 -15.28 31.72 -47.15
C GLY A 995 -14.72 32.49 -48.32
N THR A 996 -13.87 33.45 -47.99
CA THR A 996 -13.24 34.32 -48.97
C THR A 996 -11.80 34.58 -48.59
N THR A 997 -10.92 34.57 -49.58
CA THR A 997 -9.51 34.89 -49.38
C THR A 997 -9.05 35.75 -50.54
N TYR A 998 -7.81 36.24 -50.43
CA TYR A 998 -7.25 37.13 -51.43
C TYR A 998 -5.91 36.60 -51.89
N GLY A 999 -5.54 36.94 -53.11
CA GLY A 999 -4.24 36.57 -53.62
C GLY A 999 -3.54 37.72 -54.31
N PHE A 1000 -2.39 38.14 -53.79
CA PHE A 1000 -1.56 39.06 -54.53
C PHE A 1000 -0.93 38.33 -55.72
N ALA A 1001 -0.49 39.11 -56.70
CA ALA A 1001 0.06 38.62 -57.96
C ALA A 1001 -1.03 38.08 -58.88
N VAL A 1002 -2.26 38.00 -58.38
CA VAL A 1002 -3.43 37.85 -59.25
C VAL A 1002 -4.44 38.96 -59.05
N GLU A 1003 -4.36 39.72 -57.96
CA GLU A 1003 -5.17 40.92 -57.75
C GLU A 1003 -6.66 40.63 -57.84
N LYS A 1004 -7.11 39.62 -57.10
CA LYS A 1004 -8.52 39.28 -57.06
C LYS A 1004 -8.79 38.46 -55.80
N ASN A 1005 -10.07 38.38 -55.44
CA ASN A 1005 -10.50 37.53 -54.34
C ASN A 1005 -10.84 36.13 -54.85
N ILE A 1006 -10.74 35.16 -53.95
CA ILE A 1006 -11.10 33.77 -54.22
C ILE A 1006 -12.25 33.40 -53.30
N ASN A 1007 -13.34 32.91 -53.89
CA ASN A 1007 -14.54 32.54 -53.14
C ASN A 1007 -14.76 31.04 -53.28
N TYR A 1008 -15.04 30.37 -52.16
CA TYR A 1008 -15.24 28.94 -52.15
C TYR A 1008 -16.39 28.59 -51.22
N GLN A 1009 -17.00 27.43 -51.46
CA GLN A 1009 -18.15 27.00 -50.67
C GLN A 1009 -18.29 25.49 -50.74
N LEU A 1010 -18.65 24.88 -49.62
CA LEU A 1010 -18.88 23.44 -49.52
C LEU A 1010 -20.32 23.20 -49.10
N GLY A 1011 -21.10 22.53 -49.96
CA GLY A 1011 -22.48 22.26 -49.63
C GLY A 1011 -22.61 21.18 -48.58
N LEU A 1012 -23.50 21.40 -47.62
CA LEU A 1012 -23.64 20.53 -46.46
C LEU A 1012 -25.04 19.95 -46.36
N ASN A 1013 -25.12 18.67 -46.02
CA ASN A 1013 -26.38 18.00 -45.71
C ASN A 1013 -26.31 17.54 -44.26
N ALA A 1014 -27.33 17.86 -43.48
CA ALA A 1014 -27.28 17.70 -42.03
C ALA A 1014 -27.41 16.24 -41.63
N ARG A 1015 -26.46 15.76 -40.83
CA ARG A 1015 -26.58 14.46 -40.16
C ARG A 1015 -26.20 14.67 -38.69
N SER A 1016 -27.17 15.15 -37.90
CA SER A 1016 -27.00 15.40 -36.47
C SER A 1016 -25.67 16.07 -36.14
N LEU A 1017 -24.74 15.31 -35.53
CA LEU A 1017 -23.44 15.83 -35.15
C LEU A 1017 -22.47 15.95 -36.32
N LYS A 1018 -22.76 15.31 -37.44
CA LYS A 1018 -21.90 15.30 -38.61
C LYS A 1018 -22.55 16.06 -39.76
N ALA A 1019 -21.77 16.25 -40.82
CA ALA A 1019 -22.26 16.91 -42.02
C ALA A 1019 -21.77 16.14 -43.25
N ASN A 1020 -22.63 16.03 -44.25
CA ASN A 1020 -22.31 15.35 -45.49
C ASN A 1020 -22.00 16.37 -46.56
N VAL A 1021 -20.80 16.31 -47.11
CA VAL A 1021 -20.38 17.23 -48.16
C VAL A 1021 -20.84 16.69 -49.50
N GLY A 1022 -21.59 17.49 -50.24
CA GLY A 1022 -22.16 17.02 -51.48
C GLY A 1022 -21.64 17.70 -52.73
N LEU A 1023 -21.19 18.95 -52.59
CA LEU A 1023 -20.75 19.74 -53.73
C LEU A 1023 -19.56 20.60 -53.32
N VAL A 1024 -18.58 20.70 -54.22
CA VAL A 1024 -17.38 21.51 -54.01
C VAL A 1024 -17.41 22.62 -55.05
N ARG A 1025 -17.39 23.86 -54.59
CA ARG A 1025 -17.55 25.02 -55.46
C ARG A 1025 -16.47 26.06 -55.17
N CYS A 1026 -15.98 26.69 -56.23
CA CYS A 1026 -14.95 27.72 -56.10
C CYS A 1026 -14.91 28.54 -57.38
N SER A 1027 -14.65 29.84 -57.23
CA SER A 1027 -14.52 30.70 -58.41
C SER A 1027 -13.32 30.29 -59.26
N ASP A 1028 -12.22 29.93 -58.61
CA ASP A 1028 -11.10 29.27 -59.27
C ASP A 1028 -11.27 27.76 -59.10
N THR A 1029 -10.21 26.99 -59.36
CA THR A 1029 -10.27 25.54 -59.30
C THR A 1029 -9.72 25.03 -57.97
N ILE A 1030 -10.48 24.16 -57.32
CA ILE A 1030 -10.02 23.45 -56.12
C ILE A 1030 -9.53 22.07 -56.56
N THR A 1031 -8.30 21.73 -56.19
CA THR A 1031 -7.71 20.47 -56.62
C THR A 1031 -7.73 19.39 -55.55
N GLY A 1032 -7.76 19.75 -54.27
CA GLY A 1032 -7.76 18.76 -53.22
C GLY A 1032 -8.30 19.32 -51.92
N VAL A 1033 -8.92 18.45 -51.13
CA VAL A 1033 -9.44 18.80 -49.81
C VAL A 1033 -8.76 17.92 -48.78
N TYR A 1034 -8.18 18.52 -47.76
CA TYR A 1034 -7.38 17.82 -46.78
C TYR A 1034 -7.93 18.04 -45.39
N LEU A 1035 -7.50 17.21 -44.44
CA LEU A 1035 -7.86 17.35 -43.04
C LEU A 1035 -6.80 18.20 -42.36
N ASN A 1036 -7.13 19.47 -42.12
CA ASN A 1036 -6.20 20.42 -41.50
C ASN A 1036 -6.31 20.31 -39.98
N ALA A 1037 -5.82 19.18 -39.46
CA ALA A 1037 -5.89 18.93 -38.03
C ALA A 1037 -4.83 17.92 -37.62
N SER B 263 22.37 -56.35 54.55
CA SER B 263 22.97 -56.50 53.23
C SER B 263 22.74 -55.26 52.39
N LYS B 264 21.56 -55.17 51.78
CA LYS B 264 21.16 -54.00 50.99
C LYS B 264 20.29 -53.12 51.86
N ALA B 265 20.81 -51.97 52.26
CA ALA B 265 20.16 -51.11 53.22
C ALA B 265 19.60 -49.86 52.54
N LEU B 266 18.61 -49.25 53.18
CA LEU B 266 18.14 -47.95 52.75
C LEU B 266 19.25 -46.93 52.92
N GLY B 267 19.24 -45.92 52.06
CA GLY B 267 20.38 -45.01 51.97
C GLY B 267 21.33 -45.44 50.89
N VAL B 268 21.76 -46.69 50.91
CA VAL B 268 22.48 -47.24 49.76
C VAL B 268 21.52 -47.45 48.59
N LEU B 269 20.30 -47.94 48.88
CA LEU B 269 19.31 -48.10 47.83
C LEU B 269 18.83 -46.75 47.31
N LEU B 270 18.64 -45.77 48.20
CA LEU B 270 18.14 -44.47 47.77
C LEU B 270 19.13 -43.77 46.84
N ALA B 271 20.43 -43.90 47.12
CA ALA B 271 21.43 -43.24 46.31
C ALA B 271 21.61 -43.91 44.96
N GLY B 272 21.11 -45.12 44.78
CA GLY B 272 21.23 -45.82 43.53
C GLY B 272 20.26 -45.29 42.48
N PRO B 273 20.32 -45.88 41.30
CA PRO B 273 19.44 -45.43 40.21
C PRO B 273 17.96 -45.56 40.52
N SER B 274 17.56 -46.54 41.30
CA SER B 274 16.16 -46.72 41.67
C SER B 274 15.83 -46.02 42.99
N GLY B 275 16.19 -44.76 43.10
CA GLY B 275 15.96 -44.03 44.32
C GLY B 275 14.70 -43.20 44.31
N ALA B 276 14.49 -42.43 43.24
CA ALA B 276 13.31 -41.59 43.15
C ALA B 276 12.02 -42.39 43.00
N GLU B 277 12.12 -43.67 42.63
CA GLU B 277 10.95 -44.51 42.52
C GLU B 277 10.36 -44.88 43.88
N ARG B 278 11.08 -44.63 44.97
CA ARG B 278 10.64 -45.00 46.30
C ARG B 278 10.09 -43.82 47.09
N VAL B 279 9.93 -42.66 46.47
CA VAL B 279 9.43 -41.47 47.14
C VAL B 279 8.12 -41.07 46.47
N GLY B 280 7.05 -40.96 47.26
CA GLY B 280 5.73 -40.68 46.74
C GLY B 280 5.36 -39.21 46.85
N LEU B 281 4.48 -38.78 45.93
CA LEU B 281 4.01 -37.41 45.87
C LEU B 281 2.59 -37.31 46.40
N LYS B 282 2.24 -36.11 46.85
CA LYS B 282 0.91 -35.89 47.43
C LYS B 282 -0.19 -36.07 46.40
N GLN B 283 0.02 -35.56 45.18
CA GLN B 283 -0.98 -35.66 44.14
C GLN B 283 -1.08 -37.04 43.52
N GLY B 284 -0.13 -37.93 43.81
CA GLY B 284 -0.14 -39.25 43.22
C GLY B 284 1.14 -39.55 42.46
N GLY B 285 1.50 -40.82 42.36
CA GLY B 285 2.71 -41.20 41.67
C GLY B 285 3.95 -41.01 42.53
N THR B 286 5.10 -41.09 41.87
CA THR B 286 6.39 -40.98 42.52
C THR B 286 7.15 -39.78 41.96
N VAL B 287 8.30 -39.49 42.58
CA VAL B 287 9.15 -38.41 42.11
C VAL B 287 9.75 -38.73 40.76
N GLN B 288 10.07 -40.02 40.52
CA GLN B 288 10.65 -40.42 39.25
C GLN B 288 9.73 -40.12 38.08
N ASP B 289 8.41 -40.23 38.28
CA ASP B 289 7.48 -39.97 37.19
C ASP B 289 7.53 -38.50 36.77
N ALA B 290 7.68 -37.59 37.73
CA ALA B 290 7.64 -36.17 37.40
C ALA B 290 8.88 -35.73 36.64
N ILE B 291 10.07 -36.13 37.11
CA ILE B 291 11.32 -35.69 36.49
C ILE B 291 11.63 -36.58 35.30
N ASN B 292 11.83 -35.95 34.12
CA ASN B 292 12.09 -36.72 32.92
C ASN B 292 13.12 -36.06 32.02
N TRP B 293 14.02 -35.25 32.58
CA TRP B 293 15.03 -34.56 31.79
C TRP B 293 16.40 -34.76 32.41
N LEU B 294 17.44 -34.36 31.68
CA LEU B 294 18.82 -34.48 32.10
C LEU B 294 19.47 -33.10 32.17
N THR B 295 20.50 -32.99 33.00
CA THR B 295 21.25 -31.76 33.16
C THR B 295 22.74 -32.06 33.05
N PHE B 296 23.53 -31.00 32.86
CA PHE B 296 24.98 -31.15 32.92
C PHE B 296 25.45 -31.47 34.33
N ASP B 297 24.76 -30.95 35.35
CA ASP B 297 25.09 -31.27 36.72
C ASP B 297 24.88 -32.75 37.05
N SER B 298 24.08 -33.45 36.25
CA SER B 298 23.87 -34.87 36.49
C SER B 298 25.12 -35.70 36.27
N PHE B 299 26.13 -35.13 35.62
CA PHE B 299 27.39 -35.84 35.38
C PHE B 299 28.58 -35.18 36.07
N ASP B 300 28.33 -34.22 36.97
CA ASP B 300 29.37 -33.56 37.74
C ASP B 300 30.41 -32.88 36.84
N ILE B 301 29.93 -32.05 35.94
CA ILE B 301 30.79 -31.36 34.99
C ILE B 301 31.24 -30.04 35.62
N VAL B 302 32.56 -29.82 35.65
CA VAL B 302 33.11 -28.63 36.28
C VAL B 302 32.67 -27.38 35.53
N LYS B 303 32.06 -26.44 36.25
CA LYS B 303 31.43 -25.29 35.62
C LYS B 303 31.96 -23.97 36.17
N ASP B 304 33.22 -23.93 36.58
CA ASP B 304 33.88 -22.67 36.95
C ASP B 304 34.88 -22.23 35.90
N GLY B 305 34.97 -22.92 34.77
CA GLY B 305 35.88 -22.55 33.71
C GLY B 305 37.33 -22.88 33.97
N SER B 306 37.63 -23.71 34.96
CA SER B 306 39.01 -24.00 35.34
C SER B 306 39.48 -25.36 34.85
N LYS B 307 38.73 -26.01 33.97
CA LYS B 307 39.11 -27.33 33.49
C LYS B 307 38.47 -27.58 32.14
N ASP B 308 39.22 -28.23 31.24
CA ASP B 308 38.68 -28.60 29.94
C ASP B 308 37.67 -29.73 30.11
N VAL B 309 36.46 -29.52 29.57
CA VAL B 309 35.38 -30.48 29.76
C VAL B 309 34.81 -30.89 28.41
N THR B 310 35.64 -30.89 27.38
CA THR B 310 35.18 -31.23 26.04
C THR B 310 34.70 -32.68 25.98
N ALA B 311 35.43 -33.60 26.59
CA ALA B 311 35.04 -34.99 26.60
C ALA B 311 33.88 -35.29 27.53
N ASP B 312 33.70 -34.48 28.58
CA ASP B 312 32.60 -34.72 29.52
C ASP B 312 31.26 -34.34 28.90
N ILE B 313 31.22 -33.23 28.16
CA ILE B 313 29.97 -32.83 27.51
C ILE B 313 29.58 -33.85 26.45
N MET B 314 30.55 -34.40 25.75
CA MET B 314 30.26 -35.40 24.71
C MET B 314 29.62 -36.64 25.32
N ALA B 315 30.11 -37.09 26.48
CA ALA B 315 29.53 -38.26 27.12
C ALA B 315 28.10 -37.99 27.57
N ALA B 316 27.82 -36.78 28.04
CA ALA B 316 26.46 -36.43 28.44
C ALA B 316 25.49 -36.46 27.26
N CYS B 317 25.93 -35.96 26.11
CA CYS B 317 25.07 -35.96 24.94
C CYS B 317 24.78 -37.38 24.47
N VAL B 318 25.75 -38.28 24.60
CA VAL B 318 25.57 -39.66 24.17
C VAL B 318 24.49 -40.35 25.01
N VAL B 319 24.50 -40.11 26.32
CA VAL B 319 23.51 -40.74 27.19
C VAL B 319 22.11 -40.24 26.87
N ALA B 320 21.96 -38.93 26.65
CA ALA B 320 20.64 -38.36 26.38
C ALA B 320 20.06 -38.88 25.08
N ASN B 321 20.89 -39.02 24.05
CA ASN B 321 20.40 -39.49 22.75
C ASN B 321 19.89 -40.92 22.84
N ASP B 322 20.58 -41.77 23.61
CA ASP B 322 20.14 -43.15 23.77
C ASP B 322 18.79 -43.24 24.46
N LEU B 323 18.60 -42.46 25.52
CA LEU B 323 17.35 -42.49 26.26
C LEU B 323 16.28 -41.57 25.66
N GLY B 324 16.64 -40.72 24.72
CA GLY B 324 15.69 -39.81 24.10
C GLY B 324 15.13 -38.74 25.00
N LEU B 325 15.97 -38.09 25.80
CA LEU B 325 15.54 -37.06 26.73
C LEU B 325 16.08 -35.70 26.31
N ASP B 326 15.56 -34.67 26.95
CA ASP B 326 16.03 -33.29 26.75
C ASP B 326 17.11 -32.95 27.74
N ILE B 327 17.95 -31.98 27.37
CA ILE B 327 19.04 -31.49 28.21
C ILE B 327 18.70 -30.07 28.66
N LYS B 328 18.81 -29.82 29.95
CA LYS B 328 18.52 -28.52 30.53
C LYS B 328 19.68 -28.10 31.42
N GLN B 329 20.10 -26.84 31.31
CA GLN B 329 21.17 -26.29 32.13
C GLN B 329 21.11 -24.78 32.05
N ASN B 330 21.01 -24.12 33.21
CA ASN B 330 20.77 -22.68 33.22
C ASN B 330 21.85 -21.88 33.94
N ASP B 331 23.00 -22.47 34.22
CA ASP B 331 24.09 -21.71 34.84
C ASP B 331 25.41 -22.43 34.60
N GLY B 332 26.49 -21.71 34.84
CA GLY B 332 27.82 -22.26 34.74
C GLY B 332 28.57 -21.73 33.52
N THR B 333 29.90 -21.84 33.60
CA THR B 333 30.79 -21.50 32.50
C THR B 333 31.73 -22.67 32.25
N TYR B 334 31.84 -23.09 31.00
CA TYR B 334 32.59 -24.29 30.64
C TYR B 334 33.68 -23.94 29.62
N LEU B 335 34.86 -24.51 29.84
CA LEU B 335 36.00 -24.32 28.95
C LEU B 335 36.11 -25.51 28.01
N VAL B 336 36.19 -25.26 26.72
CA VAL B 336 36.22 -26.31 25.71
C VAL B 336 37.33 -26.04 24.72
N SER B 337 37.85 -27.10 24.12
CA SER B 337 38.93 -27.00 23.16
C SER B 337 38.92 -28.22 22.26
N GLY B 338 39.65 -28.12 21.15
CA GLY B 338 39.71 -29.22 20.20
C GLY B 338 38.68 -29.09 19.09
N ASN B 339 38.28 -30.23 18.51
CA ASN B 339 37.24 -30.26 17.47
C ASN B 339 36.27 -31.39 17.75
N PRO B 340 35.46 -31.28 18.79
CA PRO B 340 34.41 -32.29 19.02
C PRO B 340 33.21 -32.07 18.12
N VAL B 341 32.40 -33.11 18.01
CA VAL B 341 31.12 -33.05 17.31
C VAL B 341 30.08 -33.58 18.29
N TRP B 342 29.34 -32.68 18.94
CA TRP B 342 28.35 -33.08 19.92
C TRP B 342 27.01 -33.26 19.23
N PRO B 343 26.46 -34.48 19.14
CA PRO B 343 25.16 -34.67 18.50
C PRO B 343 24.00 -34.56 19.47
N VAL B 344 22.96 -33.85 19.04
CA VAL B 344 21.76 -33.65 19.83
C VAL B 344 20.56 -34.01 18.95
N TYR B 345 19.73 -34.94 19.44
CA TYR B 345 18.57 -35.41 18.69
C TYR B 345 17.25 -34.90 19.23
N ASN B 346 17.26 -34.12 20.30
CA ASN B 346 16.03 -33.68 20.95
C ASN B 346 16.22 -32.22 21.35
N SER B 347 15.36 -31.73 22.24
CA SER B 347 15.44 -30.34 22.69
C SER B 347 16.71 -30.09 23.49
N LEU B 348 17.18 -28.85 23.45
CA LEU B 348 18.38 -28.43 24.16
C LEU B 348 18.15 -27.04 24.73
N ASP B 349 18.30 -26.90 26.04
CA ASP B 349 18.07 -25.65 26.75
C ASP B 349 19.36 -25.22 27.45
N LEU B 350 19.98 -24.16 26.95
CA LEU B 350 21.24 -23.67 27.51
C LEU B 350 21.17 -22.18 27.81
N ASN B 351 19.98 -21.67 28.11
CA ASN B 351 19.82 -20.25 28.42
C ASN B 351 20.42 -19.97 29.79
N GLY B 352 21.47 -19.16 29.83
CA GLY B 352 22.19 -18.88 31.05
C GLY B 352 23.56 -19.53 31.16
N VAL B 353 23.96 -20.31 30.16
CA VAL B 353 25.24 -20.99 30.15
C VAL B 353 26.20 -20.21 29.25
N THR B 354 27.45 -20.10 29.68
CA THR B 354 28.50 -19.49 28.87
C THR B 354 29.53 -20.55 28.50
N LEU B 355 29.87 -20.63 27.22
CA LEU B 355 30.94 -21.49 26.75
C LEU B 355 32.16 -20.65 26.45
N LYS B 356 33.28 -21.00 27.07
CA LYS B 356 34.54 -20.29 26.90
C LYS B 356 35.43 -21.09 25.96
N LEU B 357 35.55 -20.62 24.72
CA LEU B 357 36.26 -21.34 23.68
C LEU B 357 37.75 -21.04 23.75
N ALA B 358 38.56 -22.08 23.56
CA ALA B 358 39.99 -21.91 23.45
C ALA B 358 40.35 -21.35 22.08
N ALA B 359 41.62 -20.96 21.94
CA ALA B 359 42.06 -20.30 20.71
C ALA B 359 42.01 -21.24 19.50
N GLY B 360 42.26 -22.53 19.71
CA GLY B 360 42.29 -23.48 18.62
C GLY B 360 41.03 -24.31 18.48
N PHE B 361 39.93 -23.86 19.07
CA PHE B 361 38.69 -24.62 19.04
C PHE B 361 38.11 -24.66 17.63
N THR B 362 37.70 -25.86 17.19
CA THR B 362 37.10 -26.00 15.87
C THR B 362 35.91 -26.97 15.85
N GLY B 363 35.35 -27.30 17.01
CA GLY B 363 34.20 -28.18 17.07
C GLY B 363 32.88 -27.44 17.03
N TYR B 364 31.80 -28.20 17.17
CA TYR B 364 30.48 -27.59 17.09
C TYR B 364 29.42 -28.51 17.68
N PHE B 365 28.26 -27.91 17.97
CA PHE B 365 27.04 -28.65 18.27
C PHE B 365 26.37 -29.06 16.96
N ALA B 366 25.94 -30.32 16.86
CA ALA B 366 25.27 -30.82 15.68
C ALA B 366 23.82 -31.14 16.04
N LEU B 367 22.93 -30.17 15.82
CA LEU B 367 21.52 -30.31 16.11
C LEU B 367 20.83 -30.94 14.91
N THR B 368 20.45 -32.21 15.04
CA THR B 368 19.97 -32.99 13.91
C THR B 368 18.68 -33.69 14.26
N GLN B 369 18.01 -34.18 13.23
CA GLN B 369 16.85 -35.06 13.35
C GLN B 369 17.28 -36.45 12.95
N LYS B 370 16.94 -37.45 13.76
CA LYS B 370 17.43 -38.80 13.55
C LYS B 370 16.61 -39.52 12.49
N ASP B 371 17.30 -40.08 11.49
CA ASP B 371 16.68 -40.92 10.45
C ASP B 371 15.61 -40.15 9.68
N SER B 372 16.00 -38.99 9.16
CA SER B 372 15.06 -38.11 8.50
C SER B 372 15.31 -37.90 7.01
N THR B 373 16.43 -38.36 6.47
CA THR B 373 16.83 -38.05 5.11
C THR B 373 17.06 -39.32 4.32
N THR B 374 16.54 -39.35 3.10
CA THR B 374 16.82 -40.39 2.12
C THR B 374 17.34 -39.75 0.85
N VAL B 375 18.35 -40.37 0.24
CA VAL B 375 19.00 -39.84 -0.96
C VAL B 375 18.80 -40.83 -2.09
N TYR B 376 18.30 -40.33 -3.23
CA TYR B 376 18.07 -41.13 -4.43
C TYR B 376 19.03 -40.68 -5.52
N GLY B 377 19.80 -41.61 -6.05
CA GLY B 377 20.78 -41.30 -7.07
C GLY B 377 20.21 -41.41 -8.47
N PRO B 378 21.04 -41.13 -9.47
CA PRO B 378 20.55 -41.15 -10.86
C PRO B 378 20.08 -42.52 -11.33
N THR B 379 20.56 -43.61 -10.74
CA THR B 379 20.16 -44.95 -11.15
C THR B 379 19.06 -45.53 -10.28
N SER B 380 18.52 -44.76 -9.35
CA SER B 380 17.45 -45.26 -8.50
C SER B 380 16.16 -45.41 -9.30
N PRO B 381 15.30 -46.35 -8.92
CA PRO B 381 14.02 -46.51 -9.63
C PRO B 381 13.13 -45.27 -9.57
N ILE B 382 13.18 -44.52 -8.47
CA ILE B 382 12.33 -43.34 -8.34
C ILE B 382 12.74 -42.27 -9.35
N VAL B 383 14.04 -42.02 -9.50
CA VAL B 383 14.50 -40.97 -10.39
C VAL B 383 14.22 -41.34 -11.85
N GLN B 384 14.37 -42.62 -12.20
CA GLN B 384 14.14 -43.03 -13.58
C GLN B 384 12.66 -42.92 -13.95
N ALA B 385 11.75 -43.16 -13.01
CA ALA B 385 10.33 -43.01 -13.31
C ALA B 385 9.96 -41.56 -13.59
N ILE B 386 10.61 -40.61 -12.91
CA ILE B 386 10.35 -39.20 -13.17
C ILE B 386 10.89 -38.81 -14.54
N ASN B 387 12.07 -39.30 -14.90
CA ASN B 387 12.70 -38.91 -16.15
C ASN B 387 12.01 -39.47 -17.37
N ALA B 388 11.16 -40.47 -17.21
CA ALA B 388 10.50 -41.11 -18.34
C ALA B 388 9.11 -40.55 -18.64
N ALA B 389 8.65 -39.57 -17.86
CA ALA B 389 7.31 -39.03 -18.03
C ALA B 389 7.40 -37.51 -18.19
N GLY B 390 6.23 -36.88 -18.30
CA GLY B 390 6.15 -35.45 -18.51
C GLY B 390 6.12 -34.66 -17.21
N GLY B 391 5.64 -33.42 -17.33
CA GLY B 391 5.55 -32.54 -16.18
C GLY B 391 6.83 -31.85 -15.79
N ARG B 392 7.86 -31.88 -16.64
CA ARG B 392 9.15 -31.27 -16.35
C ARG B 392 9.35 -29.97 -17.14
N THR B 393 8.28 -29.22 -17.36
CA THR B 393 8.34 -27.96 -18.09
C THR B 393 8.19 -26.79 -17.13
N ALA B 394 8.42 -25.59 -17.66
CA ALA B 394 8.30 -24.38 -16.85
C ALA B 394 6.86 -24.16 -16.44
N GLY B 395 6.65 -23.78 -15.18
CA GLY B 395 5.32 -23.57 -14.65
C GLY B 395 4.57 -24.83 -14.28
N SER B 396 5.20 -25.99 -14.39
CA SER B 396 4.55 -27.24 -14.01
C SER B 396 4.44 -27.34 -12.49
N GLY B 397 3.34 -27.91 -12.03
CA GLY B 397 3.15 -28.12 -10.61
C GLY B 397 2.95 -29.57 -10.25
N VAL B 398 3.04 -30.46 -11.22
CA VAL B 398 2.82 -31.89 -11.02
C VAL B 398 3.92 -32.65 -11.74
N LEU B 399 4.51 -33.64 -11.07
CA LEU B 399 5.42 -34.59 -11.69
C LEU B 399 4.61 -35.81 -12.11
N GLU B 400 4.41 -35.98 -13.42
CA GLU B 400 3.53 -37.02 -13.92
C GLU B 400 4.05 -38.42 -13.62
N GLY B 401 5.33 -38.57 -13.32
CA GLY B 401 5.88 -39.88 -13.01
C GLY B 401 5.64 -40.37 -11.60
N LEU B 402 5.08 -39.52 -10.73
CA LEU B 402 4.81 -39.88 -9.34
C LEU B 402 3.32 -39.87 -9.01
N VAL B 403 2.45 -39.82 -10.01
CA VAL B 403 1.02 -39.70 -9.75
C VAL B 403 0.49 -40.94 -9.05
N ASN B 404 0.94 -42.11 -9.46
CA ASN B 404 0.49 -43.37 -8.88
C ASN B 404 1.53 -43.97 -7.93
N SER B 405 2.28 -43.13 -7.22
CA SER B 405 3.31 -43.58 -6.30
C SER B 405 3.14 -42.86 -4.97
N THR B 406 3.51 -43.55 -3.89
CA THR B 406 3.38 -43.02 -2.54
C THR B 406 4.70 -42.97 -1.79
N GLU B 407 5.83 -43.11 -2.49
CA GLU B 407 7.12 -43.22 -1.81
C GLU B 407 7.59 -41.88 -1.25
N LEU B 408 7.28 -40.77 -1.92
CA LEU B 408 7.77 -39.46 -1.53
C LEU B 408 6.67 -38.57 -0.95
N ASN B 409 5.55 -39.15 -0.53
CA ASN B 409 4.43 -38.37 -0.05
C ASN B 409 4.76 -37.71 1.28
N GLY B 410 4.37 -36.43 1.40
CA GLY B 410 4.57 -35.68 2.62
C GLY B 410 6.02 -35.43 3.00
N LYS B 411 6.84 -35.00 2.05
CA LYS B 411 8.27 -34.79 2.30
C LYS B 411 8.74 -33.51 1.62
N PHE B 412 9.85 -32.97 2.13
CA PHE B 412 10.53 -31.85 1.50
C PHE B 412 11.58 -32.38 0.53
N LEU B 413 11.57 -31.88 -0.70
CA LEU B 413 12.41 -32.39 -1.77
C LEU B 413 13.43 -31.35 -2.18
N PHE B 414 14.71 -31.75 -2.21
CA PHE B 414 15.80 -30.90 -2.68
C PHE B 414 16.41 -31.58 -3.90
N MET B 415 16.02 -31.14 -5.09
CA MET B 415 16.39 -31.82 -6.33
C MET B 415 17.49 -31.08 -7.08
N GLU B 416 18.18 -31.83 -7.94
CA GLU B 416 19.21 -31.29 -8.81
C GLU B 416 19.03 -31.85 -10.21
N GLY B 417 19.52 -31.09 -11.20
CA GLY B 417 19.33 -31.46 -12.59
C GLY B 417 20.62 -31.53 -13.38
N ALA B 418 20.51 -31.59 -14.71
CA ALA B 418 21.66 -31.77 -15.58
C ALA B 418 21.85 -30.64 -16.58
N ASP B 419 21.13 -29.54 -16.45
CA ASP B 419 21.24 -28.42 -17.37
C ASP B 419 21.98 -27.26 -16.72
N VAL B 420 22.87 -26.64 -17.49
CA VAL B 420 23.62 -25.49 -17.00
C VAL B 420 22.73 -24.25 -17.05
N LEU B 421 22.73 -23.48 -15.97
CA LEU B 421 21.92 -22.28 -15.88
C LEU B 421 22.73 -20.99 -15.97
N TYR B 422 23.89 -20.93 -15.33
CA TYR B 422 24.73 -19.74 -15.35
C TYR B 422 26.14 -20.15 -14.93
N TYR B 423 27.08 -19.22 -15.08
CA TYR B 423 28.47 -19.42 -14.72
C TYR B 423 28.85 -18.49 -13.59
N SER B 424 29.55 -19.03 -12.59
CA SER B 424 30.04 -18.25 -11.46
C SER B 424 31.51 -18.58 -11.24
N ARG B 425 32.36 -17.57 -11.40
CA ARG B 425 33.80 -17.70 -11.22
C ARG B 425 34.39 -18.77 -12.14
N GLY B 426 33.84 -18.89 -13.34
CA GLY B 426 34.31 -19.86 -14.30
C GLY B 426 33.79 -21.26 -14.11
N THR B 427 32.94 -21.49 -13.12
CA THR B 427 32.38 -22.80 -12.84
C THR B 427 30.91 -22.82 -13.23
N ALA B 428 30.49 -23.86 -13.92
CA ALA B 428 29.09 -24.01 -14.32
C ALA B 428 28.24 -24.45 -13.15
N LYS B 429 27.05 -23.87 -13.05
CA LYS B 429 26.06 -24.23 -12.05
C LYS B 429 24.85 -24.86 -12.73
N TYR B 430 24.25 -25.84 -12.08
CA TYR B 430 23.24 -26.69 -12.70
C TYR B 430 21.85 -26.40 -12.15
N TRP B 431 20.87 -27.04 -12.78
CA TRP B 431 19.46 -26.89 -12.42
C TRP B 431 19.22 -27.37 -11.00
N TRP B 432 18.27 -26.73 -10.32
CA TRP B 432 17.92 -27.10 -8.96
C TRP B 432 16.50 -26.64 -8.66
N THR B 433 15.93 -27.22 -7.59
CA THR B 433 14.61 -26.83 -7.12
C THR B 433 14.32 -27.40 -5.73
N ASN B 434 13.89 -26.56 -4.80
CA ASN B 434 13.47 -27.00 -3.47
C ASN B 434 11.97 -26.80 -3.33
N THR B 435 11.26 -27.84 -2.92
CA THR B 435 9.81 -27.75 -2.83
C THR B 435 9.30 -28.83 -1.88
N TYR B 436 7.98 -28.93 -1.78
CA TYR B 436 7.31 -29.88 -0.90
C TYR B 436 6.31 -30.69 -1.72
N LEU B 437 6.24 -31.99 -1.44
CA LEU B 437 5.32 -32.88 -2.14
C LEU B 437 4.26 -33.38 -1.15
N SER B 438 2.99 -33.13 -1.47
CA SER B 438 1.92 -33.62 -0.62
C SER B 438 1.52 -35.05 -0.95
N ASN B 439 0.99 -35.28 -2.15
CA ASN B 439 0.69 -36.63 -2.62
C ASN B 439 0.35 -36.57 -4.10
N ARG B 440 0.36 -37.74 -4.72
CA ARG B 440 0.16 -37.96 -6.16
C ARG B 440 0.81 -36.87 -7.01
N GLY B 441 2.08 -36.62 -6.72
CA GLY B 441 2.94 -35.82 -7.57
C GLY B 441 2.77 -34.32 -7.47
N LYS B 442 1.94 -33.82 -6.56
CA LYS B 442 1.65 -32.40 -6.51
C LYS B 442 2.73 -31.66 -5.72
N LEU B 443 3.32 -30.66 -6.34
CA LEU B 443 4.34 -29.84 -5.71
C LEU B 443 3.73 -28.54 -5.19
N SER B 444 4.23 -28.07 -4.05
CA SER B 444 3.74 -26.81 -3.51
C SER B 444 4.22 -25.62 -4.33
N ASP B 445 5.47 -25.63 -4.75
CA ASP B 445 6.04 -24.56 -5.57
C ASP B 445 6.25 -25.07 -6.99
N ASN B 446 5.75 -24.32 -7.96
CA ASN B 446 5.89 -24.70 -9.35
C ASN B 446 7.33 -24.50 -9.82
N LEU B 447 7.70 -25.27 -10.86
CA LEU B 447 9.02 -25.14 -11.45
C LEU B 447 9.10 -23.89 -12.30
N LYS B 448 10.10 -23.05 -12.04
CA LYS B 448 10.26 -21.86 -12.86
C LYS B 448 10.89 -22.17 -14.21
N TYR B 449 11.80 -23.16 -14.28
CA TYR B 449 12.41 -23.54 -15.53
C TYR B 449 12.27 -25.04 -15.73
N GLY B 450 12.27 -25.45 -17.00
CA GLY B 450 12.24 -26.86 -17.31
C GLY B 450 13.62 -27.49 -17.28
N VAL B 451 13.63 -28.82 -17.17
CA VAL B 451 14.88 -29.57 -17.09
C VAL B 451 14.74 -30.83 -17.94
N SER B 452 15.84 -31.23 -18.57
CA SER B 452 15.82 -32.45 -19.37
C SER B 452 15.80 -33.69 -18.50
N ALA B 453 16.59 -33.73 -17.43
CA ALA B 453 16.69 -34.92 -16.61
C ALA B 453 17.01 -34.53 -15.17
N ILE B 454 16.55 -35.35 -14.24
CA ILE B 454 16.80 -35.19 -12.81
C ILE B 454 17.93 -36.13 -12.42
N THR B 455 18.91 -35.63 -11.66
CA THR B 455 20.07 -36.41 -11.29
C THR B 455 20.16 -36.77 -9.82
N LYS B 456 19.50 -36.03 -8.93
CA LYS B 456 19.60 -36.36 -7.52
C LYS B 456 18.40 -35.77 -6.78
N ILE B 457 17.90 -36.52 -5.79
CA ILE B 457 16.80 -36.09 -4.94
C ILE B 457 17.15 -36.38 -3.49
N THR B 458 16.98 -35.38 -2.63
CA THR B 458 17.15 -35.53 -1.19
C THR B 458 15.81 -35.22 -0.52
N ALA B 459 15.30 -36.17 0.27
CA ALA B 459 13.98 -36.06 0.87
C ALA B 459 14.09 -36.02 2.38
N VAL B 460 13.39 -35.09 3.00
CA VAL B 460 13.42 -34.89 4.45
C VAL B 460 11.99 -35.02 4.98
N THR B 461 11.82 -35.83 6.02
CA THR B 461 10.52 -36.12 6.61
C THR B 461 10.24 -35.20 7.79
N PRO B 462 9.12 -34.48 7.80
CA PRO B 462 8.82 -33.59 8.93
C PRO B 462 8.59 -34.36 10.22
N ARG B 463 8.92 -33.71 11.34
CA ARG B 463 8.77 -34.32 12.65
C ARG B 463 7.29 -34.49 13.01
N THR B 464 7.04 -35.39 13.96
CA THR B 464 5.74 -35.53 14.59
C THR B 464 5.70 -34.84 15.95
N LYS B 465 6.45 -33.76 16.10
CA LYS B 465 6.71 -33.12 17.37
C LYS B 465 7.45 -31.81 17.07
N ILE B 466 7.45 -30.91 18.04
CA ILE B 466 8.19 -29.66 17.94
C ILE B 466 9.31 -29.69 18.98
N VAL B 467 10.53 -29.36 18.56
CA VAL B 467 11.67 -29.26 19.46
C VAL B 467 12.05 -27.80 19.62
N TYR B 468 12.64 -27.48 20.76
CA TYR B 468 13.02 -26.12 21.10
C TYR B 468 14.51 -26.06 21.40
N TYR B 469 15.19 -25.09 20.80
CA TYR B 469 16.60 -24.86 21.04
C TYR B 469 16.76 -23.51 21.71
N ARG B 470 17.41 -23.49 22.87
CA ARG B 470 17.71 -22.26 23.59
C ARG B 470 19.24 -22.13 23.62
N LEU B 471 19.75 -21.24 22.78
CA LEU B 471 21.17 -21.18 22.53
C LEU B 471 21.91 -20.56 23.71
N PRO B 472 23.16 -20.96 23.94
CA PRO B 472 23.93 -20.38 25.05
C PRO B 472 24.60 -19.08 24.68
N ASN B 473 25.40 -18.55 25.59
CA ASN B 473 26.26 -17.42 25.33
C ASN B 473 27.66 -17.92 24.98
N LEU B 474 28.24 -17.36 23.93
CA LEU B 474 29.56 -17.77 23.45
C LEU B 474 30.58 -16.70 23.76
N ASP B 475 31.69 -17.09 24.38
CA ASP B 475 32.76 -16.18 24.75
C ASP B 475 33.88 -16.28 23.73
N PHE B 476 34.15 -15.16 23.05
CA PHE B 476 35.11 -15.11 21.96
C PHE B 476 36.37 -14.35 22.33
N GLY B 477 36.75 -14.37 23.61
CA GLY B 477 37.88 -13.57 24.05
C GLY B 477 39.19 -13.98 23.41
N ASN B 478 39.41 -15.29 23.25
CA ASN B 478 40.64 -15.78 22.65
C ASN B 478 40.65 -15.69 21.13
N GLY B 479 39.50 -15.41 20.52
CA GLY B 479 39.39 -15.26 19.09
C GLY B 479 39.53 -16.56 18.31
N PRO B 480 38.57 -17.47 18.43
CA PRO B 480 38.53 -18.63 17.54
C PRO B 480 37.92 -18.26 16.19
N ALA B 481 38.18 -19.11 15.20
CA ALA B 481 37.78 -18.86 13.81
C ALA B 481 37.19 -20.11 13.18
N ASN B 482 36.25 -20.74 13.87
CA ASN B 482 35.61 -21.93 13.34
C ASN B 482 34.70 -21.60 12.16
N ASN B 483 34.33 -22.63 11.41
CA ASN B 483 33.35 -22.52 10.33
C ASN B 483 31.94 -22.85 10.82
N GLY B 484 31.52 -22.22 11.92
CA GLY B 484 30.22 -22.52 12.50
C GLY B 484 30.33 -23.26 13.81
N VAL B 485 29.75 -22.70 14.88
CA VAL B 485 29.80 -23.31 16.20
C VAL B 485 28.46 -23.99 16.48
N ILE B 486 27.38 -23.47 15.90
CA ILE B 486 26.07 -24.07 15.99
C ILE B 486 25.67 -24.48 14.57
N ARG B 487 25.56 -25.79 14.35
CA ARG B 487 25.24 -26.32 13.03
C ARG B 487 23.96 -27.14 13.11
N VAL B 488 23.01 -26.83 12.23
CA VAL B 488 21.72 -27.53 12.15
C VAL B 488 21.67 -28.22 10.80
N LEU B 489 21.45 -29.54 10.80
CA LEU B 489 21.48 -30.32 9.58
C LEU B 489 20.29 -31.25 9.52
N ASN B 490 19.63 -31.28 8.36
CA ASN B 490 18.55 -32.22 8.06
C ASN B 490 17.49 -32.21 9.17
N ASN B 491 16.92 -31.03 9.38
CA ASN B 491 16.05 -30.78 10.51
C ASN B 491 14.78 -30.09 10.06
N THR B 492 13.67 -30.38 10.75
CA THR B 492 12.39 -29.75 10.48
C THR B 492 11.67 -29.47 11.78
N ARG B 493 10.79 -28.47 11.76
CA ARG B 493 9.87 -28.16 12.85
C ARG B 493 10.61 -27.92 14.17
N PHE B 494 11.42 -26.87 14.17
CA PHE B 494 12.11 -26.47 15.39
C PHE B 494 11.99 -24.96 15.56
N ILE B 495 12.15 -24.52 16.81
CA ILE B 495 12.14 -23.10 17.15
C ILE B 495 13.43 -22.79 17.89
N MET B 496 14.20 -21.84 17.38
CA MET B 496 15.48 -21.45 17.93
C MET B 496 15.36 -20.07 18.54
N GLN B 497 15.66 -19.95 19.83
CA GLN B 497 15.52 -18.69 20.56
C GLN B 497 16.78 -18.37 21.34
N GLY B 498 17.14 -17.09 21.38
CA GLY B 498 18.24 -16.65 22.21
C GLY B 498 19.60 -16.80 21.55
N GLY B 499 20.63 -16.70 22.38
CA GLY B 499 22.00 -16.78 21.95
C GLY B 499 22.65 -15.42 21.83
N SER B 500 23.96 -15.37 22.07
CA SER B 500 24.68 -14.11 22.02
C SER B 500 26.18 -14.39 21.91
N ILE B 501 26.93 -13.31 21.68
CA ILE B 501 28.38 -13.33 21.64
C ILE B 501 28.90 -12.30 22.63
N SER B 502 30.00 -12.62 23.31
CA SER B 502 30.61 -11.69 24.24
C SER B 502 32.12 -11.66 24.04
N ASN B 503 32.71 -10.51 24.37
CA ASN B 503 34.17 -10.32 24.34
C ASN B 503 34.74 -10.54 22.94
N ARG B 504 34.01 -10.14 21.93
CA ARG B 504 34.50 -10.25 20.56
C ARG B 504 35.62 -9.25 20.33
N PRO B 505 36.76 -9.68 19.77
CA PRO B 505 37.85 -8.74 19.49
C PRO B 505 37.49 -7.77 18.39
N LEU B 506 38.17 -6.61 18.41
CA LEU B 506 37.90 -5.57 17.43
C LEU B 506 38.45 -5.92 16.05
N LYS B 507 39.56 -6.64 15.99
CA LYS B 507 40.16 -7.04 14.72
C LYS B 507 40.40 -8.55 14.72
N ASP B 508 40.29 -9.15 13.54
CA ASP B 508 40.33 -10.60 13.35
C ASP B 508 41.25 -10.96 12.19
N VAL B 509 42.48 -10.46 12.24
CA VAL B 509 43.47 -10.62 11.16
C VAL B 509 43.57 -12.05 10.67
N SER B 510 43.36 -12.24 9.36
CA SER B 510 43.56 -13.53 8.68
C SER B 510 42.69 -14.64 9.26
N LYS B 511 41.43 -14.32 9.56
CA LYS B 511 40.47 -15.29 10.05
C LYS B 511 39.11 -15.01 9.42
N SER B 512 38.22 -15.98 9.50
CA SER B 512 36.85 -15.83 8.98
C SER B 512 35.89 -16.60 9.87
N PRO B 513 35.55 -16.04 11.03
CA PRO B 513 34.64 -16.75 11.94
C PRO B 513 33.21 -16.80 11.43
N VAL B 514 32.54 -17.92 11.74
CA VAL B 514 31.13 -18.12 11.44
C VAL B 514 30.46 -18.67 12.69
N ILE B 515 29.27 -18.15 13.01
CA ILE B 515 28.63 -18.51 14.27
C ILE B 515 27.59 -19.61 14.07
N ILE B 516 26.58 -19.36 13.24
CA ILE B 516 25.47 -20.29 13.04
C ILE B 516 25.43 -20.69 11.57
N SER B 517 25.29 -21.98 11.33
CA SER B 517 25.17 -22.50 9.97
C SER B 517 24.01 -23.49 9.89
N LEU B 518 23.20 -23.37 8.84
CA LEU B 518 22.06 -24.24 8.60
C LEU B 518 22.22 -24.95 7.27
N ASN B 519 21.64 -26.15 7.15
CA ASN B 519 21.85 -26.99 5.98
C ASN B 519 20.73 -28.01 5.88
N TYR B 520 19.96 -27.95 4.79
CA TYR B 520 18.88 -28.91 4.53
C TYR B 520 17.81 -28.88 5.62
N CYS B 521 17.31 -27.68 5.91
CA CYS B 521 16.30 -27.47 6.94
C CYS B 521 15.04 -26.88 6.34
N ALA B 522 13.91 -27.10 7.01
CA ALA B 522 12.65 -26.58 6.49
C ALA B 522 11.65 -26.38 7.63
N ALA B 523 10.76 -25.41 7.44
CA ALA B 523 9.61 -25.19 8.31
C ALA B 523 10.02 -24.93 9.75
N PHE B 524 10.75 -23.82 9.95
CA PHE B 524 11.25 -23.47 11.27
C PHE B 524 11.14 -21.95 11.45
N LYS B 525 11.54 -21.48 12.63
CA LYS B 525 11.61 -20.06 12.89
C LYS B 525 12.70 -19.80 13.92
N ALA B 526 13.51 -18.78 13.67
CA ALA B 526 14.55 -18.34 14.58
C ALA B 526 14.15 -17.02 15.22
N TYR B 527 14.80 -16.68 16.32
CA TYR B 527 14.33 -15.61 17.19
C TYR B 527 15.53 -14.88 17.77
N ASP B 528 15.33 -14.17 18.87
CA ASP B 528 16.13 -13.00 19.22
C ASP B 528 17.55 -13.37 19.58
N PHE B 529 18.36 -13.62 18.55
CA PHE B 529 19.80 -13.68 18.69
C PHE B 529 20.35 -12.27 18.77
N PHE B 530 21.21 -12.01 19.76
CA PHE B 530 21.76 -10.68 19.96
C PHE B 530 23.28 -10.72 19.79
N ASP B 531 23.79 -9.89 18.90
CA ASP B 531 25.21 -9.73 18.69
C ASP B 531 25.57 -8.26 18.88
N PRO B 532 26.39 -7.92 19.88
CA PRO B 532 26.67 -6.49 20.12
C PRO B 532 27.28 -5.76 18.95
N TYR B 533 28.16 -6.41 18.17
CA TYR B 533 28.64 -5.83 16.93
C TYR B 533 29.24 -6.94 16.08
N PRO B 534 29.26 -6.79 14.76
CA PRO B 534 29.77 -7.86 13.90
C PRO B 534 31.30 -7.93 13.91
N ALA B 535 31.81 -8.96 13.25
CA ALA B 535 33.24 -9.19 13.17
C ALA B 535 33.88 -8.30 12.11
N PHE B 536 35.07 -7.82 12.41
CA PHE B 536 35.86 -6.99 11.49
C PHE B 536 37.13 -7.77 11.18
N ALA B 537 37.14 -8.49 10.06
CA ALA B 537 38.23 -9.38 9.70
C ALA B 537 38.96 -8.83 8.48
N VAL B 538 40.29 -8.81 8.55
CA VAL B 538 41.13 -8.28 7.49
C VAL B 538 42.20 -9.30 7.14
N ASP B 539 42.83 -9.10 5.99
CA ASP B 539 43.92 -9.93 5.54
C ASP B 539 45.25 -9.28 5.93
N SER B 540 46.35 -9.82 5.40
CA SER B 540 47.67 -9.27 5.71
C SER B 540 47.86 -7.88 5.13
N ASN B 541 47.05 -7.47 4.16
CA ASN B 541 47.16 -6.15 3.56
C ASN B 541 46.17 -5.15 4.13
N ASN B 542 45.52 -5.50 5.25
CA ASN B 542 44.56 -4.63 5.93
C ASN B 542 43.34 -4.36 5.06
N SER B 543 42.91 -5.36 4.32
CA SER B 543 41.71 -5.28 3.49
C SER B 543 40.66 -6.25 4.00
N LEU B 544 39.39 -5.84 3.92
CA LEU B 544 38.31 -6.61 4.51
C LEU B 544 38.14 -7.95 3.82
N VAL B 545 37.83 -8.98 4.62
CA VAL B 545 37.51 -10.31 4.12
C VAL B 545 36.18 -10.75 4.76
N TYR B 546 35.65 -11.86 4.25
CA TYR B 546 34.31 -12.26 4.63
C TYR B 546 34.28 -12.86 6.05
N SER B 547 33.11 -12.74 6.68
CA SER B 547 32.78 -13.36 7.95
C SER B 547 31.28 -13.21 8.14
N TYR B 548 30.66 -14.22 8.75
CA TYR B 548 29.20 -14.27 8.85
C TYR B 548 28.76 -14.56 10.27
N THR B 549 27.64 -13.97 10.66
CA THR B 549 26.93 -14.37 11.87
C THR B 549 25.94 -15.49 11.58
N LEU B 550 25.29 -15.46 10.42
CA LEU B 550 24.35 -16.48 10.00
C LEU B 550 24.66 -16.89 8.57
N ASN B 551 24.65 -18.20 8.31
CA ASN B 551 25.05 -18.74 7.03
C ASN B 551 24.23 -19.99 6.76
N PHE B 552 23.44 -20.01 5.69
CA PHE B 552 22.59 -21.15 5.43
C PHE B 552 22.67 -21.60 3.98
N ASN B 553 22.50 -22.90 3.78
CA ASN B 553 22.41 -23.52 2.45
C ASN B 553 21.19 -24.41 2.41
N ASP B 554 20.42 -24.33 1.32
CA ASP B 554 19.35 -25.28 1.02
C ASP B 554 18.32 -25.36 2.15
N ILE B 555 17.62 -24.24 2.34
CA ILE B 555 16.54 -24.18 3.30
C ILE B 555 15.25 -23.77 2.61
N ALA B 556 14.12 -24.02 3.27
CA ALA B 556 12.81 -23.72 2.70
C ALA B 556 11.84 -23.35 3.82
N ASP B 557 11.02 -22.33 3.55
CA ASP B 557 9.96 -21.90 4.47
C ASP B 557 10.50 -21.52 5.84
N ALA B 558 11.32 -20.47 5.86
CA ALA B 558 12.01 -20.04 7.07
C ALA B 558 11.56 -18.63 7.45
N VAL B 559 11.49 -18.37 8.75
CA VAL B 559 11.16 -17.05 9.28
C VAL B 559 12.23 -16.65 10.28
N PHE B 560 12.81 -15.47 10.09
CA PHE B 560 13.78 -14.90 11.02
C PHE B 560 13.18 -13.64 11.64
N GLU B 561 13.18 -13.58 12.96
CA GLU B 561 12.57 -12.47 13.67
C GLU B 561 13.49 -11.95 14.75
N ASN B 562 13.58 -10.63 14.86
CA ASN B 562 14.28 -9.96 15.96
C ASN B 562 15.75 -10.35 16.06
N PHE B 563 16.41 -10.47 14.91
CA PHE B 563 17.85 -10.67 14.90
C PHE B 563 18.56 -9.32 15.01
N ASN B 564 19.69 -9.30 15.73
CA ASN B 564 20.41 -8.08 16.01
C ASN B 564 21.89 -8.26 15.72
N SER B 565 22.37 -7.66 14.62
CA SER B 565 23.80 -7.58 14.36
C SER B 565 24.03 -6.39 13.43
N GLN B 566 24.43 -5.25 14.01
CA GLN B 566 24.50 -3.99 13.29
C GLN B 566 25.80 -3.28 13.60
N GLY B 567 26.45 -2.76 12.57
CA GLY B 567 27.66 -2.00 12.74
C GLY B 567 28.59 -2.17 11.54
N TYR B 568 29.86 -1.85 11.78
CA TYR B 568 30.89 -1.96 10.75
C TYR B 568 31.32 -3.41 10.55
N GLY B 569 31.78 -3.71 9.34
CA GLY B 569 32.33 -5.01 9.03
C GLY B 569 31.64 -5.61 7.82
N TRP B 570 32.04 -6.84 7.51
CA TRP B 570 31.44 -7.58 6.41
C TRP B 570 29.98 -7.91 6.70
N GLY B 571 29.22 -8.14 5.64
CA GLY B 571 27.82 -8.49 5.81
C GLY B 571 27.65 -9.73 6.67
N VAL B 572 26.65 -9.68 7.55
CA VAL B 572 26.50 -10.71 8.58
C VAL B 572 25.61 -11.87 8.13
N VAL B 573 25.02 -11.81 6.94
CA VAL B 573 24.13 -12.85 6.47
C VAL B 573 24.63 -13.34 5.11
N GLY B 574 24.75 -14.65 4.97
CA GLY B 574 25.05 -15.25 3.69
C GLY B 574 24.19 -16.47 3.40
N GLY B 575 23.39 -16.41 2.35
CA GLY B 575 22.49 -17.50 2.03
C GLY B 575 22.65 -18.04 0.63
N GLN B 576 22.24 -19.28 0.40
CA GLN B 576 22.38 -19.92 -0.91
C GLN B 576 21.23 -20.88 -1.14
N ARG B 577 20.64 -20.84 -2.34
CA ARG B 577 19.72 -21.86 -2.84
C ARG B 577 18.59 -22.15 -1.85
N SER B 578 17.75 -21.14 -1.63
CA SER B 578 16.68 -21.24 -0.65
C SER B 578 15.34 -20.92 -1.30
N THR B 579 14.28 -21.08 -0.51
CA THR B 579 12.91 -20.86 -0.97
C THR B 579 12.07 -20.27 0.16
N ASN B 580 11.35 -19.19 -0.14
CA ASN B 580 10.34 -18.61 0.75
C ASN B 580 10.95 -18.20 2.10
N ILE B 581 11.82 -17.19 2.04
CA ILE B 581 12.49 -16.66 3.22
C ILE B 581 11.83 -15.37 3.65
N THR B 582 11.67 -15.18 4.96
CA THR B 582 11.05 -13.98 5.52
C THR B 582 11.92 -13.42 6.64
N TYR B 583 12.18 -12.12 6.58
CA TYR B 583 12.81 -11.39 7.68
C TYR B 583 11.82 -10.40 8.24
N ARG B 584 11.61 -10.43 9.55
CA ARG B 584 10.65 -9.53 10.19
C ARG B 584 11.28 -8.91 11.43
N ASP B 585 11.22 -7.59 11.53
CA ASP B 585 11.64 -6.84 12.71
C ASP B 585 13.11 -7.05 13.06
N CYS B 586 13.96 -7.20 12.05
CA CYS B 586 15.37 -7.50 12.27
C CYS B 586 16.21 -6.22 12.23
N ASN B 587 17.44 -6.34 12.71
CA ASN B 587 18.39 -5.22 12.73
C ASN B 587 19.75 -5.76 12.27
N LEU B 588 19.97 -5.76 10.96
CA LEU B 588 21.15 -6.35 10.37
C LEU B 588 21.83 -5.33 9.46
N ASN B 589 23.12 -5.53 9.21
CA ASN B 589 23.85 -4.63 8.33
C ASN B 589 23.83 -5.08 6.87
N ARG B 590 23.26 -6.24 6.57
CA ARG B 590 23.15 -6.73 5.20
C ARG B 590 22.22 -7.93 5.15
N VAL B 591 21.50 -8.04 4.05
CA VAL B 591 20.74 -9.24 3.70
C VAL B 591 21.22 -9.70 2.33
N ASP B 592 21.62 -10.96 2.23
CA ASP B 592 22.37 -11.43 1.07
C ASP B 592 21.93 -12.82 0.65
N MET B 593 22.01 -13.08 -0.65
CA MET B 593 21.86 -14.42 -1.22
C MET B 593 22.87 -14.56 -2.34
N HIS B 594 23.88 -15.42 -2.17
CA HIS B 594 24.89 -15.59 -3.21
C HIS B 594 24.33 -16.39 -4.39
N ASN B 595 24.00 -17.65 -4.15
CA ASN B 595 23.25 -18.39 -5.14
C ASN B 595 21.79 -17.94 -5.10
N PRO B 596 21.10 -17.96 -6.23
CA PRO B 596 19.76 -17.38 -6.29
C PRO B 596 18.77 -18.09 -5.38
N TYR B 597 17.78 -17.33 -4.92
CA TYR B 597 16.62 -17.87 -4.24
C TYR B 597 15.51 -18.12 -5.25
N MET B 598 14.42 -18.72 -4.77
CA MET B 598 13.23 -18.87 -5.59
C MET B 598 12.01 -18.78 -4.69
N GLY B 599 10.89 -18.45 -5.28
CA GLY B 599 9.66 -18.22 -4.51
C GLY B 599 9.48 -16.75 -4.18
N TYR B 600 9.69 -16.38 -2.92
CA TYR B 600 9.66 -14.99 -2.52
C TYR B 600 10.77 -14.74 -1.50
N LEU B 601 11.14 -13.47 -1.38
CA LEU B 601 12.03 -12.99 -0.34
C LEU B 601 11.39 -11.73 0.23
N LYS B 602 11.05 -11.76 1.51
CA LYS B 602 10.32 -10.69 2.17
C LYS B 602 11.17 -10.06 3.26
N VAL B 603 11.25 -8.74 3.26
CA VAL B 603 11.95 -7.98 4.29
C VAL B 603 10.96 -6.96 4.84
N LEU B 604 10.48 -7.17 6.05
CA LEU B 604 9.41 -6.37 6.62
C LEU B 604 9.85 -5.75 7.92
N ASP B 605 9.66 -4.43 8.06
CA ASP B 605 9.90 -3.70 9.30
C ASP B 605 11.33 -3.87 9.81
N THR B 606 12.29 -3.78 8.91
CA THR B 606 13.68 -4.07 9.22
C THR B 606 14.54 -2.83 9.02
N ARG B 607 15.58 -2.71 9.85
CA ARG B 607 16.59 -1.68 9.70
C ARG B 607 17.86 -2.30 9.14
N LEU B 608 18.40 -1.70 8.08
CA LEU B 608 19.55 -2.23 7.38
C LEU B 608 20.75 -1.31 7.51
N GLY B 609 21.93 -1.85 7.21
CA GLY B 609 23.18 -1.12 7.25
C GLY B 609 23.59 -0.60 5.88
N THR B 610 24.89 -0.33 5.76
CA THR B 610 25.39 0.33 4.55
C THR B 610 25.39 -0.60 3.34
N TRP B 611 25.38 -1.91 3.54
CA TRP B 611 25.47 -2.82 2.41
C TRP B 611 24.14 -2.93 1.67
N GLY B 612 23.03 -2.86 2.37
CA GLY B 612 21.74 -2.93 1.71
C GLY B 612 21.32 -4.37 1.47
N ILE B 613 20.90 -4.66 0.24
CA ILE B 613 20.47 -6.00 -0.16
C ILE B 613 21.25 -6.40 -1.41
N ASN B 614 21.82 -7.60 -1.39
CA ASN B 614 22.54 -8.16 -2.53
C ASN B 614 22.03 -9.56 -2.77
N ALA B 615 21.13 -9.74 -3.74
CA ALA B 615 20.54 -11.04 -3.97
C ALA B 615 20.19 -11.20 -5.43
N SER B 616 20.82 -12.15 -6.10
CA SER B 616 20.30 -12.69 -7.34
C SER B 616 19.16 -13.64 -7.02
N GLY B 617 18.23 -13.78 -7.95
CA GLY B 617 17.08 -14.60 -7.65
C GLY B 617 16.25 -14.94 -8.87
N MET B 618 15.40 -15.95 -8.70
CA MET B 618 14.39 -16.35 -9.66
C MET B 618 13.01 -16.24 -9.02
N GLY B 619 12.79 -15.18 -8.26
CA GLY B 619 11.51 -14.96 -7.61
C GLY B 619 11.19 -13.49 -7.51
N ASP B 620 10.34 -13.12 -6.55
CA ASP B 620 9.96 -11.73 -6.35
C ASP B 620 10.44 -11.26 -4.99
N MET B 621 10.91 -10.02 -4.94
CA MET B 621 11.43 -9.41 -3.72
C MET B 621 10.44 -8.37 -3.21
N TYR B 622 10.08 -8.46 -1.93
CA TYR B 622 9.15 -7.54 -1.30
C TYR B 622 9.86 -6.78 -0.19
N LEU B 623 9.69 -5.46 -0.17
CA LEU B 623 10.24 -4.60 0.86
C LEU B 623 9.14 -3.72 1.40
N GLU B 624 9.02 -3.64 2.72
CA GLU B 624 7.95 -2.86 3.34
C GLU B 624 8.46 -2.25 4.64
N ARG B 625 8.47 -0.92 4.70
CA ARG B 625 8.88 -0.17 5.89
C ARG B 625 10.30 -0.55 6.32
N VAL B 626 11.25 -0.27 5.44
CA VAL B 626 12.64 -0.61 5.66
C VAL B 626 13.46 0.68 5.72
N THR B 627 14.33 0.79 6.72
CA THR B 627 15.25 1.91 6.86
C THR B 627 16.66 1.47 6.50
N VAL B 628 17.36 2.29 5.74
CA VAL B 628 18.73 2.01 5.32
C VAL B 628 19.62 3.13 5.82
N ASP B 629 20.72 2.77 6.49
CA ASP B 629 21.71 3.72 6.97
C ASP B 629 23.00 3.52 6.21
N LEU B 630 23.50 4.58 5.58
CA LEU B 630 24.56 4.47 4.59
C LEU B 630 25.95 4.79 5.10
N ASP B 631 26.12 5.13 6.38
CA ASP B 631 27.44 5.53 6.88
C ASP B 631 28.44 4.40 6.79
N ASP B 632 29.61 4.67 6.19
CA ASP B 632 30.60 3.64 5.92
C ASP B 632 32.02 4.15 6.16
N SER B 633 32.23 4.88 7.25
CA SER B 633 33.51 5.56 7.43
C SER B 633 34.65 4.59 7.73
N ALA B 634 34.39 3.54 8.52
CA ALA B 634 35.46 2.63 8.94
C ALA B 634 36.05 1.88 7.75
N HIS B 635 35.20 1.43 6.83
CA HIS B 635 35.70 0.91 5.57
C HIS B 635 36.31 2.06 4.78
N GLY B 636 37.46 1.82 4.17
CA GLY B 636 38.17 2.91 3.53
C GLY B 636 37.36 3.53 2.41
N GLY B 637 37.25 2.82 1.30
CA GLY B 637 36.35 3.19 0.23
C GLY B 637 35.77 1.94 -0.38
N HIS B 638 36.05 0.81 0.27
CA HIS B 638 35.71 -0.48 -0.28
C HIS B 638 34.19 -0.65 -0.35
N ARG B 639 33.72 -1.09 -1.51
CA ARG B 639 32.28 -1.26 -1.75
C ARG B 639 32.15 -2.19 -2.94
N GLU B 640 31.65 -3.41 -2.72
CA GLU B 640 31.62 -4.40 -3.78
C GLU B 640 30.62 -4.04 -4.87
N HIS B 641 29.40 -3.68 -4.47
CA HIS B 641 28.35 -3.27 -5.40
C HIS B 641 28.01 -1.80 -5.18
N GLU B 642 27.75 -1.09 -6.26
CA GLU B 642 27.63 0.35 -6.23
C GLU B 642 26.23 0.85 -5.89
N GLY B 643 25.29 -0.04 -5.59
CA GLY B 643 23.93 0.34 -5.27
C GLY B 643 23.48 -0.15 -3.91
N ILE B 644 22.25 0.20 -3.57
CA ILE B 644 21.64 -0.21 -2.31
C ILE B 644 20.92 -1.53 -2.45
N ILE B 645 20.17 -1.73 -3.53
CA ILE B 645 19.58 -3.01 -3.86
C ILE B 645 20.28 -3.52 -5.10
N ASN B 646 20.89 -4.70 -5.00
CA ASN B 646 21.78 -5.20 -6.05
C ASN B 646 21.45 -6.64 -6.41
N ALA B 647 21.87 -7.01 -7.61
CA ALA B 647 22.05 -8.40 -7.98
C ALA B 647 23.50 -8.80 -7.71
N ARG B 648 23.81 -10.06 -7.96
CA ARG B 648 25.14 -10.58 -7.66
C ARG B 648 26.09 -10.33 -8.83
N GLY B 649 27.19 -9.63 -8.57
CA GLY B 649 28.15 -9.33 -9.62
C GLY B 649 29.00 -10.50 -10.03
N ASP B 650 29.09 -11.53 -9.20
CA ASP B 650 29.83 -12.75 -9.54
C ASP B 650 28.92 -13.85 -10.07
N PHE B 651 27.66 -13.55 -10.35
CA PHE B 651 26.75 -14.48 -11.00
C PHE B 651 26.21 -13.96 -12.32
N GLY B 652 26.62 -12.77 -12.74
CA GLY B 652 26.17 -12.18 -13.98
C GLY B 652 25.33 -10.93 -13.81
N GLY B 653 24.76 -10.72 -12.62
CA GLY B 653 23.93 -9.56 -12.40
C GLY B 653 22.48 -9.71 -12.82
N PHE B 654 21.95 -10.92 -12.80
CA PHE B 654 20.58 -11.17 -13.23
C PHE B 654 19.64 -11.30 -12.05
N HIS B 655 18.39 -10.90 -12.26
CA HIS B 655 17.30 -11.12 -11.29
C HIS B 655 16.02 -11.28 -12.10
N ASP B 656 15.66 -12.54 -12.39
CA ASP B 656 14.52 -12.85 -13.24
C ASP B 656 13.23 -12.78 -12.41
N GLY B 657 12.87 -11.55 -12.05
CA GLY B 657 11.69 -11.34 -11.24
C GLY B 657 11.55 -9.87 -10.89
N GLY B 658 10.43 -9.55 -10.27
CA GLY B 658 10.13 -8.17 -9.94
C GLY B 658 10.62 -7.75 -8.57
N LEU B 659 10.63 -6.44 -8.35
CA LEU B 659 11.03 -5.84 -7.09
C LEU B 659 9.99 -4.81 -6.70
N TYR B 660 9.34 -5.02 -5.55
CA TYR B 660 8.23 -4.19 -5.11
C TYR B 660 8.55 -3.60 -3.74
N ILE B 661 8.55 -2.28 -3.65
CA ILE B 661 9.01 -1.56 -2.47
C ILE B 661 7.89 -0.66 -1.97
N LYS B 662 7.66 -0.68 -0.66
CA LYS B 662 6.72 0.23 -0.01
C LYS B 662 7.40 0.89 1.17
N ASP B 663 7.37 2.23 1.20
CA ASP B 663 7.79 3.02 2.35
C ASP B 663 9.26 2.75 2.73
N LEU B 664 10.15 3.14 1.83
CA LEU B 664 11.59 3.01 2.05
C LEU B 664 12.15 4.33 2.56
N THR B 665 12.99 4.27 3.60
CA THR B 665 13.57 5.45 4.24
C THR B 665 15.08 5.39 4.12
N ILE B 666 15.70 6.52 3.75
CA ILE B 666 17.13 6.60 3.52
C ILE B 666 17.72 7.63 4.48
N VAL B 667 18.73 7.20 5.25
CA VAL B 667 19.50 8.10 6.10
C VAL B 667 20.98 7.83 5.88
N GLY B 668 21.81 8.81 6.22
CA GLY B 668 23.23 8.70 5.98
C GLY B 668 23.63 9.15 4.60
N GLU B 669 24.94 9.12 4.33
CA GLU B 669 25.42 9.64 3.06
C GLU B 669 26.39 8.73 2.32
N ALA B 670 27.14 7.90 3.05
CA ALA B 670 28.17 7.04 2.45
C ALA B 670 29.25 7.88 1.76
N SER B 671 29.88 8.76 2.54
CA SER B 671 30.84 9.71 2.00
C SER B 671 32.19 9.10 1.69
N ALA B 672 32.58 8.03 2.39
CA ALA B 672 33.88 7.41 2.14
C ALA B 672 33.95 6.81 0.75
N PHE B 673 32.85 6.18 0.29
CA PHE B 673 32.81 5.64 -1.06
C PHE B 673 32.85 6.74 -2.11
N GLU B 674 32.18 7.87 -1.83
CA GLU B 674 32.12 8.95 -2.80
C GLU B 674 33.49 9.56 -3.05
N ALA B 675 34.31 9.68 -2.00
CA ALA B 675 35.63 10.27 -2.16
C ALA B 675 36.49 9.43 -3.11
N THR B 676 36.38 8.11 -3.04
CA THR B 676 37.14 7.25 -3.93
C THR B 676 36.60 7.28 -5.35
N SER B 677 35.28 7.20 -5.52
CA SER B 677 34.69 7.06 -6.84
C SER B 677 34.30 8.39 -7.47
N GLY B 678 33.85 9.36 -6.69
CA GLY B 678 33.46 10.65 -7.22
C GLY B 678 31.96 10.87 -7.32
N HIS B 679 31.15 9.85 -7.10
CA HIS B 679 29.70 9.96 -7.19
C HIS B 679 29.07 9.18 -6.05
N PRO B 680 27.83 9.51 -5.68
CA PRO B 680 27.15 8.74 -4.63
C PRO B 680 26.70 7.37 -5.12
N VAL B 681 26.09 6.59 -4.26
CA VAL B 681 25.64 5.24 -4.62
C VAL B 681 24.37 5.34 -5.46
N ALA B 682 24.13 4.31 -6.26
CA ALA B 682 22.89 4.20 -7.00
C ALA B 682 21.81 3.58 -6.11
N LEU B 683 20.58 3.59 -6.61
CA LEU B 683 19.49 2.93 -5.90
C LEU B 683 19.43 1.45 -6.24
N VAL B 684 19.41 1.12 -7.53
CA VAL B 684 19.36 -0.25 -8.00
C VAL B 684 20.50 -0.46 -8.99
N SER B 685 21.23 -1.56 -8.84
CA SER B 685 22.33 -1.88 -9.72
C SER B 685 22.28 -3.35 -10.12
N ALA B 686 22.68 -3.62 -11.36
CA ALA B 686 22.69 -4.98 -11.88
C ALA B 686 23.72 -5.05 -13.00
N TYR B 687 24.85 -5.70 -12.75
CA TYR B 687 25.94 -5.78 -13.72
C TYR B 687 26.85 -6.93 -13.32
N SER B 688 27.85 -7.18 -14.15
CA SER B 688 28.79 -8.27 -13.94
C SER B 688 30.20 -7.74 -13.84
N PHE B 689 31.02 -8.38 -13.00
CA PHE B 689 32.41 -7.98 -12.86
C PHE B 689 33.26 -8.41 -14.05
N ASN B 690 32.95 -9.55 -14.64
CA ASN B 690 33.78 -10.12 -15.70
C ASN B 690 32.90 -11.02 -16.55
N ALA B 691 32.67 -10.63 -17.80
CA ALA B 691 31.73 -11.36 -18.64
C ALA B 691 32.24 -12.74 -19.05
N SER B 692 33.53 -13.00 -18.92
CA SER B 692 34.07 -14.31 -19.25
C SER B 692 34.11 -15.26 -18.05
N LEU B 693 33.82 -14.77 -16.85
CA LEU B 693 33.75 -15.61 -15.66
C LEU B 693 32.35 -15.75 -15.11
N ALA B 694 31.46 -14.78 -15.33
CA ALA B 694 30.12 -14.79 -14.77
C ALA B 694 29.16 -14.24 -15.82
N TYR B 695 28.28 -15.11 -16.32
CA TYR B 695 27.36 -14.75 -17.40
C TYR B 695 26.30 -15.83 -17.49
N ILE B 696 25.36 -15.62 -18.40
CA ILE B 696 24.30 -16.59 -18.69
C ILE B 696 24.49 -17.09 -20.11
N PRO B 697 24.75 -18.38 -20.31
CA PRO B 697 24.96 -18.89 -21.68
C PRO B 697 23.68 -18.88 -22.50
N GLU B 698 23.87 -18.95 -23.82
CA GLU B 698 22.74 -18.84 -24.75
C GLU B 698 21.76 -19.99 -24.58
N SER B 699 22.26 -21.20 -24.36
CA SER B 699 21.39 -22.36 -24.22
C SER B 699 20.62 -22.38 -22.91
N SER B 700 20.95 -21.49 -21.96
CA SER B 700 20.29 -21.49 -20.67
C SER B 700 18.84 -21.03 -20.81
N PRO B 701 17.93 -21.58 -20.00
CA PRO B 701 16.54 -21.11 -20.00
C PRO B 701 16.29 -19.85 -19.20
N VAL B 702 17.32 -19.29 -18.57
CA VAL B 702 17.17 -18.08 -17.76
C VAL B 702 17.12 -16.86 -18.67
N THR B 703 16.12 -16.01 -18.46
CA THR B 703 16.05 -14.73 -19.17
C THR B 703 16.87 -13.70 -18.41
N PRO B 704 17.91 -13.12 -19.00
CA PRO B 704 18.84 -12.27 -18.25
C PRO B 704 18.33 -10.84 -18.05
N TRP B 705 17.20 -10.72 -17.34
CA TRP B 705 16.74 -9.41 -16.91
C TRP B 705 17.62 -8.89 -15.78
N GLY B 706 17.91 -7.60 -15.80
CA GLY B 706 18.57 -6.98 -14.67
C GLY B 706 17.66 -7.09 -13.47
N PHE B 707 16.55 -6.37 -13.51
CA PHE B 707 15.34 -6.71 -12.80
C PHE B 707 14.22 -6.63 -13.82
N LYS B 708 13.23 -7.51 -13.71
CA LYS B 708 12.15 -7.47 -14.69
C LYS B 708 11.29 -6.22 -14.50
N GLU B 709 10.88 -5.95 -13.26
CA GLU B 709 10.06 -4.80 -12.94
C GLU B 709 10.59 -4.16 -11.67
N VAL B 710 10.47 -2.85 -11.57
CA VAL B 710 10.84 -2.11 -10.38
C VAL B 710 9.70 -1.17 -10.04
N ILE B 711 9.04 -1.41 -8.92
CA ILE B 711 7.94 -0.57 -8.44
C ILE B 711 8.35 0.01 -7.09
N VAL B 712 8.47 1.33 -7.02
CA VAL B 712 8.81 2.03 -5.78
C VAL B 712 7.64 2.93 -5.42
N GLU B 713 7.10 2.75 -4.23
CA GLU B 713 5.91 3.48 -3.77
C GLU B 713 6.21 4.09 -2.40
N GLY B 714 6.76 5.29 -2.41
CA GLY B 714 7.04 5.99 -1.17
C GLY B 714 8.50 5.92 -0.77
N LEU B 715 9.24 6.97 -1.05
CA LEU B 715 10.65 7.08 -0.67
C LEU B 715 10.80 8.35 0.16
N HIS B 716 11.33 8.21 1.36
CA HIS B 716 11.46 9.32 2.30
C HIS B 716 12.93 9.56 2.62
N CYS B 717 13.37 10.80 2.48
CA CYS B 717 14.74 11.20 2.81
C CYS B 717 14.64 12.39 3.76
N PRO B 718 14.63 12.14 5.06
CA PRO B 718 14.39 13.22 6.03
C PRO B 718 15.45 14.32 6.03
N PHE B 719 16.67 14.04 5.62
CA PHE B 719 17.76 15.01 5.70
C PHE B 719 18.13 15.53 4.32
N LYS B 720 18.38 16.84 4.24
CA LYS B 720 18.69 17.49 2.97
C LYS B 720 20.05 17.03 2.44
N ARG B 721 20.16 17.01 1.12
CA ARG B 721 21.37 16.58 0.44
C ARG B 721 21.79 17.64 -0.56
N THR B 722 23.04 18.06 -0.50
CA THR B 722 23.60 19.01 -1.46
C THR B 722 24.20 18.22 -2.61
N GLY B 723 23.58 18.29 -3.79
CA GLY B 723 23.90 17.43 -4.90
C GLY B 723 22.69 16.57 -5.29
N ARG B 724 22.98 15.39 -5.80
CA ARG B 724 21.94 14.44 -6.18
C ARG B 724 21.93 13.27 -5.21
N ARG B 725 20.72 12.78 -4.91
CA ARG B 725 20.59 11.70 -3.95
C ARG B 725 21.26 10.42 -4.42
N PHE B 726 21.09 10.09 -5.70
CA PHE B 726 21.62 8.86 -6.25
C PHE B 726 22.40 9.15 -7.52
N ASN B 727 23.41 8.33 -7.80
CA ASN B 727 24.13 8.43 -9.06
C ASN B 727 23.22 8.09 -10.24
N SER B 728 22.34 7.11 -10.07
CA SER B 728 21.38 6.75 -11.08
C SER B 728 20.27 5.94 -10.42
N ILE B 729 19.07 6.04 -10.99
CA ILE B 729 17.96 5.24 -10.47
C ILE B 729 18.22 3.76 -10.71
N ILE B 730 18.59 3.40 -11.93
CA ILE B 730 18.99 2.04 -12.28
C ILE B 730 20.35 2.14 -12.94
N SER B 731 21.33 1.38 -12.43
CA SER B 731 22.73 1.58 -12.80
C SER B 731 23.38 0.30 -13.25
N ALA B 732 24.31 0.42 -14.20
CA ALA B 732 25.13 -0.69 -14.67
C ALA B 732 26.50 -0.14 -15.04
N PRO B 733 27.36 0.11 -14.05
CA PRO B 733 28.58 0.88 -14.31
C PRO B 733 29.75 0.10 -14.88
N SER B 734 29.51 -1.09 -15.43
CA SER B 734 30.57 -1.88 -16.04
C SER B 734 30.50 -1.78 -17.55
N ILE B 735 31.40 -2.50 -18.22
CA ILE B 735 31.40 -2.57 -19.69
C ILE B 735 31.29 -4.01 -20.14
N GLN B 736 30.58 -4.84 -19.38
CA GLN B 736 30.43 -6.24 -19.74
C GLN B 736 29.16 -6.55 -20.52
N PHE B 737 28.09 -5.78 -20.32
CA PHE B 737 26.85 -5.90 -21.09
C PHE B 737 26.26 -7.31 -20.99
N THR B 738 25.86 -7.68 -19.78
CA THR B 738 25.36 -9.03 -19.54
C THR B 738 23.85 -9.12 -19.37
N VAL B 739 23.18 -8.06 -18.92
CA VAL B 739 21.76 -8.13 -18.60
C VAL B 739 21.01 -6.99 -19.25
N TYR B 740 19.69 -7.13 -19.31
CA TYR B 740 18.80 -6.13 -19.87
C TYR B 740 18.45 -5.07 -18.84
N HIS B 741 18.15 -3.87 -19.35
CA HIS B 741 17.51 -2.86 -18.53
C HIS B 741 16.10 -3.31 -18.16
N PRO B 742 15.60 -2.94 -16.99
CA PRO B 742 14.24 -3.34 -16.60
C PRO B 742 13.20 -2.90 -17.62
N MET B 743 12.21 -3.76 -17.84
CA MET B 743 11.20 -3.49 -18.85
C MET B 743 10.25 -2.38 -18.40
N ARG B 744 9.93 -2.33 -17.10
CA ARG B 744 9.03 -1.32 -16.58
C ARG B 744 9.56 -0.78 -15.26
N VAL B 745 9.57 0.54 -15.12
CA VAL B 745 9.96 1.22 -13.88
C VAL B 745 8.86 2.20 -13.52
N LYS B 746 8.41 2.16 -12.27
CA LYS B 746 7.35 3.05 -11.79
C LYS B 746 7.75 3.64 -10.45
N LEU B 747 7.68 4.96 -10.34
CA LEU B 747 7.98 5.68 -9.12
C LEU B 747 6.76 6.49 -8.68
N GLU B 748 6.45 6.45 -7.39
CA GLU B 748 5.30 7.17 -6.87
C GLU B 748 5.60 7.67 -5.47
N ASP B 749 5.23 8.93 -5.22
CA ASP B 749 5.37 9.55 -3.89
C ASP B 749 6.82 9.53 -3.40
N CYS B 750 7.76 9.75 -4.31
CA CYS B 750 9.18 9.74 -3.97
C CYS B 750 9.66 11.18 -3.79
N ASN B 751 10.17 11.48 -2.61
CA ASN B 751 10.69 12.81 -2.27
C ASN B 751 12.20 12.67 -2.08
N PHE B 752 12.96 13.10 -3.08
CA PHE B 752 14.42 12.91 -3.05
C PHE B 752 15.12 13.90 -2.13
N ASN B 753 14.56 15.11 -1.98
CA ASN B 753 15.08 16.11 -1.05
C ASN B 753 16.53 16.47 -1.35
N SER B 754 16.81 16.76 -2.62
CA SER B 754 18.15 17.07 -3.09
C SER B 754 18.11 18.33 -3.95
N THR B 755 19.28 18.85 -4.28
CA THR B 755 19.40 20.12 -4.99
C THR B 755 19.87 19.97 -6.43
N ALA B 756 19.99 18.75 -6.94
CA ALA B 756 20.40 18.53 -8.31
C ALA B 756 19.53 17.45 -8.94
N PHE B 757 19.49 17.44 -10.27
CA PHE B 757 18.57 16.55 -10.97
C PHE B 757 18.99 15.09 -10.83
N GLU B 758 18.00 14.21 -10.81
CA GLU B 758 18.22 12.78 -10.85
C GLU B 758 18.23 12.32 -12.31
N LYS B 759 18.83 11.14 -12.55
CA LYS B 759 19.02 10.70 -13.92
C LYS B 759 18.72 9.23 -14.08
N PHE B 760 18.32 8.88 -15.31
CA PHE B 760 18.21 7.50 -15.80
C PHE B 760 19.36 7.26 -16.76
N ASP B 761 20.35 6.50 -16.33
CA ASP B 761 21.52 6.19 -17.15
C ASP B 761 21.31 4.85 -17.82
N LEU B 762 21.39 4.82 -19.15
CA LEU B 762 21.17 3.61 -19.93
C LEU B 762 22.40 3.24 -20.74
N ARG B 763 23.58 3.33 -20.15
CA ARG B 763 24.81 3.23 -20.92
C ARG B 763 25.56 1.92 -20.75
N GLY B 764 25.06 0.97 -19.97
CA GLY B 764 25.79 -0.27 -19.83
C GLY B 764 24.96 -1.54 -19.93
N TRP B 765 23.89 -1.50 -20.72
CA TRP B 765 22.89 -2.55 -20.73
C TRP B 765 22.92 -3.34 -22.03
N ARG B 766 22.51 -4.60 -21.95
CA ARG B 766 22.38 -5.44 -23.12
C ARG B 766 21.27 -4.95 -24.03
N VAL B 767 21.40 -5.24 -25.33
CA VAL B 767 20.39 -4.82 -26.29
C VAL B 767 19.07 -5.51 -25.97
N THR B 768 17.99 -4.73 -26.02
CA THR B 768 16.69 -5.18 -25.57
C THR B 768 16.19 -6.37 -26.39
N PRO B 769 15.46 -7.29 -25.77
CA PRO B 769 14.87 -8.40 -26.52
C PRO B 769 13.67 -8.02 -27.36
N TYR B 770 13.19 -6.78 -27.27
CA TYR B 770 12.12 -6.31 -28.14
C TYR B 770 12.63 -5.90 -29.51
N ASN B 771 13.94 -5.76 -29.67
CA ASN B 771 14.56 -5.37 -30.93
C ASN B 771 15.72 -6.31 -31.21
N PRO B 772 15.46 -7.59 -31.45
CA PRO B 772 16.57 -8.55 -31.58
C PRO B 772 17.34 -8.42 -32.89
N SER B 773 16.71 -7.93 -33.95
CA SER B 773 17.39 -7.79 -35.23
C SER B 773 18.17 -6.48 -35.35
N LYS B 774 18.11 -5.63 -34.33
CA LYS B 774 18.86 -4.38 -34.28
C LYS B 774 18.48 -3.47 -35.45
N VAL B 775 17.21 -3.11 -35.50
CA VAL B 775 16.69 -2.21 -36.52
C VAL B 775 16.88 -0.77 -36.04
N GLY B 776 17.54 0.04 -36.86
CA GLY B 776 17.72 1.44 -36.51
C GLY B 776 16.42 2.21 -36.65
N ILE B 777 16.14 3.04 -35.65
CA ILE B 777 14.88 3.77 -35.55
C ILE B 777 15.11 5.21 -35.97
N ALA B 778 14.31 5.70 -36.91
CA ALA B 778 14.38 7.09 -37.36
C ALA B 778 13.38 7.98 -36.66
N ASN B 779 12.15 7.50 -36.46
CA ASN B 779 11.11 8.22 -35.75
C ASN B 779 10.56 7.32 -34.66
N THR B 780 10.30 7.89 -33.49
CA THR B 780 9.85 7.08 -32.35
C THR B 780 8.49 6.43 -32.60
N LEU B 781 7.68 6.98 -33.48
CA LEU B 781 6.36 6.44 -33.75
C LEU B 781 6.37 5.33 -34.79
N ALA B 782 7.50 5.08 -35.45
CA ALA B 782 7.61 4.06 -36.47
C ALA B 782 8.09 2.73 -35.94
N PHE B 783 8.25 2.60 -34.62
CA PHE B 783 8.66 1.34 -34.02
C PHE B 783 7.92 1.15 -32.70
N ARG B 784 7.81 -0.10 -32.26
CA ARG B 784 7.15 -0.41 -31.02
C ARG B 784 7.96 0.11 -29.83
N PRO B 785 7.30 0.45 -28.72
CA PRO B 785 8.04 0.83 -27.52
C PRO B 785 8.70 -0.38 -26.87
N THR B 786 9.91 -0.19 -26.37
CA THR B 786 10.66 -1.27 -25.75
C THR B 786 10.78 -1.16 -24.25
N ASN B 787 10.72 0.05 -23.69
CA ASN B 787 10.83 0.24 -22.25
C ASN B 787 9.81 1.28 -21.81
N PHE B 788 9.34 1.16 -20.58
CA PHE B 788 8.25 1.96 -20.04
C PHE B 788 8.65 2.55 -18.70
N VAL B 789 8.40 3.85 -18.51
CA VAL B 789 8.74 4.55 -17.28
C VAL B 789 7.56 5.43 -16.88
N ASP B 790 7.16 5.36 -15.61
CA ASP B 790 6.08 6.18 -15.07
C ASP B 790 6.55 6.86 -13.79
N VAL B 791 6.39 8.18 -13.72
CA VAL B 791 6.73 8.96 -12.54
C VAL B 791 5.49 9.74 -12.14
N LYS B 792 5.05 9.57 -10.89
CA LYS B 792 3.80 10.15 -10.43
C LYS B 792 3.98 10.76 -9.06
N ASP B 793 3.62 12.03 -8.93
CA ASP B 793 3.58 12.73 -7.63
C ASP B 793 4.94 12.69 -6.93
N CYS B 794 6.01 12.81 -7.69
CA CYS B 794 7.35 12.79 -7.13
C CYS B 794 7.94 14.20 -7.11
N SER B 795 8.90 14.40 -6.22
CA SER B 795 9.51 15.71 -6.00
C SER B 795 10.98 15.64 -6.38
N MET B 796 11.34 16.30 -7.48
CA MET B 796 12.74 16.38 -7.87
C MET B 796 12.97 17.68 -8.63
N VAL B 797 14.24 18.10 -8.64
CA VAL B 797 14.63 19.32 -9.35
C VAL B 797 14.62 19.10 -10.85
N GLY B 798 14.98 17.92 -11.31
CA GLY B 798 14.94 17.63 -12.73
C GLY B 798 15.17 16.16 -12.98
N LEU B 799 14.96 15.78 -14.23
CA LEU B 799 15.12 14.40 -14.68
C LEU B 799 15.91 14.38 -15.98
N GLU B 800 16.83 13.43 -16.10
CA GLU B 800 17.70 13.33 -17.27
C GLU B 800 17.73 11.89 -17.78
N PHE B 801 17.65 11.74 -19.11
CA PHE B 801 17.78 10.46 -19.78
C PHE B 801 19.01 10.50 -20.68
N THR B 802 19.93 9.56 -20.50
CA THR B 802 21.14 9.47 -21.31
C THR B 802 21.11 8.19 -22.12
N ARG B 803 21.29 8.32 -23.43
CA ARG B 803 21.23 7.19 -24.34
C ARG B 803 22.53 6.39 -24.31
N PRO B 804 22.47 5.10 -24.66
CA PRO B 804 23.69 4.29 -24.71
C PRO B 804 24.59 4.68 -25.88
N THR B 805 25.81 4.19 -25.83
CA THR B 805 26.72 4.38 -26.95
C THR B 805 26.26 3.56 -28.14
N SER B 806 26.75 3.93 -29.32
CA SER B 806 26.40 3.18 -30.52
C SER B 806 26.88 1.74 -30.40
N ALA B 807 26.23 0.86 -31.17
CA ALA B 807 26.30 -0.60 -31.11
C ALA B 807 25.43 -1.12 -29.97
N TYR B 808 24.85 -0.26 -29.15
CA TYR B 808 23.90 -0.67 -28.13
C TYR B 808 22.68 0.22 -28.08
N ASP B 809 22.58 1.24 -28.94
CA ASP B 809 21.49 2.20 -28.91
C ASP B 809 20.38 1.72 -29.84
N TYR B 810 19.49 0.89 -29.29
CA TYR B 810 18.39 0.35 -30.08
C TYR B 810 17.09 0.31 -29.29
N SER B 811 16.95 1.12 -28.26
CA SER B 811 15.74 1.15 -27.44
C SER B 811 14.81 2.26 -27.89
N ASN B 812 13.58 2.22 -27.37
CA ASN B 812 12.54 3.18 -27.72
C ASN B 812 11.64 3.32 -26.49
N PHE B 813 11.78 4.43 -25.78
CA PHE B 813 11.16 4.58 -24.47
C PHE B 813 9.77 5.20 -24.57
N ASP B 814 8.99 4.98 -23.53
CA ASP B 814 7.63 5.52 -23.40
C ASP B 814 7.51 6.07 -21.98
N VAL B 815 7.57 7.40 -21.84
CA VAL B 815 7.71 8.06 -20.56
C VAL B 815 6.43 8.82 -20.24
N ASN B 816 5.94 8.66 -19.02
CA ASN B 816 4.67 9.25 -18.58
C ASN B 816 4.89 9.94 -17.25
N LEU B 817 4.80 11.27 -17.25
CA LEU B 817 5.03 12.08 -16.05
C LEU B 817 3.74 12.78 -15.64
N VAL B 818 3.37 12.63 -14.37
CA VAL B 818 2.11 13.18 -13.85
C VAL B 818 2.39 13.92 -12.56
N ASN B 819 2.06 15.22 -12.54
CA ASN B 819 2.11 16.04 -11.32
C ASN B 819 3.50 16.03 -10.68
N VAL B 820 4.51 16.39 -11.47
CA VAL B 820 5.89 16.37 -11.05
C VAL B 820 6.37 17.81 -10.88
N LYS B 821 6.93 18.10 -9.71
CA LYS B 821 7.50 19.41 -9.41
C LYS B 821 8.39 19.25 -8.19
N ASN B 822 8.98 20.36 -7.75
CA ASN B 822 9.77 20.38 -6.52
C ASN B 822 8.97 21.08 -5.42
N VAL B 823 8.83 20.42 -4.27
CA VAL B 823 8.03 20.94 -3.19
C VAL B 823 8.85 21.51 -2.03
N GLU B 824 10.13 21.18 -1.95
CA GLU B 824 10.96 21.66 -0.86
C GLU B 824 11.36 23.11 -1.08
N GLU B 825 11.49 23.85 0.02
CA GLU B 825 11.72 25.28 -0.07
C GLU B 825 13.17 25.66 -0.34
N HIS B 826 14.11 24.71 -0.28
CA HIS B 826 15.51 25.04 -0.52
C HIS B 826 15.84 25.23 -2.00
N SER B 827 14.91 24.93 -2.90
CA SER B 827 15.15 25.07 -4.32
C SER B 827 13.91 25.69 -4.98
N LEU B 828 13.97 25.87 -6.28
CA LEU B 828 12.85 26.40 -7.03
C LEU B 828 11.87 25.28 -7.38
N SER B 829 10.62 25.68 -7.65
CA SER B 829 9.55 24.72 -7.86
C SER B 829 9.58 24.05 -9.24
N PRO B 830 9.66 24.79 -10.35
CA PRO B 830 9.60 24.13 -11.66
C PRO B 830 10.80 23.24 -11.92
N PHE B 831 10.57 22.15 -12.65
CA PHE B 831 11.62 21.18 -12.94
C PHE B 831 11.86 21.14 -14.44
N THR B 832 13.09 20.82 -14.82
CA THR B 832 13.49 20.76 -16.23
C THR B 832 13.72 19.31 -16.63
N LEU B 833 13.38 19.00 -17.88
CA LEU B 833 13.50 17.65 -18.42
C LEU B 833 14.60 17.64 -19.48
N TYR B 834 15.70 16.94 -19.18
CA TYR B 834 16.76 16.71 -20.14
C TYR B 834 16.55 15.34 -20.77
N THR B 835 16.61 15.27 -22.09
CA THR B 835 16.47 13.98 -22.74
C THR B 835 17.42 13.87 -23.92
N ASN B 836 18.00 12.69 -24.05
CA ASN B 836 18.95 12.35 -25.11
C ASN B 836 18.49 11.15 -25.91
N GLN B 837 17.43 10.48 -25.50
CA GLN B 837 17.04 9.17 -25.99
C GLN B 837 15.72 9.26 -26.76
N CYS B 838 15.63 8.49 -27.84
CA CYS B 838 14.40 8.42 -28.63
C CYS B 838 13.24 7.89 -27.78
N GLY B 839 12.11 8.58 -27.83
CA GLY B 839 10.97 8.13 -27.06
C GLY B 839 9.79 9.08 -27.20
N ARG B 840 8.72 8.73 -26.50
CA ARG B 840 7.50 9.54 -26.44
C ARG B 840 7.32 10.02 -25.01
N TYR B 841 7.11 11.32 -24.84
CA TYR B 841 7.04 11.94 -23.52
C TYR B 841 5.70 12.62 -23.34
N ASN B 842 5.02 12.31 -22.23
CA ASN B 842 3.70 12.84 -21.92
C ASN B 842 3.74 13.45 -20.54
N LEU B 843 3.24 14.68 -20.42
CA LEU B 843 3.23 15.41 -19.15
C LEU B 843 1.82 15.89 -18.86
N VAL B 844 1.31 15.56 -17.68
CA VAL B 844 -0.05 15.95 -17.29
C VAL B 844 0.04 16.69 -15.96
N GLY B 845 -0.33 17.97 -15.98
CA GLY B 845 -0.40 18.75 -14.76
C GLY B 845 0.91 18.94 -14.03
N CYS B 846 1.99 19.16 -14.75
CA CYS B 846 3.31 19.27 -14.14
C CYS B 846 3.73 20.73 -14.00
N GLY B 847 4.66 20.97 -13.09
CA GLY B 847 5.31 22.26 -12.96
C GLY B 847 6.56 22.34 -13.81
N LEU B 848 6.39 22.49 -15.11
CA LEU B 848 7.50 22.44 -16.05
C LEU B 848 8.29 23.75 -16.06
N GLN B 849 9.59 23.63 -16.32
CA GLN B 849 10.45 24.79 -16.51
C GLN B 849 11.03 24.87 -17.91
N GLN B 850 11.64 23.80 -18.39
CA GLN B 850 12.31 23.82 -19.69
C GLN B 850 12.39 22.40 -20.23
N ILE B 851 12.42 22.29 -21.54
CA ILE B 851 12.66 21.02 -22.23
C ILE B 851 13.95 21.17 -23.02
N VAL B 852 14.95 20.38 -22.66
CA VAL B 852 16.27 20.44 -23.29
C VAL B 852 16.55 19.08 -23.92
N ASP B 853 16.87 19.08 -25.21
CA ASP B 853 17.17 17.84 -25.92
C ASP B 853 18.65 17.49 -25.94
N LYS B 854 19.27 17.47 -24.76
CA LYS B 854 20.65 17.03 -24.63
C LYS B 854 20.86 16.48 -23.24
N SER B 855 21.94 15.73 -23.07
CA SER B 855 22.31 15.15 -21.79
C SER B 855 23.43 15.96 -21.17
N MET B 856 23.23 16.40 -19.92
CA MET B 856 24.25 17.18 -19.23
C MET B 856 25.46 16.32 -18.88
N THR B 857 25.24 15.04 -18.59
CA THR B 857 26.34 14.17 -18.18
C THR B 857 27.34 13.95 -19.31
N SER B 858 26.86 13.69 -20.52
CA SER B 858 27.73 13.37 -21.64
C SER B 858 27.92 14.53 -22.61
N GLY B 859 26.90 15.36 -22.82
CA GLY B 859 26.98 16.48 -23.72
C GLY B 859 26.44 16.24 -25.12
N GLU B 860 26.13 15.00 -25.48
CA GLU B 860 25.62 14.71 -26.81
C GLU B 860 24.20 15.21 -26.96
N ARG B 861 23.92 15.87 -28.09
CA ARG B 861 22.60 16.47 -28.29
C ARG B 861 21.48 15.45 -28.44
N ALA B 862 21.37 14.82 -29.62
CA ALA B 862 20.31 13.87 -29.94
C ALA B 862 20.49 13.40 -31.37
N ASN B 863 19.91 12.25 -31.72
CA ASN B 863 20.06 11.73 -33.07
C ASN B 863 18.80 11.07 -33.60
N ARG B 864 17.66 11.24 -32.93
CA ARG B 864 16.41 10.66 -33.38
C ARG B 864 15.27 11.60 -33.05
N ARG B 865 14.15 11.42 -33.75
CA ARG B 865 12.99 12.29 -33.58
C ARG B 865 12.08 11.75 -32.48
N SER B 866 11.74 12.62 -31.53
CA SER B 866 10.89 12.26 -30.40
C SER B 866 9.61 13.09 -30.42
N THR B 867 8.76 12.83 -29.43
CA THR B 867 7.43 13.43 -29.35
C THR B 867 7.18 13.94 -27.93
N PHE B 868 6.62 15.14 -27.82
CA PHE B 868 6.33 15.76 -26.54
C PHE B 868 4.89 16.27 -26.52
N SER B 869 4.18 16.01 -25.43
CA SER B 869 2.78 16.42 -25.29
C SER B 869 2.55 16.90 -23.86
N VAL B 870 2.08 18.14 -23.73
CA VAL B 870 1.91 18.79 -22.43
C VAL B 870 0.46 19.17 -22.25
N THR B 871 -0.13 18.79 -21.11
CA THR B 871 -1.54 19.02 -20.82
C THR B 871 -1.69 19.63 -19.45
N GLY B 872 -2.23 20.84 -19.38
CA GLY B 872 -2.48 21.49 -18.11
C GLY B 872 -1.20 21.93 -17.41
N GLY B 873 -1.38 22.40 -16.19
CA GLY B 873 -0.26 22.82 -15.38
C GLY B 873 0.29 24.19 -15.75
N THR B 874 1.47 24.47 -15.22
CA THR B 874 2.16 25.73 -15.41
C THR B 874 3.51 25.49 -16.07
N TRP B 875 3.87 26.36 -17.01
CA TRP B 875 5.17 26.31 -17.68
C TRP B 875 5.92 27.58 -17.32
N ASN B 876 6.62 27.56 -16.20
CA ASN B 876 7.35 28.72 -15.68
C ASN B 876 8.81 28.57 -16.06
N SER B 877 9.25 29.31 -17.07
CA SER B 877 10.62 29.25 -17.55
C SER B 877 11.54 30.22 -16.83
N LEU B 878 11.03 30.93 -15.82
CA LEU B 878 11.83 31.83 -14.99
C LEU B 878 12.45 32.95 -15.82
N SER B 879 13.74 32.84 -16.12
CA SER B 879 14.45 33.89 -16.83
C SER B 879 14.89 33.48 -18.23
N GLY B 880 14.51 32.30 -18.69
CA GLY B 880 14.95 31.83 -19.99
C GLY B 880 13.83 31.42 -20.92
N ASN B 881 14.18 30.72 -21.99
CA ASN B 881 13.23 30.26 -22.99
C ASN B 881 12.56 28.97 -22.53
N PRO B 882 11.32 28.74 -22.94
CA PRO B 882 10.65 27.48 -22.56
C PRO B 882 11.32 26.23 -23.10
N THR B 883 11.99 26.28 -24.24
CA THR B 883 12.57 25.09 -24.84
C THR B 883 14.02 25.35 -25.26
N ASP B 884 14.77 24.25 -25.36
CA ASP B 884 16.12 24.26 -25.94
C ASP B 884 16.27 22.98 -26.77
N ILE B 885 15.90 23.07 -28.05
CA ILE B 885 15.88 21.94 -28.95
C ILE B 885 16.64 22.31 -30.21
N THR B 886 17.62 21.49 -30.59
CA THR B 886 18.47 21.81 -31.73
C THR B 886 18.65 20.69 -32.74
N TYR B 887 18.20 19.47 -32.47
CA TYR B 887 18.41 18.39 -33.41
C TYR B 887 17.59 18.63 -34.67
N GLY B 888 18.26 18.67 -35.82
CA GLY B 888 17.57 19.04 -37.05
C GLY B 888 16.99 20.43 -37.03
N ASN B 889 17.58 21.34 -36.26
CA ASN B 889 17.12 22.71 -36.09
C ASN B 889 15.75 22.78 -35.43
N GLY B 890 15.24 21.64 -34.98
CA GLY B 890 13.97 21.58 -34.31
C GLY B 890 12.80 21.18 -35.19
N TYR B 891 12.97 21.18 -36.50
CA TYR B 891 11.90 20.70 -37.37
C TYR B 891 11.71 19.20 -37.15
N ASP B 892 10.48 18.75 -37.36
CA ASP B 892 10.05 17.37 -37.11
C ASP B 892 9.99 17.01 -35.64
N ILE B 893 10.00 17.99 -34.74
CA ILE B 893 9.81 17.71 -33.32
C ILE B 893 8.50 18.34 -32.85
N PRO B 894 7.44 17.55 -32.71
CA PRO B 894 6.12 18.09 -32.35
C PRO B 894 5.88 18.32 -30.86
N VAL B 895 6.20 19.50 -30.34
CA VAL B 895 5.80 19.87 -28.99
C VAL B 895 4.39 20.46 -29.05
N VAL B 896 3.46 19.84 -28.33
CA VAL B 896 2.04 20.21 -28.36
C VAL B 896 1.58 20.52 -26.94
N ALA B 897 0.91 21.65 -26.76
CA ALA B 897 0.48 22.10 -25.44
C ALA B 897 -1.01 22.46 -25.47
N THR B 898 -1.69 22.19 -24.37
CA THR B 898 -3.13 22.40 -24.27
C THR B 898 -3.49 22.85 -22.87
N GLY B 899 -4.10 24.02 -22.76
CA GLY B 899 -4.55 24.54 -21.47
C GLY B 899 -3.45 24.83 -20.47
N VAL B 900 -2.36 25.42 -20.92
CA VAL B 900 -1.18 25.66 -20.09
C VAL B 900 -1.08 27.15 -19.79
N MET B 901 -0.58 27.46 -18.59
CA MET B 901 -0.27 28.84 -18.21
C MET B 901 1.22 29.06 -18.35
N PHE B 902 1.61 29.98 -19.24
CA PHE B 902 3.01 30.27 -19.51
C PHE B 902 3.44 31.48 -18.69
N VAL B 903 4.53 31.33 -17.95
CA VAL B 903 5.12 32.40 -17.16
C VAL B 903 6.58 32.54 -17.56
N GLY B 904 7.02 33.77 -17.82
CA GLY B 904 8.38 34.00 -18.23
C GLY B 904 8.60 35.41 -18.72
N PRO B 905 9.73 35.66 -19.36
CA PRO B 905 10.04 37.00 -19.89
C PRO B 905 9.41 37.27 -21.26
N TYR B 906 8.08 37.31 -21.28
CA TYR B 906 7.35 37.67 -22.49
C TYR B 906 7.01 39.15 -22.46
N SER B 907 6.66 39.69 -23.63
CA SER B 907 6.37 41.11 -23.75
C SER B 907 5.36 41.34 -24.86
N GLN B 908 4.54 42.37 -24.70
CA GLN B 908 3.60 42.80 -25.72
C GLN B 908 4.08 44.02 -26.49
N THR B 909 5.13 44.69 -26.03
CA THR B 909 5.63 45.89 -26.69
C THR B 909 6.99 45.71 -27.35
N GLU B 910 7.76 44.70 -26.98
CA GLU B 910 9.05 44.44 -27.58
C GLU B 910 9.13 42.98 -28.00
N VAL B 911 9.94 42.72 -29.02
CA VAL B 911 10.17 41.36 -29.50
C VAL B 911 11.32 40.78 -28.70
N THR B 912 11.02 39.90 -27.75
CA THR B 912 12.02 39.30 -26.89
C THR B 912 12.36 37.89 -27.38
N GLY B 913 13.41 37.33 -26.79
CA GLY B 913 13.84 35.99 -27.18
C GLY B 913 12.82 34.92 -26.83
N ALA B 914 12.15 35.07 -25.69
CA ALA B 914 11.16 34.07 -25.29
C ALA B 914 9.91 34.16 -26.14
N ASN B 915 9.59 35.33 -26.69
CA ASN B 915 8.45 35.44 -27.60
C ASN B 915 8.66 34.58 -28.84
N LEU B 916 9.84 34.68 -29.45
CA LEU B 916 10.12 33.94 -30.66
C LEU B 916 10.26 32.44 -30.37
N ASN B 917 10.83 32.10 -29.23
CA ASN B 917 11.07 30.69 -28.90
C ASN B 917 9.75 29.94 -28.76
N VAL B 918 8.77 30.52 -28.08
CA VAL B 918 7.52 29.81 -27.85
C VAL B 918 6.69 29.72 -29.13
N ALA B 919 6.75 30.74 -29.99
CA ALA B 919 5.95 30.72 -31.20
C ALA B 919 6.51 29.76 -32.24
N GLU B 920 7.79 29.41 -32.14
CA GLU B 920 8.42 28.53 -33.12
C GLU B 920 8.34 27.07 -32.73
N PHE B 921 8.60 26.75 -31.46
CA PHE B 921 8.78 25.37 -31.05
C PHE B 921 7.54 24.75 -30.41
N VAL B 922 6.57 25.54 -29.98
CA VAL B 922 5.41 25.03 -29.26
C VAL B 922 4.15 25.42 -30.04
N GLN B 923 3.29 24.44 -30.28
CA GLN B 923 1.96 24.67 -30.83
C GLN B 923 0.96 24.68 -29.69
N ALA B 924 0.34 25.82 -29.45
CA ALA B 924 -0.50 26.03 -28.27
C ALA B 924 -1.95 26.26 -28.66
N SER B 925 -2.85 25.90 -27.75
CA SER B 925 -4.28 26.12 -27.94
C SER B 925 -4.91 26.31 -26.58
N GLY B 926 -5.57 27.45 -26.38
CA GLY B 926 -6.14 27.76 -25.08
C GLY B 926 -5.11 27.99 -23.99
N CYS B 927 -4.06 28.75 -24.30
CA CYS B 927 -2.98 29.01 -23.35
C CYS B 927 -2.88 30.50 -23.06
N LYS B 928 -2.41 30.82 -21.86
CA LYS B 928 -2.27 32.19 -21.40
C LYS B 928 -0.81 32.53 -21.15
N PHE B 929 -0.49 33.82 -21.22
CA PHE B 929 0.87 34.30 -21.00
C PHE B 929 0.86 35.42 -19.97
N LEU B 930 1.86 35.41 -19.09
CA LEU B 930 1.97 36.41 -18.04
C LEU B 930 3.45 36.57 -17.70
N SER B 931 3.96 37.80 -17.80
CA SER B 931 5.36 38.03 -17.41
C SER B 931 5.48 38.33 -15.93
N SER B 932 5.00 39.49 -15.50
CA SER B 932 5.06 39.88 -14.09
C SER B 932 3.76 40.43 -13.56
N GLY B 933 3.04 41.21 -14.37
CA GLY B 933 1.96 42.03 -13.87
C GLY B 933 0.74 41.22 -13.49
N PRO B 934 -0.27 41.89 -12.95
CA PRO B 934 -1.48 41.17 -12.53
C PRO B 934 -2.31 40.65 -13.69
N THR B 935 -2.12 41.15 -14.91
CA THR B 935 -2.93 40.79 -16.06
C THR B 935 -2.11 39.97 -17.06
N TYR B 936 -2.72 39.66 -18.19
CA TYR B 936 -2.17 38.76 -19.20
C TYR B 936 -1.90 39.51 -20.49
N ILE B 937 -0.96 38.98 -21.28
CA ILE B 937 -0.43 39.66 -22.45
C ILE B 937 -0.41 38.72 -23.65
N GLN B 938 -0.24 39.33 -24.83
CA GLN B 938 -0.09 38.61 -26.08
C GLN B 938 1.31 38.84 -26.62
N PRO B 939 2.15 37.82 -26.77
CA PRO B 939 3.53 38.04 -27.22
C PRO B 939 3.59 38.67 -28.60
N LEU B 940 4.53 39.60 -28.77
CA LEU B 940 4.72 40.31 -30.02
C LEU B 940 5.85 39.68 -30.80
N LEU B 941 5.60 39.39 -32.08
CA LEU B 941 6.57 38.70 -32.93
C LEU B 941 7.24 39.58 -33.96
N TRP B 942 6.56 40.63 -34.43
CA TRP B 942 7.11 41.46 -35.49
C TRP B 942 6.54 42.86 -35.36
N SER B 943 7.35 43.86 -35.71
CA SER B 943 6.94 45.25 -35.67
C SER B 943 7.47 45.96 -36.90
N GLY B 944 6.65 46.82 -37.49
CA GLY B 944 7.05 47.52 -38.70
C GLY B 944 5.92 48.20 -39.43
N ALA B 945 5.95 48.16 -40.76
CA ALA B 945 4.90 48.77 -41.58
C ALA B 945 4.73 47.92 -42.85
N GLY B 946 3.79 46.98 -42.79
CA GLY B 946 3.53 46.08 -43.89
C GLY B 946 2.57 46.62 -44.94
N GLY B 947 3.05 47.49 -45.81
CA GLY B 947 2.21 48.10 -46.81
C GLY B 947 1.92 47.20 -48.00
N PRO B 948 1.31 47.79 -49.04
CA PRO B 948 0.95 46.99 -50.22
C PRO B 948 2.12 46.37 -50.96
N THR B 949 3.33 46.94 -50.84
CA THR B 949 4.46 46.38 -51.54
C THR B 949 5.12 45.23 -50.78
N GLY B 950 5.00 45.23 -49.46
CA GLY B 950 5.58 44.17 -48.65
C GLY B 950 6.77 44.67 -47.85
N ALA B 951 6.89 44.18 -46.63
CA ALA B 951 7.99 44.52 -45.74
C ALA B 951 8.74 43.27 -45.35
N SER B 952 10.05 43.39 -45.23
CA SER B 952 10.89 42.23 -44.95
C SER B 952 10.66 41.71 -43.54
N ALA B 953 10.75 40.39 -43.38
CA ALA B 953 10.60 39.75 -42.08
C ALA B 953 11.39 38.44 -42.10
N ASN B 954 11.73 37.96 -40.91
CA ASN B 954 12.42 36.67 -40.80
C ASN B 954 12.14 36.10 -39.41
N PHE B 955 11.16 35.21 -39.31
CA PHE B 955 10.90 34.50 -38.07
C PHE B 955 10.10 33.25 -38.36
N ASN B 956 10.39 32.19 -37.61
CA ASN B 956 9.74 30.89 -37.79
C ASN B 956 8.58 30.75 -36.83
N VAL B 957 7.50 30.13 -37.30
CA VAL B 957 6.32 29.89 -36.48
C VAL B 957 5.82 28.48 -36.79
N ALA B 958 5.47 27.74 -35.74
CA ALA B 958 4.95 26.39 -35.92
C ALA B 958 3.59 26.44 -36.60
N ARG B 959 3.38 25.55 -37.56
CA ARG B 959 2.11 25.49 -38.27
C ARG B 959 1.00 25.01 -37.35
N GLY B 960 -0.17 25.61 -37.48
CA GLY B 960 -1.28 25.35 -36.60
C GLY B 960 -1.52 26.42 -35.55
N ASN B 961 -0.55 27.30 -35.32
CA ASN B 961 -0.72 28.43 -34.43
C ASN B 961 -1.55 29.52 -35.11
N THR B 962 -2.21 30.33 -34.29
CA THR B 962 -3.05 31.41 -34.77
C THR B 962 -2.37 32.75 -34.47
N LEU B 963 -2.26 33.58 -35.50
CA LEU B 963 -1.59 34.88 -35.38
C LEU B 963 -2.63 36.00 -35.45
N GLY B 964 -2.36 37.06 -34.70
CA GLY B 964 -3.19 38.26 -34.72
C GLY B 964 -2.45 39.41 -35.36
N LEU B 965 -3.15 40.13 -36.24
CA LEU B 965 -2.58 41.27 -36.95
C LEU B 965 -3.32 42.53 -36.56
N ASN B 966 -2.56 43.56 -36.18
CA ASN B 966 -3.11 44.88 -35.91
C ASN B 966 -2.94 45.74 -37.15
N ILE B 967 -4.06 46.19 -37.71
CA ILE B 967 -4.08 46.87 -39.00
C ILE B 967 -4.69 48.25 -38.80
N SER B 968 -4.05 49.26 -39.36
CA SER B 968 -4.56 50.63 -39.35
C SER B 968 -4.98 50.98 -40.78
N ALA B 969 -6.28 50.84 -41.06
CA ALA B 969 -6.82 51.13 -42.37
C ALA B 969 -7.26 52.57 -42.47
N VAL B 970 -7.10 53.14 -43.67
CA VAL B 970 -7.50 54.52 -43.92
C VAL B 970 -8.19 54.60 -45.27
N ASN B 971 -9.33 55.28 -45.31
CA ASN B 971 -9.98 55.66 -46.55
C ASN B 971 -9.53 57.07 -46.93
N GLY B 972 -10.25 57.72 -47.84
CA GLY B 972 -9.88 59.07 -48.22
C GLY B 972 -9.83 60.03 -47.04
N GLU B 973 -10.80 59.93 -46.15
CA GLU B 973 -10.82 60.82 -44.99
C GLU B 973 -10.93 60.10 -43.66
N THR B 974 -11.63 58.98 -43.60
CA THR B 974 -11.87 58.28 -42.35
C THR B 974 -10.81 57.21 -42.12
N SER B 975 -10.74 56.73 -40.88
CA SER B 975 -9.79 55.70 -40.49
C SER B 975 -10.43 54.78 -39.47
N GLN B 976 -9.86 53.59 -39.34
CA GLN B 976 -10.39 52.61 -38.40
C GLN B 976 -9.29 51.61 -38.06
N VAL B 977 -9.26 51.17 -36.81
CA VAL B 977 -8.35 50.13 -36.37
C VAL B 977 -9.00 48.78 -36.57
N ILE B 978 -8.30 47.86 -37.21
CA ILE B 978 -8.80 46.53 -37.54
C ILE B 978 -8.00 45.50 -36.76
N ALA B 979 -8.69 44.50 -36.23
CA ALA B 979 -8.05 43.38 -35.53
C ALA B 979 -8.36 42.11 -36.33
N ALA B 980 -7.38 41.59 -37.05
CA ALA B 980 -7.56 40.43 -37.89
C ALA B 980 -6.93 39.19 -37.25
N THR B 981 -7.48 38.03 -37.59
CA THR B 981 -7.02 36.75 -37.06
C THR B 981 -6.67 35.83 -38.21
N LEU B 982 -5.51 35.19 -38.13
CA LEU B 982 -4.99 34.37 -39.22
C LEU B 982 -4.47 33.05 -38.68
N VAL B 983 -4.74 31.97 -39.40
CA VAL B 983 -4.29 30.63 -39.04
C VAL B 983 -3.27 30.18 -40.06
N ILE B 984 -2.14 29.65 -39.58
CA ILE B 984 -1.07 29.17 -40.45
C ILE B 984 -1.45 27.78 -40.93
N PRO B 985 -1.51 27.54 -42.25
CA PRO B 985 -1.91 26.22 -42.75
C PRO B 985 -0.91 25.13 -42.38
N GLN B 986 -1.39 23.89 -42.42
CA GLN B 986 -0.63 22.76 -41.89
C GLN B 986 0.47 22.26 -42.82
N GLY B 987 0.44 22.62 -44.10
CA GLY B 987 1.51 22.18 -44.99
C GLY B 987 1.07 21.24 -46.09
N PHE B 988 -0.23 21.22 -46.38
CA PHE B 988 -0.75 20.48 -47.52
C PHE B 988 -0.51 21.20 -48.83
N SER B 989 -0.07 22.45 -48.80
CA SER B 989 0.09 23.27 -49.98
C SER B 989 1.35 24.12 -49.84
N THR B 990 1.79 24.69 -50.94
CA THR B 990 2.93 25.60 -50.95
C THR B 990 2.50 27.07 -50.98
N GLY B 991 1.21 27.35 -50.81
CA GLY B 991 0.72 28.70 -50.85
C GLY B 991 0.95 29.42 -49.55
N PRO B 992 0.77 30.74 -49.58
CA PRO B 992 0.97 31.57 -48.40
C PRO B 992 -0.28 31.61 -47.52
N ALA B 993 -0.11 32.21 -46.34
CA ALA B 993 -1.22 32.44 -45.42
C ALA B 993 -1.83 33.81 -45.73
N ALA B 994 -3.08 33.82 -46.17
CA ALA B 994 -3.75 35.03 -46.58
C ALA B 994 -5.15 35.07 -46.01
N GLY B 995 -5.82 36.20 -46.19
CA GLY B 995 -7.18 36.35 -45.71
C GLY B 995 -7.71 37.71 -46.10
N THR B 996 -8.99 37.90 -45.82
CA THR B 996 -9.64 39.19 -46.10
C THR B 996 -10.68 39.46 -45.03
N THR B 997 -10.93 40.74 -44.78
CA THR B 997 -11.92 41.17 -43.81
C THR B 997 -12.52 42.48 -44.29
N TYR B 998 -13.50 42.97 -43.54
CA TYR B 998 -14.23 44.18 -43.91
C TYR B 998 -14.21 45.16 -42.75
N GLY B 999 -14.29 46.44 -43.09
CA GLY B 999 -14.38 47.46 -42.07
C GLY B 999 -15.44 48.48 -42.38
N PHE B 1000 -16.40 48.64 -41.47
CA PHE B 1000 -17.32 49.74 -41.58
C PHE B 1000 -16.62 51.03 -41.17
N ALA B 1001 -17.21 52.16 -41.57
CA ALA B 1001 -16.64 53.50 -41.41
C ALA B 1001 -15.48 53.73 -42.37
N VAL B 1002 -15.08 52.70 -43.12
CA VAL B 1002 -14.20 52.89 -44.26
C VAL B 1002 -14.78 52.33 -45.55
N GLU B 1003 -15.80 51.46 -45.48
CA GLU B 1003 -16.52 50.97 -46.65
C GLU B 1003 -15.58 50.31 -47.67
N LYS B 1004 -14.77 49.39 -47.18
CA LYS B 1004 -13.83 48.69 -48.07
C LYS B 1004 -13.42 47.39 -47.42
N ASN B 1005 -12.81 46.52 -48.23
CA ASN B 1005 -12.26 45.26 -47.78
C ASN B 1005 -10.77 45.42 -47.49
N ILE B 1006 -10.27 44.64 -46.53
CA ILE B 1006 -8.87 44.65 -46.15
C ILE B 1006 -8.29 43.29 -46.48
N ASN B 1007 -7.24 43.27 -47.30
CA ASN B 1007 -6.59 42.03 -47.74
C ASN B 1007 -5.17 41.99 -47.22
N TYR B 1008 -4.75 40.83 -46.72
CA TYR B 1008 -3.43 40.67 -46.15
C TYR B 1008 -2.86 39.30 -46.52
N GLN B 1009 -1.53 39.18 -46.45
CA GLN B 1009 -0.86 37.96 -46.86
C GLN B 1009 0.53 37.90 -46.23
N LEU B 1010 0.89 36.73 -45.72
CA LEU B 1010 2.23 36.47 -45.21
C LEU B 1010 2.91 35.42 -46.07
N GLY B 1011 4.09 35.74 -46.58
CA GLY B 1011 4.83 34.77 -47.37
C GLY B 1011 5.44 33.69 -46.49
N LEU B 1012 5.38 32.45 -46.97
CA LEU B 1012 5.79 31.28 -46.19
C LEU B 1012 6.82 30.48 -46.96
N ASN B 1013 7.83 29.98 -46.24
CA ASN B 1013 8.82 29.07 -46.78
C ASN B 1013 8.78 27.76 -46.00
N ALA B 1014 8.87 26.65 -46.71
CA ALA B 1014 8.67 25.35 -46.11
C ALA B 1014 9.80 25.00 -45.14
N ARG B 1015 9.45 24.56 -43.94
CA ARG B 1015 10.40 24.10 -42.94
C ARG B 1015 9.87 22.85 -42.26
N SER B 1016 9.33 21.92 -43.04
CA SER B 1016 8.73 20.69 -42.53
C SER B 1016 7.54 20.98 -41.62
N LEU B 1017 7.72 20.79 -40.32
CA LEU B 1017 6.63 21.03 -39.36
C LEU B 1017 6.42 22.51 -39.09
N LYS B 1018 7.38 23.37 -39.44
CA LYS B 1018 7.30 24.80 -39.20
C LYS B 1018 7.21 25.54 -40.53
N ALA B 1019 7.12 26.86 -40.43
CA ALA B 1019 7.10 27.71 -41.61
C ALA B 1019 7.88 28.98 -41.31
N ASN B 1020 8.61 29.47 -42.30
CA ASN B 1020 9.39 30.69 -42.17
C ASN B 1020 8.66 31.84 -42.84
N VAL B 1021 8.36 32.87 -42.06
CA VAL B 1021 7.67 34.06 -42.58
C VAL B 1021 8.72 35.02 -43.11
N GLY B 1022 8.59 35.38 -44.40
CA GLY B 1022 9.62 36.17 -45.03
C GLY B 1022 9.15 37.51 -45.58
N LEU B 1023 7.83 37.72 -45.67
CA LEU B 1023 7.30 38.96 -46.22
C LEU B 1023 5.92 39.21 -45.62
N VAL B 1024 5.70 40.45 -45.17
CA VAL B 1024 4.42 40.88 -44.63
C VAL B 1024 3.79 41.86 -45.60
N ARG B 1025 2.56 41.57 -46.03
CA ARG B 1025 1.92 42.34 -47.09
C ARG B 1025 0.46 42.57 -46.75
N CYS B 1026 -0.02 43.79 -46.99
CA CYS B 1026 -1.41 44.13 -46.75
C CYS B 1026 -1.79 45.33 -47.59
N SER B 1027 -3.07 45.40 -47.97
CA SER B 1027 -3.55 46.55 -48.74
C SER B 1027 -3.45 47.83 -47.92
N ASP B 1028 -3.73 47.76 -46.63
CA ASP B 1028 -3.45 48.82 -45.67
C ASP B 1028 -2.13 48.49 -44.96
N THR B 1029 -1.84 49.21 -43.89
CA THR B 1029 -0.59 49.03 -43.16
C THR B 1029 -0.80 48.08 -41.97
N ILE B 1030 0.05 47.06 -41.89
CA ILE B 1030 0.10 46.16 -40.74
C ILE B 1030 1.18 46.68 -39.81
N THR B 1031 0.83 46.93 -38.56
CA THR B 1031 1.78 47.50 -37.61
C THR B 1031 2.42 46.48 -36.68
N GLY B 1032 1.76 45.36 -36.44
CA GLY B 1032 2.33 44.35 -35.56
C GLY B 1032 1.70 43.00 -35.78
N VAL B 1033 2.48 41.95 -35.54
CA VAL B 1033 2.02 40.57 -35.61
C VAL B 1033 2.18 39.96 -34.22
N TYR B 1034 1.12 39.37 -33.71
CA TYR B 1034 1.09 38.84 -32.36
C TYR B 1034 0.77 37.36 -32.38
N LEU B 1035 1.10 36.69 -31.27
CA LEU B 1035 0.76 35.29 -31.09
C LEU B 1035 -0.61 35.24 -30.42
N ASN B 1036 -1.64 34.92 -31.21
CA ASN B 1036 -3.02 34.88 -30.73
C ASN B 1036 -3.28 33.50 -30.15
N ALA B 1037 -2.92 33.34 -28.88
CA ALA B 1037 -3.02 32.05 -28.22
C ALA B 1037 -4.47 31.68 -27.90
N SER C 263 21.45 -39.27 66.87
CA SER C 263 22.77 -39.00 66.30
C SER C 263 22.80 -39.37 64.82
N LYS C 264 22.82 -38.34 63.98
CA LYS C 264 22.84 -38.45 62.51
C LYS C 264 21.98 -39.62 62.01
N ALA C 265 20.71 -39.59 62.39
CA ALA C 265 19.76 -40.58 61.87
C ALA C 265 19.38 -40.24 60.43
N LEU C 266 18.99 -41.27 59.68
CA LEU C 266 18.68 -41.09 58.27
C LEU C 266 17.45 -40.21 58.07
N GLY C 267 16.47 -40.31 58.97
CA GLY C 267 15.30 -39.46 58.85
C GLY C 267 15.61 -37.99 59.00
N VAL C 268 16.46 -37.66 59.98
CA VAL C 268 16.83 -36.26 60.19
C VAL C 268 17.69 -35.75 59.05
N LEU C 269 18.57 -36.59 58.51
CA LEU C 269 19.42 -36.18 57.40
C LEU C 269 18.61 -35.87 56.15
N LEU C 270 17.58 -36.66 55.88
CA LEU C 270 16.81 -36.49 54.65
C LEU C 270 16.05 -35.18 54.63
N ALA C 271 15.68 -34.66 55.80
CA ALA C 271 14.88 -33.44 55.89
C ALA C 271 15.71 -32.17 55.91
N GLY C 272 17.04 -32.28 55.96
CA GLY C 272 17.88 -31.11 56.02
C GLY C 272 18.18 -30.54 54.64
N PRO C 273 19.07 -29.55 54.58
CA PRO C 273 19.51 -29.06 53.26
C PRO C 273 20.15 -30.15 52.42
N SER C 274 20.93 -31.04 53.03
CA SER C 274 21.23 -32.32 52.39
C SER C 274 19.96 -33.14 52.36
N GLY C 275 19.78 -33.90 51.30
CA GLY C 275 18.43 -34.26 50.93
C GLY C 275 18.40 -34.89 49.56
N ALA C 276 17.68 -34.25 48.64
CA ALA C 276 17.59 -34.68 47.26
C ALA C 276 18.93 -35.10 46.65
N GLU C 277 20.03 -34.56 47.19
CA GLU C 277 21.34 -35.04 46.79
C GLU C 277 21.60 -36.49 47.19
N ARG C 278 20.80 -37.04 48.11
CA ARG C 278 20.93 -38.44 48.51
C ARG C 278 19.96 -39.37 47.79
N VAL C 279 19.19 -38.86 46.83
CA VAL C 279 18.21 -39.64 46.09
C VAL C 279 18.61 -39.65 44.63
N GLY C 280 18.72 -40.83 44.04
CA GLY C 280 19.19 -40.99 42.68
C GLY C 280 18.06 -41.12 41.67
N LEU C 281 18.34 -40.69 40.44
CA LEU C 281 17.39 -40.76 39.35
C LEU C 281 17.80 -41.86 38.38
N LYS C 282 16.80 -42.45 37.73
CA LYS C 282 17.06 -43.57 36.82
C LYS C 282 17.91 -43.14 35.63
N GLN C 283 17.65 -41.96 35.08
CA GLN C 283 18.44 -41.48 33.94
C GLN C 283 19.83 -41.06 34.34
N GLY C 284 20.09 -40.84 35.63
CA GLY C 284 21.40 -40.42 36.08
C GLY C 284 21.36 -39.19 36.95
N GLY C 285 22.36 -39.02 37.80
CA GLY C 285 22.39 -37.87 38.69
C GLY C 285 21.48 -38.06 39.89
N THR C 286 21.21 -36.95 40.57
CA THR C 286 20.38 -36.94 41.75
C THR C 286 19.18 -36.03 41.54
N VAL C 287 18.23 -36.08 42.48
CA VAL C 287 17.07 -35.20 42.42
C VAL C 287 17.49 -33.74 42.59
N GLN C 288 18.52 -33.49 43.39
CA GLN C 288 18.98 -32.11 43.60
C GLN C 288 19.46 -31.49 42.30
N ASP C 289 20.12 -32.26 41.44
CA ASP C 289 20.63 -31.72 40.19
C ASP C 289 19.52 -31.32 39.23
N ALA C 290 18.32 -31.84 39.39
CA ALA C 290 17.24 -31.53 38.47
C ALA C 290 16.44 -30.30 38.89
N ILE C 291 16.25 -30.08 40.19
CA ILE C 291 15.47 -28.94 40.68
C ILE C 291 16.41 -27.79 40.95
N ASN C 292 16.17 -26.65 40.29
CA ASN C 292 17.03 -25.48 40.46
C ASN C 292 16.23 -24.19 40.53
N TRP C 293 15.01 -24.25 41.05
CA TRP C 293 14.16 -23.07 41.17
C TRP C 293 13.54 -23.01 42.56
N LEU C 294 13.00 -21.85 42.90
CA LEU C 294 12.36 -21.61 44.18
C LEU C 294 10.88 -21.32 43.98
N THR C 295 10.09 -21.58 45.03
CA THR C 295 8.66 -21.31 45.01
C THR C 295 8.27 -20.56 46.27
N PHE C 296 7.06 -19.97 46.24
CA PHE C 296 6.53 -19.34 47.44
C PHE C 296 6.18 -20.36 48.50
N ASP C 297 5.83 -21.58 48.09
CA ASP C 297 5.55 -22.64 49.05
C ASP C 297 6.80 -23.12 49.78
N SER C 298 7.99 -22.80 49.26
CA SER C 298 9.23 -23.17 49.92
C SER C 298 9.41 -22.45 51.24
N PHE C 299 8.69 -21.36 51.48
CA PHE C 299 8.80 -20.59 52.70
C PHE C 299 7.55 -20.64 53.55
N ASP C 300 6.58 -21.49 53.20
CA ASP C 300 5.35 -21.69 53.97
C ASP C 300 4.55 -20.39 54.10
N ILE C 301 4.41 -19.69 52.98
CA ILE C 301 3.65 -18.44 52.96
C ILE C 301 2.17 -18.76 52.89
N VAL C 302 1.40 -18.17 53.80
CA VAL C 302 -0.04 -18.41 53.86
C VAL C 302 -0.70 -17.88 52.59
N LYS C 303 -1.49 -18.74 51.93
CA LYS C 303 -1.99 -18.44 50.60
C LYS C 303 -3.50 -18.63 50.52
N ASP C 304 -4.24 -18.17 51.53
CA ASP C 304 -5.69 -18.13 51.44
C ASP C 304 -6.23 -16.72 51.67
N GLY C 305 -5.38 -15.71 51.66
CA GLY C 305 -5.82 -14.33 51.82
C GLY C 305 -6.18 -13.94 53.24
N SER C 306 -5.95 -14.81 54.21
CA SER C 306 -6.37 -14.59 55.58
C SER C 306 -5.30 -13.95 56.44
N LYS C 307 -4.14 -13.62 55.88
CA LYS C 307 -3.04 -13.06 56.67
C LYS C 307 -2.18 -12.19 55.77
N ASP C 308 -1.62 -11.14 56.35
CA ASP C 308 -0.72 -10.25 55.63
C ASP C 308 0.65 -10.90 55.50
N VAL C 309 1.12 -11.06 54.26
CA VAL C 309 2.36 -11.78 54.01
C VAL C 309 3.34 -10.88 53.28
N THR C 310 3.27 -9.57 53.52
CA THR C 310 4.15 -8.64 52.83
C THR C 310 5.61 -8.89 53.19
N ALA C 311 5.90 -9.09 54.47
CA ALA C 311 7.29 -9.28 54.89
C ALA C 311 7.83 -10.65 54.53
N ASP C 312 6.95 -11.64 54.35
CA ASP C 312 7.40 -12.97 53.95
C ASP C 312 7.80 -13.03 52.49
N ILE C 313 7.07 -12.30 51.63
CA ILE C 313 7.41 -12.27 50.22
C ILE C 313 8.77 -11.60 50.01
N MET C 314 9.07 -10.57 50.81
CA MET C 314 10.36 -9.92 50.71
C MET C 314 11.50 -10.86 51.08
N ALA C 315 11.31 -11.67 52.12
CA ALA C 315 12.35 -12.61 52.53
C ALA C 315 12.62 -13.65 51.45
N ALA C 316 11.58 -14.10 50.76
CA ALA C 316 11.76 -15.05 49.68
C ALA C 316 12.57 -14.46 48.54
N CYS C 317 12.30 -13.20 48.20
CA CYS C 317 13.02 -12.56 47.09
C CYS C 317 14.49 -12.36 47.41
N VAL C 318 14.83 -12.10 48.67
CA VAL C 318 16.22 -11.92 49.05
C VAL C 318 17.01 -13.20 48.87
N VAL C 319 16.44 -14.34 49.25
CA VAL C 319 17.13 -15.61 49.11
C VAL C 319 17.37 -15.93 47.64
N ALA C 320 16.36 -15.72 46.79
CA ALA C 320 16.48 -16.03 45.38
C ALA C 320 17.54 -15.15 44.72
N ASN C 321 17.60 -13.87 45.08
CA ASN C 321 18.59 -12.98 44.49
C ASN C 321 20.00 -13.38 44.87
N ASP C 322 20.21 -13.81 46.11
CA ASP C 322 21.55 -14.19 46.56
C ASP C 322 22.05 -15.42 45.83
N LEU C 323 21.17 -16.39 45.57
CA LEU C 323 21.56 -17.62 44.89
C LEU C 323 21.42 -17.53 43.37
N GLY C 324 20.83 -16.47 42.84
CA GLY C 324 20.62 -16.36 41.41
C GLY C 324 19.66 -17.35 40.82
N LEU C 325 18.53 -17.59 41.48
CA LEU C 325 17.54 -18.55 41.04
C LEU C 325 16.27 -17.86 40.56
N ASP C 326 15.39 -18.64 39.96
CA ASP C 326 14.10 -18.16 39.49
C ASP C 326 13.01 -18.50 40.50
N ILE C 327 11.94 -17.71 40.49
CA ILE C 327 10.79 -17.91 41.36
C ILE C 327 9.62 -18.37 40.51
N LYS C 328 8.92 -19.40 40.99
CA LYS C 328 7.81 -19.99 40.26
C LYS C 328 6.70 -20.34 41.24
N GLN C 329 5.49 -19.83 40.98
CA GLN C 329 4.32 -20.13 41.80
C GLN C 329 3.09 -20.02 40.92
N ASN C 330 2.21 -21.02 41.00
CA ASN C 330 1.11 -21.13 40.04
C ASN C 330 -0.27 -21.17 40.67
N ASP C 331 -0.39 -20.94 41.98
CA ASP C 331 -1.70 -20.90 42.61
C ASP C 331 -1.59 -20.16 43.94
N GLY C 332 -2.74 -19.79 44.48
CA GLY C 332 -2.83 -19.15 45.77
C GLY C 332 -3.18 -17.67 45.65
N THR C 333 -3.77 -17.16 46.73
CA THR C 333 -4.11 -15.75 46.85
C THR C 333 -3.44 -15.18 48.09
N TYR C 334 -2.80 -14.03 47.93
CA TYR C 334 -1.97 -13.44 48.98
C TYR C 334 -2.45 -12.03 49.28
N LEU C 335 -2.54 -11.70 50.56
CA LEU C 335 -2.95 -10.37 51.01
C LEU C 335 -1.71 -9.58 51.40
N VAL C 336 -1.57 -8.38 50.82
CA VAL C 336 -0.38 -7.56 51.02
C VAL C 336 -0.81 -6.14 51.38
N SER C 337 0.08 -5.43 52.08
CA SER C 337 -0.19 -4.06 52.50
C SER C 337 1.13 -3.37 52.78
N GLY C 338 1.07 -2.04 52.89
CA GLY C 338 2.25 -1.25 53.18
C GLY C 338 2.87 -0.64 51.93
N ASN C 339 4.17 -0.36 51.97
CA ASN C 339 4.91 0.12 50.80
C ASN C 339 6.22 -0.65 50.66
N PRO C 340 6.16 -1.94 50.39
CA PRO C 340 7.39 -2.72 50.20
C PRO C 340 7.94 -2.54 48.79
N VAL C 341 9.23 -2.79 48.66
CA VAL C 341 9.92 -2.83 47.37
C VAL C 341 10.53 -4.20 47.23
N TRP C 342 9.91 -5.04 46.40
CA TRP C 342 10.37 -6.41 46.21
C TRP C 342 11.32 -6.46 45.02
N PRO C 343 12.62 -6.69 45.22
CA PRO C 343 13.55 -6.71 44.09
C PRO C 343 13.74 -8.10 43.51
N VAL C 344 13.73 -8.17 42.17
CA VAL C 344 13.89 -9.41 41.43
C VAL C 344 14.94 -9.20 40.36
N TYR C 345 15.94 -10.08 40.32
CA TYR C 345 17.04 -9.97 39.37
C TYR C 345 17.01 -11.02 38.28
N ASN C 346 16.10 -11.98 38.35
CA ASN C 346 16.04 -13.09 37.41
C ASN C 346 14.59 -13.27 36.98
N SER C 347 14.29 -14.40 36.35
CA SER C 347 12.95 -14.66 35.85
C SER C 347 11.96 -14.79 37.00
N LEU C 348 10.70 -14.43 36.72
CA LEU C 348 9.62 -14.49 37.69
C LEU C 348 8.37 -15.05 37.01
N ASP C 349 7.73 -16.02 37.65
CA ASP C 349 6.55 -16.68 37.08
C ASP C 349 5.44 -16.70 38.13
N LEU C 350 4.39 -15.91 37.90
CA LEU C 350 3.27 -15.83 38.81
C LEU C 350 1.95 -16.06 38.10
N ASN C 351 1.96 -16.85 37.03
CA ASN C 351 0.74 -17.15 36.30
C ASN C 351 -0.14 -18.07 37.14
N GLY C 352 -1.35 -17.61 37.46
CA GLY C 352 -2.24 -18.33 38.34
C GLY C 352 -2.29 -17.83 39.76
N VAL C 353 -1.58 -16.76 40.09
CA VAL C 353 -1.52 -16.20 41.43
C VAL C 353 -2.33 -14.91 41.45
N THR C 354 -3.09 -14.71 42.53
CA THR C 354 -3.86 -13.50 42.74
C THR C 354 -3.29 -12.75 43.93
N LEU C 355 -3.02 -11.46 43.76
CA LEU C 355 -2.56 -10.59 44.83
C LEU C 355 -3.72 -9.72 45.29
N LYS C 356 -4.04 -9.80 46.57
CA LYS C 356 -5.10 -9.00 47.18
C LYS C 356 -4.48 -7.76 47.80
N LEU C 357 -4.79 -6.60 47.25
CA LEU C 357 -4.18 -5.35 47.68
C LEU C 357 -5.04 -4.67 48.73
N ALA C 358 -4.44 -4.36 49.87
CA ALA C 358 -5.15 -3.62 50.90
C ALA C 358 -5.38 -2.17 50.45
N ALA C 359 -6.29 -1.49 51.15
CA ALA C 359 -6.73 -0.18 50.72
C ALA C 359 -5.59 0.84 50.71
N GLY C 360 -4.60 0.67 51.57
CA GLY C 360 -3.49 1.60 51.64
C GLY C 360 -2.19 1.10 51.04
N PHE C 361 -2.26 0.06 50.22
CA PHE C 361 -1.04 -0.51 49.64
C PHE C 361 -0.40 0.47 48.68
N THR C 362 0.94 0.63 48.79
CA THR C 362 1.66 1.52 47.90
C THR C 362 3.00 0.94 47.45
N GLY C 363 3.19 -0.37 47.55
CA GLY C 363 4.43 -1.00 47.15
C GLY C 363 4.40 -1.49 45.71
N TYR C 364 5.47 -2.18 45.33
CA TYR C 364 5.59 -2.65 43.96
C TYR C 364 6.70 -3.68 43.85
N PHE C 365 6.68 -4.43 42.75
CA PHE C 365 7.78 -5.27 42.33
C PHE C 365 8.78 -4.44 41.54
N ALA C 366 10.07 -4.69 41.77
CA ALA C 366 11.14 -3.97 41.09
C ALA C 366 11.97 -4.98 40.29
N LEU C 367 11.77 -5.02 38.98
CA LEU C 367 12.46 -5.97 38.11
C LEU C 367 13.63 -5.25 37.44
N THR C 368 14.85 -5.58 37.88
CA THR C 368 16.07 -4.87 37.51
C THR C 368 17.06 -5.83 36.84
N GLN C 369 18.28 -5.34 36.62
CA GLN C 369 19.30 -6.12 35.91
C GLN C 369 20.64 -6.20 36.63
N LYS C 370 20.74 -5.84 37.91
CA LYS C 370 21.92 -6.17 38.71
C LYS C 370 23.20 -5.57 38.12
N ASP C 371 23.32 -4.26 38.29
CA ASP C 371 24.52 -3.51 37.89
C ASP C 371 24.72 -3.49 36.39
N SER C 372 23.72 -2.99 35.67
CA SER C 372 23.76 -2.90 34.22
C SER C 372 23.93 -1.48 33.73
N THR C 373 23.93 -0.48 34.61
CA THR C 373 23.91 0.92 34.22
C THR C 373 25.13 1.64 34.75
N THR C 374 25.52 2.71 34.04
CA THR C 374 26.62 3.57 34.43
C THR C 374 26.29 5.00 34.00
N VAL C 375 26.56 5.96 34.87
CA VAL C 375 26.24 7.36 34.62
C VAL C 375 27.53 8.14 34.46
N TYR C 376 27.61 8.91 33.38
CA TYR C 376 28.75 9.77 33.12
C TYR C 376 28.29 11.22 33.19
N GLY C 377 28.93 12.01 34.05
CA GLY C 377 28.52 13.37 34.28
C GLY C 377 29.26 14.37 33.42
N PRO C 378 28.95 15.66 33.60
CA PRO C 378 29.57 16.70 32.76
C PRO C 378 31.07 16.84 32.96
N THR C 379 31.64 16.32 34.05
CA THR C 379 33.07 16.42 34.30
C THR C 379 33.84 15.16 34.00
N SER C 380 33.17 14.10 33.52
CA SER C 380 33.87 12.86 33.25
C SER C 380 34.74 12.98 32.01
N PRO C 381 35.85 12.25 31.95
CA PRO C 381 36.70 12.29 30.75
C PRO C 381 35.99 11.83 29.49
N ILE C 382 35.02 10.93 29.60
CA ILE C 382 34.28 10.48 28.43
C ILE C 382 33.48 11.63 27.83
N VAL C 383 32.78 12.40 28.67
CA VAL C 383 31.96 13.48 28.16
C VAL C 383 32.82 14.60 27.60
N GLN C 384 33.95 14.88 28.24
CA GLN C 384 34.84 15.93 27.75
C GLN C 384 35.46 15.57 26.41
N ALA C 385 35.69 14.28 26.16
CA ALA C 385 36.23 13.87 24.87
C ALA C 385 35.24 14.11 23.74
N ILE C 386 33.95 13.85 23.99
CA ILE C 386 32.93 14.09 22.99
C ILE C 386 32.80 15.58 22.70
N ASN C 387 32.84 16.42 23.73
CA ASN C 387 32.63 17.85 23.56
C ASN C 387 33.80 18.54 22.87
N ALA C 388 34.96 17.91 22.82
CA ALA C 388 36.14 18.51 22.20
C ALA C 388 36.33 18.12 20.74
N ALA C 389 35.41 17.34 20.17
CA ALA C 389 35.56 16.90 18.79
C ALA C 389 34.31 17.21 17.97
N GLY C 390 34.26 16.72 16.74
CA GLY C 390 33.13 16.96 15.86
C GLY C 390 32.10 15.86 15.93
N GLY C 391 31.23 15.83 14.93
CA GLY C 391 30.19 14.83 14.86
C GLY C 391 28.93 15.16 15.62
N ARG C 392 28.78 16.39 16.11
CA ARG C 392 27.59 16.79 16.87
C ARG C 392 26.65 17.65 16.04
N THR C 393 26.52 17.35 14.75
CA THR C 393 25.66 18.10 13.86
C THR C 393 24.41 17.29 13.51
N ALA C 394 23.47 17.94 12.85
CA ALA C 394 22.22 17.30 12.48
C ALA C 394 22.47 16.23 11.41
N GLY C 395 21.87 15.06 11.60
CA GLY C 395 22.07 13.96 10.69
C GLY C 395 23.37 13.20 10.89
N SER C 396 24.15 13.53 11.89
CA SER C 396 25.43 12.86 12.11
C SER C 396 25.22 11.48 12.69
N GLY C 397 26.03 10.52 12.22
CA GLY C 397 25.93 9.16 12.70
C GLY C 397 27.15 8.67 13.46
N VAL C 398 28.16 9.51 13.61
CA VAL C 398 29.40 9.15 14.27
C VAL C 398 29.78 10.25 15.25
N LEU C 399 30.13 9.86 16.47
CA LEU C 399 30.73 10.79 17.43
C LEU C 399 32.24 10.67 17.31
N GLU C 400 32.86 11.71 16.72
CA GLU C 400 34.29 11.63 16.38
C GLU C 400 35.19 11.54 17.60
N GLY C 401 34.70 11.94 18.77
CA GLY C 401 35.52 11.86 19.97
C GLY C 401 35.67 10.47 20.55
N LEU C 402 34.91 9.50 20.05
CA LEU C 402 34.93 8.14 20.56
C LEU C 402 35.47 7.14 19.54
N VAL C 403 36.13 7.61 18.49
CA VAL C 403 36.57 6.72 17.42
C VAL C 403 37.64 5.76 17.92
N ASN C 404 38.52 6.23 18.80
CA ASN C 404 39.60 5.40 19.33
C ASN C 404 39.33 4.93 20.76
N SER C 405 38.10 5.02 21.22
CA SER C 405 37.72 4.60 22.57
C SER C 405 36.89 3.32 22.50
N THR C 406 36.99 2.50 23.54
CA THR C 406 36.22 1.27 23.66
C THR C 406 35.35 1.25 24.90
N GLU C 407 35.21 2.37 25.61
CA GLU C 407 34.55 2.35 26.91
C GLU C 407 33.05 2.10 26.78
N LEU C 408 32.42 2.68 25.76
CA LEU C 408 30.97 2.60 25.61
C LEU C 408 30.54 1.62 24.52
N ASN C 409 31.40 0.68 24.16
CA ASN C 409 31.11 -0.21 23.04
C ASN C 409 30.02 -1.22 23.41
N GLY C 410 29.06 -1.40 22.51
CA GLY C 410 27.98 -2.35 22.72
C GLY C 410 27.03 -2.02 23.85
N LYS C 411 26.59 -0.76 23.96
CA LYS C 411 25.70 -0.33 25.01
C LYS C 411 24.62 0.58 24.44
N PHE C 412 23.51 0.65 25.17
CA PHE C 412 22.44 1.61 24.88
C PHE C 412 22.75 2.92 25.61
N LEU C 413 22.63 4.03 24.90
CA LEU C 413 22.96 5.34 25.46
C LEU C 413 21.71 6.21 25.55
N PHE C 414 21.54 6.85 26.70
CA PHE C 414 20.47 7.82 26.93
C PHE C 414 21.14 9.14 27.30
N MET C 415 21.27 10.05 26.35
CA MET C 415 22.04 11.27 26.55
C MET C 415 21.14 12.50 26.68
N GLU C 416 21.69 13.52 27.32
CA GLU C 416 21.01 14.80 27.51
C GLU C 416 21.95 15.93 27.11
N GLY C 417 21.36 17.02 26.62
CA GLY C 417 22.15 18.13 26.11
C GLY C 417 21.93 19.43 26.87
N ALA C 418 22.40 20.53 26.29
CA ALA C 418 22.37 21.83 26.95
C ALA C 418 21.50 22.87 26.25
N ASP C 419 20.93 22.55 25.10
CA ASP C 419 20.15 23.51 24.32
C ASP C 419 18.66 23.31 24.58
N VAL C 420 17.93 24.42 24.65
CA VAL C 420 16.48 24.37 24.85
C VAL C 420 15.80 24.08 23.52
N LEU C 421 14.84 23.16 23.53
CA LEU C 421 14.11 22.78 22.33
C LEU C 421 12.70 23.36 22.27
N TYR C 422 11.95 23.27 23.37
CA TYR C 422 10.58 23.77 23.41
C TYR C 422 10.23 24.03 24.87
N TYR C 423 9.09 24.70 25.06
CA TYR C 423 8.58 24.99 26.39
C TYR C 423 7.27 24.24 26.61
N SER C 424 7.11 23.71 27.82
CA SER C 424 5.88 23.02 28.21
C SER C 424 5.48 23.49 29.59
N ARG C 425 4.28 24.06 29.70
CA ARG C 425 3.76 24.56 30.96
C ARG C 425 4.70 25.59 31.58
N GLY C 426 5.36 26.37 30.73
CA GLY C 426 6.30 27.37 31.19
C GLY C 426 7.64 26.85 31.62
N THR C 427 7.94 25.58 31.36
CA THR C 427 9.20 24.96 31.75
C THR C 427 9.99 24.58 30.50
N ALA C 428 11.26 24.96 30.48
CA ALA C 428 12.11 24.65 29.34
C ALA C 428 12.46 23.17 29.30
N LYS C 429 12.51 22.62 28.10
CA LYS C 429 12.92 21.24 27.87
C LYS C 429 14.18 21.22 27.03
N TYR C 430 15.10 20.32 27.35
CA TYR C 430 16.44 20.34 26.78
C TYR C 430 16.64 19.22 25.78
N TRP C 431 17.76 19.32 25.06
CA TRP C 431 18.10 18.37 24.01
C TRP C 431 18.29 16.97 24.58
N TRP C 432 17.91 15.96 23.81
CA TRP C 432 18.00 14.58 24.24
C TRP C 432 18.13 13.69 23.01
N THR C 433 18.54 12.45 23.24
CA THR C 433 18.54 11.40 22.23
C THR C 433 18.79 10.06 22.90
N ASN C 434 18.18 9.02 22.35
CA ASN C 434 18.36 7.64 22.81
C ASN C 434 18.81 6.80 21.63
N THR C 435 19.91 6.07 21.80
CA THR C 435 20.50 5.35 20.67
C THR C 435 21.38 4.22 21.19
N TYR C 436 21.93 3.46 20.26
CA TYR C 436 22.81 2.33 20.55
C TYR C 436 24.15 2.57 19.85
N LEU C 437 25.24 2.21 20.53
CA LEU C 437 26.59 2.37 20.00
C LEU C 437 27.23 1.01 19.86
N SER C 438 27.68 0.67 18.65
CA SER C 438 28.37 -0.60 18.44
C SER C 438 29.86 -0.51 18.77
N ASN C 439 30.61 0.28 17.99
CA ASN C 439 32.03 0.51 18.24
C ASN C 439 32.52 1.60 17.30
N ARG C 440 33.69 2.15 17.63
CA ARG C 440 34.28 3.30 16.93
C ARG C 440 33.29 4.44 16.79
N GLY C 441 32.51 4.66 17.85
CA GLY C 441 31.62 5.80 17.91
C GLY C 441 30.51 5.84 16.91
N LYS C 442 30.10 4.69 16.37
CA LYS C 442 29.05 4.65 15.36
C LYS C 442 27.70 4.44 16.05
N LEU C 443 26.76 5.34 15.80
CA LEU C 443 25.44 5.29 16.39
C LEU C 443 24.45 4.61 15.44
N SER C 444 23.48 3.91 16.02
CA SER C 444 22.47 3.24 15.21
C SER C 444 21.47 4.24 14.64
N ASP C 445 21.04 5.21 15.43
CA ASP C 445 20.08 6.21 15.01
C ASP C 445 20.77 7.57 14.93
N ASN C 446 20.66 8.22 13.77
CA ASN C 446 21.32 9.50 13.57
C ASN C 446 20.64 10.60 14.37
N LEU C 447 21.45 11.57 14.80
CA LEU C 447 20.92 12.72 15.53
C LEU C 447 20.06 13.57 14.61
N LYS C 448 18.89 13.98 15.09
CA LYS C 448 18.03 14.84 14.29
C LYS C 448 18.45 16.31 14.37
N TYR C 449 18.94 16.74 15.52
CA TYR C 449 19.38 18.12 15.69
C TYR C 449 20.79 18.12 16.27
N GLY C 450 21.54 19.16 15.94
CA GLY C 450 22.84 19.35 16.54
C GLY C 450 22.74 19.89 17.95
N VAL C 451 23.79 19.66 18.73
CA VAL C 451 23.85 20.10 20.11
C VAL C 451 25.21 20.73 20.37
N SER C 452 25.23 21.79 21.17
CA SER C 452 26.48 22.48 21.46
C SER C 452 27.34 21.69 22.43
N ALA C 453 26.74 21.10 23.46
CA ALA C 453 27.48 20.35 24.46
C ALA C 453 26.57 19.30 25.10
N ILE C 454 27.17 18.17 25.43
CA ILE C 454 26.46 17.05 26.04
C ILE C 454 26.75 17.06 27.54
N THR C 455 25.71 16.87 28.35
CA THR C 455 25.85 17.04 29.79
C THR C 455 25.68 15.76 30.60
N LYS C 456 25.06 14.72 30.06
CA LYS C 456 24.90 13.49 30.82
C LYS C 456 24.70 12.32 29.88
N ILE C 457 25.27 11.16 30.24
CA ILE C 457 25.11 9.93 29.50
C ILE C 457 24.79 8.81 30.48
N THR C 458 23.73 8.06 30.21
CA THR C 458 23.40 6.85 30.94
C THR C 458 23.58 5.66 30.00
N ALA C 459 24.42 4.71 30.37
CA ALA C 459 24.78 3.59 29.52
C ALA C 459 24.27 2.29 30.14
N VAL C 460 23.54 1.50 29.35
CA VAL C 460 22.95 0.25 29.81
C VAL C 460 23.51 -0.89 28.96
N THR C 461 24.02 -1.92 29.63
CA THR C 461 24.62 -3.09 28.97
C THR C 461 23.57 -4.16 28.72
N PRO C 462 23.47 -4.68 27.51
CA PRO C 462 22.51 -5.77 27.25
C PRO C 462 22.88 -7.03 28.01
N ARG C 463 21.86 -7.81 28.35
CA ARG C 463 22.05 -9.07 29.04
C ARG C 463 22.74 -10.08 28.14
N THR C 464 23.40 -11.06 28.76
CA THR C 464 23.90 -12.24 28.07
C THR C 464 22.94 -13.41 28.20
N LYS C 465 21.64 -13.13 28.24
CA LYS C 465 20.62 -14.10 28.60
C LYS C 465 19.27 -13.44 28.33
N ILE C 466 18.22 -14.24 28.38
CA ILE C 466 16.85 -13.74 28.26
C ILE C 466 16.09 -14.15 29.53
N VAL C 467 15.40 -13.19 30.13
CA VAL C 467 14.58 -13.44 31.32
C VAL C 467 13.12 -13.33 30.92
N TYR C 468 12.28 -14.08 31.61
CA TYR C 468 10.86 -14.15 31.33
C TYR C 468 10.06 -13.70 32.55
N TYR C 469 9.09 -12.82 32.33
CA TYR C 469 8.21 -12.36 33.39
C TYR C 469 6.78 -12.77 33.04
N ARG C 470 6.17 -13.56 33.93
CA ARG C 470 4.76 -13.93 33.79
C ARG C 470 4.01 -13.29 34.94
N LEU C 471 3.19 -12.31 34.62
CA LEU C 471 2.59 -11.42 35.60
C LEU C 471 1.43 -12.08 36.33
N PRO C 472 1.16 -11.66 37.57
CA PRO C 472 0.03 -12.21 38.32
C PRO C 472 -1.29 -11.52 38.02
N ASN C 473 -2.33 -11.91 38.73
CA ASN C 473 -3.62 -11.24 38.67
C ASN C 473 -3.74 -10.33 39.88
N LEU C 474 -4.17 -9.09 39.65
CA LEU C 474 -4.27 -8.09 40.70
C LEU C 474 -5.73 -7.81 41.02
N ASP C 475 -6.08 -7.89 42.29
CA ASP C 475 -7.45 -7.68 42.75
C ASP C 475 -7.57 -6.28 43.34
N PHE C 476 -8.39 -5.43 42.70
CA PHE C 476 -8.55 -4.04 43.09
C PHE C 476 -9.87 -3.79 43.81
N GLY C 477 -10.33 -4.75 44.60
CA GLY C 477 -11.61 -4.59 45.28
C GLY C 477 -11.60 -3.45 46.27
N ASN C 478 -10.52 -3.30 47.03
CA ASN C 478 -10.42 -2.24 48.02
C ASN C 478 -10.09 -0.89 47.40
N GLY C 479 -9.59 -0.86 46.17
CA GLY C 479 -9.32 0.37 45.48
C GLY C 479 -8.07 1.12 45.92
N PRO C 480 -6.89 0.55 45.69
CA PRO C 480 -5.65 1.30 45.91
C PRO C 480 -5.25 2.10 44.68
N ALA C 481 -4.48 3.16 44.92
CA ALA C 481 -4.14 4.13 43.88
C ALA C 481 -2.66 4.52 43.94
N ASN C 482 -1.78 3.52 44.02
CA ASN C 482 -0.35 3.79 43.99
C ASN C 482 0.11 4.10 42.56
N ASN C 483 1.35 4.60 42.45
CA ASN C 483 1.91 5.02 41.17
C ASN C 483 2.63 3.88 40.44
N GLY C 484 1.98 2.74 40.28
CA GLY C 484 2.58 1.63 39.57
C GLY C 484 2.88 0.42 40.44
N VAL C 485 2.24 -0.71 40.15
CA VAL C 485 2.43 -1.91 40.95
C VAL C 485 3.53 -2.81 40.39
N ILE C 486 3.75 -2.79 39.07
CA ILE C 486 4.85 -3.51 38.44
C ILE C 486 5.75 -2.46 37.80
N ARG C 487 7.01 -2.44 38.22
CA ARG C 487 7.97 -1.45 37.74
C ARG C 487 9.22 -2.13 37.21
N VAL C 488 9.59 -1.80 35.99
CA VAL C 488 10.78 -2.33 35.33
C VAL C 488 11.79 -1.20 35.20
N LEU C 489 13.01 -1.41 35.70
CA LEU C 489 14.03 -0.37 35.72
C LEU C 489 15.34 -0.92 35.20
N ASN C 490 15.99 -0.16 34.32
CA ASN C 490 17.35 -0.44 33.84
C ASN C 490 17.49 -1.89 33.37
N ASN C 491 16.62 -2.28 32.45
CA ASN C 491 16.50 -3.67 32.05
C ASN C 491 16.63 -3.81 30.54
N THR C 492 17.12 -4.97 30.11
CA THR C 492 17.23 -5.29 28.70
C THR C 492 16.90 -6.76 28.50
N ARG C 493 16.47 -7.10 27.28
CA ARG C 493 16.30 -8.48 26.84
C ARG C 493 15.37 -9.27 27.77
N PHE C 494 14.13 -8.81 27.88
CA PHE C 494 13.13 -9.51 28.66
C PHE C 494 11.84 -9.65 27.86
N ILE C 495 11.03 -10.62 28.24
CA ILE C 495 9.74 -10.87 27.62
C ILE C 495 8.68 -10.91 28.72
N MET C 496 7.65 -10.08 28.58
CA MET C 496 6.58 -9.98 29.56
C MET C 496 5.30 -10.57 28.99
N GLN C 497 4.65 -11.44 29.76
CA GLN C 497 3.44 -12.10 29.31
C GLN C 497 2.39 -12.11 30.41
N GLY C 498 1.13 -12.04 30.02
CA GLY C 498 0.03 -12.21 30.94
C GLY C 498 -0.24 -11.00 31.80
N GLY C 499 -1.02 -11.22 32.85
CA GLY C 499 -1.43 -10.19 33.78
C GLY C 499 -2.87 -9.76 33.54
N SER C 500 -3.53 -9.37 34.63
CA SER C 500 -4.93 -8.98 34.54
C SER C 500 -5.31 -8.16 35.76
N ILE C 501 -6.49 -7.54 35.67
CA ILE C 501 -7.09 -6.78 36.76
C ILE C 501 -8.47 -7.35 37.01
N SER C 502 -8.85 -7.47 38.28
CA SER C 502 -10.17 -7.98 38.63
C SER C 502 -10.81 -7.09 39.69
N ASN C 503 -12.13 -7.04 39.67
CA ASN C 503 -12.94 -6.32 40.67
C ASN C 503 -12.57 -4.83 40.70
N ARG C 504 -12.32 -4.26 39.55
CA ARG C 504 -12.03 -2.83 39.48
C ARG C 504 -13.31 -2.03 39.75
N PRO C 505 -13.28 -1.07 40.67
CA PRO C 505 -14.47 -0.27 40.94
C PRO C 505 -14.82 0.64 39.77
N LEU C 506 -16.11 0.97 39.67
CA LEU C 506 -16.58 1.80 38.57
C LEU C 506 -16.17 3.26 38.70
N LYS C 507 -15.88 3.73 39.90
CA LYS C 507 -15.48 5.11 40.13
C LYS C 507 -14.27 5.15 41.05
N ASP C 508 -13.42 6.17 40.85
CA ASP C 508 -12.14 6.30 41.53
C ASP C 508 -11.95 7.72 42.05
N VAL C 509 -12.93 8.23 42.80
CA VAL C 509 -12.96 9.61 43.26
C VAL C 509 -11.64 10.02 43.91
N SER C 510 -11.00 11.06 43.34
CA SER C 510 -9.77 11.65 43.89
C SER C 510 -8.64 10.63 43.97
N LYS C 511 -8.46 9.85 42.91
CA LYS C 511 -7.41 8.86 42.83
C LYS C 511 -6.91 8.79 41.40
N SER C 512 -5.68 8.31 41.23
CA SER C 512 -5.08 8.13 39.91
C SER C 512 -4.23 6.86 39.90
N PRO C 513 -4.86 5.71 39.70
CA PRO C 513 -4.11 4.45 39.73
C PRO C 513 -3.29 4.23 38.46
N VAL C 514 -2.10 3.66 38.65
CA VAL C 514 -1.22 3.24 37.57
C VAL C 514 -0.85 1.79 37.80
N ILE C 515 -0.80 1.00 36.73
CA ILE C 515 -0.57 -0.43 36.85
C ILE C 515 0.88 -0.79 36.57
N ILE C 516 1.34 -0.51 35.36
CA ILE C 516 2.69 -0.89 34.90
C ILE C 516 3.46 0.36 34.53
N SER C 517 4.72 0.43 34.96
CA SER C 517 5.60 1.52 34.58
C SER C 517 6.96 0.99 34.18
N LEU C 518 7.54 1.59 33.15
CA LEU C 518 8.85 1.20 32.64
C LEU C 518 9.78 2.41 32.63
N ASN C 519 11.07 2.16 32.74
CA ASN C 519 12.05 3.24 32.87
C ASN C 519 13.42 2.71 32.47
N TYR C 520 14.03 3.33 31.45
CA TYR C 520 15.37 2.97 30.97
C TYR C 520 15.45 1.51 30.55
N CYS C 521 14.56 1.11 29.65
CA CYS C 521 14.49 -0.26 29.17
C CYS C 521 14.71 -0.30 27.67
N ALA C 522 15.21 -1.42 27.17
CA ALA C 522 15.52 -1.53 25.75
C ALA C 522 15.42 -2.97 25.30
N ALA C 523 15.03 -3.16 24.04
CA ALA C 523 15.08 -4.44 23.35
C ALA C 523 14.26 -5.51 24.09
N PHE C 524 12.96 -5.29 24.15
CA PHE C 524 12.07 -6.19 24.88
C PHE C 524 10.75 -6.33 24.15
N LYS C 525 9.91 -7.23 24.66
CA LYS C 525 8.57 -7.46 24.13
C LYS C 525 7.60 -7.66 25.27
N ALA C 526 6.34 -7.28 25.03
CA ALA C 526 5.27 -7.42 26.02
C ALA C 526 4.04 -7.98 25.35
N TYR C 527 3.40 -8.95 25.99
CA TYR C 527 2.31 -9.71 25.38
C TYR C 527 1.14 -9.88 26.35
N ASP C 528 -0.07 -9.85 25.80
CA ASP C 528 -1.25 -10.51 26.38
C ASP C 528 -1.61 -9.99 27.77
N PHE C 529 -1.72 -8.68 27.90
CA PHE C 529 -2.28 -8.10 29.12
C PHE C 529 -3.75 -7.83 28.91
N PHE C 530 -4.60 -8.37 29.78
CA PHE C 530 -6.05 -8.20 29.66
C PHE C 530 -6.56 -7.35 30.81
N ASP C 531 -7.23 -6.26 30.47
CA ASP C 531 -7.88 -5.39 31.43
C ASP C 531 -9.36 -5.29 31.06
N PRO C 532 -10.28 -5.77 31.89
CA PRO C 532 -11.69 -5.77 31.48
C PRO C 532 -12.25 -4.41 31.11
N TYR C 533 -11.86 -3.35 31.82
CA TYR C 533 -12.20 -2.00 31.42
C TYR C 533 -11.25 -1.04 32.11
N PRO C 534 -11.01 0.14 31.53
CA PRO C 534 -10.10 1.10 32.16
C PRO C 534 -10.74 1.75 33.38
N ALA C 535 -9.89 2.46 34.13
CA ALA C 535 -10.34 3.18 35.30
C ALA C 535 -11.13 4.42 34.90
N PHE C 536 -12.06 4.81 35.77
CA PHE C 536 -12.89 6.00 35.58
C PHE C 536 -12.68 6.88 36.81
N ALA C 537 -11.68 7.74 36.76
CA ALA C 537 -11.27 8.56 37.90
C ALA C 537 -11.78 9.97 37.72
N VAL C 538 -12.39 10.52 38.78
CA VAL C 538 -12.93 11.87 38.75
C VAL C 538 -12.42 12.63 39.98
N ASP C 539 -12.49 13.95 39.90
CA ASP C 539 -12.15 14.80 41.03
C ASP C 539 -13.42 15.11 41.82
N SER C 540 -13.33 16.05 42.76
CA SER C 540 -14.48 16.42 43.57
C SER C 540 -15.57 17.14 42.78
N ASN C 541 -15.28 17.57 41.56
CA ASN C 541 -16.27 18.22 40.71
C ASN C 541 -16.88 17.28 39.69
N ASN C 542 -16.64 15.97 39.83
CA ASN C 542 -17.12 14.97 38.86
C ASN C 542 -16.53 15.21 37.47
N SER C 543 -15.25 15.55 37.42
CA SER C 543 -14.54 15.79 36.18
C SER C 543 -13.40 14.78 36.05
N LEU C 544 -13.25 14.24 34.84
CA LEU C 544 -12.27 13.18 34.59
C LEU C 544 -10.85 13.65 34.89
N VAL C 545 -10.08 12.81 35.58
CA VAL C 545 -8.67 13.05 35.83
C VAL C 545 -7.88 11.87 35.28
N TYR C 546 -6.57 12.04 35.21
CA TYR C 546 -5.72 11.08 34.53
C TYR C 546 -5.62 9.77 35.32
N SER C 547 -5.37 8.69 34.58
CA SER C 547 -5.19 7.36 35.11
C SER C 547 -4.69 6.47 33.98
N TYR C 548 -3.70 5.63 34.26
CA TYR C 548 -3.02 4.87 33.21
C TYR C 548 -3.00 3.39 33.53
N THR C 549 -3.03 2.59 32.46
CA THR C 549 -2.72 1.18 32.57
C THR C 549 -1.26 0.89 32.23
N LEU C 550 -0.68 1.65 31.31
CA LEU C 550 0.72 1.49 30.93
C LEU C 550 1.38 2.86 30.89
N ASN C 551 2.52 2.98 31.56
CA ASN C 551 3.30 4.21 31.63
C ASN C 551 4.76 3.88 31.35
N PHE C 552 5.44 4.70 30.56
CA PHE C 552 6.85 4.44 30.35
C PHE C 552 7.62 5.72 30.09
N ASN C 553 8.91 5.64 30.36
CA ASN C 553 9.84 6.76 30.25
C ASN C 553 11.17 6.23 29.73
N ASP C 554 11.68 6.82 28.64
CA ASP C 554 13.02 6.55 28.15
C ASP C 554 13.21 5.07 27.82
N ILE C 555 12.48 4.62 26.80
CA ILE C 555 12.62 3.26 26.30
C ILE C 555 13.06 3.31 24.85
N ALA C 556 13.54 2.17 24.36
CA ALA C 556 14.04 2.07 23.00
C ALA C 556 13.87 0.66 22.48
N ASP C 557 13.45 0.53 21.22
CA ASP C 557 13.27 -0.77 20.56
C ASP C 557 12.28 -1.65 21.33
N ALA C 558 11.04 -1.20 21.38
CA ALA C 558 10.00 -1.87 22.16
C ALA C 558 8.86 -2.32 21.25
N VAL C 559 8.30 -3.49 21.55
CA VAL C 559 7.16 -4.02 20.82
C VAL C 559 6.09 -4.41 21.82
N PHE C 560 4.87 -3.91 21.60
CA PHE C 560 3.71 -4.27 22.39
C PHE C 560 2.72 -5.01 21.50
N GLU C 561 2.23 -6.16 21.98
CA GLU C 561 1.33 -6.98 21.17
C GLU C 561 0.19 -7.51 22.03
N ASN C 562 -1.01 -7.46 21.46
CA ASN C 562 -2.20 -8.08 22.06
C ASN C 562 -2.50 -7.52 23.46
N PHE C 563 -2.49 -6.20 23.56
CA PHE C 563 -2.88 -5.51 24.79
C PHE C 563 -4.36 -5.16 24.73
N ASN C 564 -5.06 -5.34 25.84
CA ASN C 564 -6.50 -5.15 25.91
C ASN C 564 -6.86 -4.20 27.04
N SER C 565 -7.30 -2.99 26.67
CA SER C 565 -7.89 -2.07 27.65
C SER C 565 -8.78 -1.10 26.88
N GLN C 566 -10.08 -1.34 26.88
CA GLN C 566 -11.00 -0.62 26.00
C GLN C 566 -12.28 -0.29 26.74
N GLY C 567 -12.76 0.95 26.57
CA GLY C 567 -13.98 1.38 27.20
C GLY C 567 -13.91 2.86 27.55
N TYR C 568 -14.75 3.24 28.51
CA TYR C 568 -14.82 4.62 28.97
C TYR C 568 -13.70 4.93 29.96
N GLY C 569 -13.24 6.18 29.96
CA GLY C 569 -12.28 6.66 30.92
C GLY C 569 -11.12 7.35 30.25
N TRP C 570 -10.14 7.72 31.06
CA TRP C 570 -8.93 8.37 30.57
C TRP C 570 -8.11 7.41 29.73
N GLY C 571 -7.33 7.97 28.80
CA GLY C 571 -6.50 7.15 27.94
C GLY C 571 -5.53 6.31 28.75
N VAL C 572 -5.32 5.07 28.31
CA VAL C 572 -4.64 4.07 29.14
C VAL C 572 -3.14 4.00 28.89
N VAL C 573 -2.61 4.74 27.93
CA VAL C 573 -1.19 4.71 27.60
C VAL C 573 -0.63 6.12 27.73
N GLY C 574 0.49 6.25 28.44
CA GLY C 574 1.23 7.49 28.48
C GLY C 574 2.71 7.27 28.35
N GLY C 575 3.34 7.86 27.33
CA GLY C 575 4.74 7.62 27.08
C GLY C 575 5.52 8.92 26.93
N GLN C 576 6.82 8.83 27.19
CA GLN C 576 7.72 9.98 27.15
C GLN C 576 9.08 9.56 26.59
N ARG C 577 9.61 10.38 25.70
CA ARG C 577 11.03 10.36 25.29
C ARG C 577 11.51 8.96 24.95
N SER C 578 10.94 8.40 23.88
CA SER C 578 11.28 7.05 23.49
C SER C 578 11.65 6.99 22.00
N THR C 579 12.13 5.83 21.58
CA THR C 579 12.62 5.61 20.23
C THR C 579 12.15 4.26 19.73
N ASN C 580 11.59 4.23 18.52
CA ASN C 580 11.27 2.99 17.79
C ASN C 580 10.29 2.11 18.57
N ILE C 581 9.07 2.61 18.70
CA ILE C 581 7.99 1.89 19.38
C ILE C 581 7.04 1.30 18.36
N THR C 582 6.55 0.09 18.63
CA THR C 582 5.60 -0.59 17.76
C THR C 582 4.44 -1.14 18.57
N TYR C 583 3.23 -0.99 18.02
CA TYR C 583 2.03 -1.61 18.56
C TYR C 583 1.45 -2.54 17.50
N ARG C 584 1.15 -3.77 17.89
CA ARG C 584 0.59 -4.73 16.95
C ARG C 584 -0.56 -5.49 17.59
N ASP C 585 -1.69 -5.57 16.89
CA ASP C 585 -2.85 -6.34 17.32
C ASP C 585 -3.36 -5.91 18.70
N CYS C 586 -3.38 -4.61 18.96
CA CYS C 586 -3.77 -4.11 20.26
C CYS C 586 -5.22 -3.61 20.23
N ASN C 587 -5.81 -3.51 21.43
CA ASN C 587 -7.17 -3.05 21.61
C ASN C 587 -7.17 -2.06 22.77
N LEU C 588 -6.91 -0.80 22.46
CA LEU C 588 -6.74 0.24 23.47
C LEU C 588 -7.63 1.42 23.13
N ASN C 589 -7.95 2.22 24.14
CA ASN C 589 -8.76 3.40 23.90
C ASN C 589 -7.94 4.63 23.55
N ARG C 590 -6.61 4.56 23.62
CA ARG C 590 -5.75 5.67 23.25
C ARG C 590 -4.31 5.19 23.12
N VAL C 591 -3.58 5.80 22.20
CA VAL C 591 -2.13 5.71 22.12
C VAL C 591 -1.58 7.12 22.23
N ASP C 592 -0.70 7.35 23.21
CA ASP C 592 -0.30 8.70 23.57
C ASP C 592 1.20 8.80 23.74
N MET C 593 1.71 10.02 23.58
CA MET C 593 3.13 10.32 23.74
C MET C 593 3.24 11.78 24.18
N HIS C 594 3.54 12.01 25.46
CA HIS C 594 3.58 13.38 25.96
C HIS C 594 4.85 14.10 25.50
N ASN C 595 6.00 13.65 25.96
CA ASN C 595 7.23 14.12 25.37
C ASN C 595 7.42 13.42 24.02
N PRO C 596 8.04 14.10 23.05
CA PRO C 596 8.10 13.54 21.70
C PRO C 596 8.92 12.26 21.62
N TYR C 597 8.58 11.45 20.64
CA TYR C 597 9.38 10.30 20.26
C TYR C 597 10.36 10.68 19.16
N MET C 598 11.28 9.78 18.86
CA MET C 598 12.15 9.90 17.70
C MET C 598 12.27 8.52 17.04
N GLY C 599 12.77 8.51 15.83
CA GLY C 599 12.83 7.28 15.05
C GLY C 599 11.53 7.03 14.28
N TYR C 600 10.73 6.10 14.77
CA TYR C 600 9.41 5.86 14.20
C TYR C 600 8.44 5.48 15.30
N LEU C 601 7.15 5.65 15.00
CA LEU C 601 6.07 5.16 15.84
C LEU C 601 5.08 4.44 14.92
N LYS C 602 4.93 3.14 15.11
CA LYS C 602 4.12 2.31 14.24
C LYS C 602 2.90 1.77 14.99
N VAL C 603 1.73 1.90 14.38
CA VAL C 603 0.49 1.36 14.92
C VAL C 603 -0.12 0.48 13.84
N LEU C 604 -0.12 -0.83 14.05
CA LEU C 604 -0.49 -1.79 13.02
C LEU C 604 -1.57 -2.73 13.53
N ASP C 605 -2.64 -2.88 12.75
CA ASP C 605 -3.70 -3.85 13.02
C ASP C 605 -4.31 -3.67 14.40
N THR C 606 -4.61 -2.42 14.75
CA THR C 606 -5.01 -2.05 16.09
C THR C 606 -6.40 -1.41 16.05
N ARG C 607 -7.20 -1.69 17.08
CA ARG C 607 -8.49 -1.03 17.27
C ARG C 607 -8.35 0.03 18.35
N LEU C 608 -8.82 1.24 18.06
CA LEU C 608 -8.66 2.37 18.97
C LEU C 608 -10.02 2.87 19.44
N GLY C 609 -10.00 3.61 20.55
CA GLY C 609 -11.19 4.18 21.13
C GLY C 609 -11.42 5.61 20.69
N THR C 610 -12.17 6.34 21.52
CA THR C 610 -12.59 7.69 21.13
C THR C 610 -11.45 8.70 21.15
N TRP C 611 -10.39 8.45 21.90
CA TRP C 611 -9.33 9.44 22.03
C TRP C 611 -8.42 9.48 20.81
N GLY C 612 -8.21 8.35 20.15
CA GLY C 612 -7.36 8.32 18.98
C GLY C 612 -5.88 8.29 19.29
N ILE C 613 -5.09 9.11 18.61
CA ILE C 613 -3.65 9.18 18.79
C ILE C 613 -3.27 10.61 19.11
N ASN C 614 -2.53 10.79 20.21
CA ASN C 614 -2.00 12.10 20.59
C ASN C 614 -0.50 11.95 20.79
N ALA C 615 0.29 12.56 19.91
CA ALA C 615 1.74 12.37 19.97
C ALA C 615 2.43 13.53 19.29
N SER C 616 3.18 14.31 20.06
CA SER C 616 4.20 15.17 19.49
C SER C 616 5.40 14.31 19.10
N GLY C 617 6.09 14.70 18.04
CA GLY C 617 7.09 13.82 17.48
C GLY C 617 8.25 14.52 16.81
N MET C 618 9.36 13.80 16.75
CA MET C 618 10.56 14.16 16.01
C MET C 618 10.94 13.03 15.06
N GLY C 619 9.95 12.36 14.52
CA GLY C 619 10.16 11.24 13.61
C GLY C 619 8.97 11.07 12.70
N ASP C 620 8.77 9.86 12.20
CA ASP C 620 7.69 9.55 11.29
C ASP C 620 6.69 8.61 11.94
N MET C 621 5.42 8.80 11.64
CA MET C 621 4.33 8.02 12.23
C MET C 621 3.65 7.20 11.14
N TYR C 622 3.49 5.90 11.38
CA TYR C 622 2.90 4.98 10.42
C TYR C 622 1.64 4.37 11.01
N LEU C 623 0.57 4.37 10.22
CA LEU C 623 -0.69 3.74 10.60
C LEU C 623 -1.11 2.79 9.49
N GLU C 624 -1.50 1.57 9.85
CA GLU C 624 -1.93 0.59 8.85
C GLU C 624 -3.03 -0.28 9.43
N ARG C 625 -4.20 -0.27 8.80
CA ARG C 625 -5.34 -1.10 9.18
C ARG C 625 -5.77 -0.84 10.62
N VAL C 626 -6.22 0.38 10.87
CA VAL C 626 -6.62 0.82 12.20
C VAL C 626 -8.11 1.20 12.16
N THR C 627 -8.84 0.78 13.18
CA THR C 627 -10.25 1.14 13.35
C THR C 627 -10.39 2.08 14.54
N VAL C 628 -11.18 3.13 14.37
CA VAL C 628 -11.42 4.12 15.43
C VAL C 628 -12.90 4.16 15.73
N ASP C 629 -13.26 3.96 16.99
CA ASP C 629 -14.64 4.05 17.46
C ASP C 629 -14.82 5.35 18.23
N LEU C 630 -15.82 6.13 17.85
CA LEU C 630 -15.93 7.51 18.33
C LEU C 630 -16.94 7.73 19.45
N ASP C 631 -17.63 6.69 19.91
CA ASP C 631 -18.69 6.89 20.89
C ASP C 631 -18.12 7.33 22.23
N ASP C 632 -18.66 8.44 22.78
CA ASP C 632 -18.12 9.04 24.00
C ASP C 632 -19.23 9.53 24.90
N SER C 633 -20.29 8.74 25.08
CA SER C 633 -21.46 9.22 25.80
C SER C 633 -21.17 9.50 27.27
N ALA C 634 -20.38 8.64 27.92
CA ALA C 634 -20.20 8.74 29.36
C ALA C 634 -19.51 10.03 29.77
N HIS C 635 -18.51 10.47 29.02
CA HIS C 635 -17.97 11.80 29.20
C HIS C 635 -18.93 12.83 28.63
N GLY C 636 -19.17 13.90 29.36
CA GLY C 636 -20.15 14.88 28.91
C GLY C 636 -19.75 15.56 27.62
N GLY C 637 -18.73 16.42 27.69
CA GLY C 637 -18.08 16.93 26.51
C GLY C 637 -16.65 16.46 26.54
N HIS C 638 -15.74 17.35 26.96
CA HIS C 638 -14.43 16.98 27.46
C HIS C 638 -13.63 16.17 26.44
N ARG C 639 -13.28 16.84 25.36
CA ARG C 639 -12.20 16.40 24.48
C ARG C 639 -11.04 17.35 24.70
N GLU C 640 -9.90 16.82 25.14
CA GLU C 640 -8.72 17.68 25.27
C GLU C 640 -8.26 18.19 23.91
N HIS C 641 -8.29 17.34 22.90
CA HIS C 641 -7.97 17.71 21.53
C HIS C 641 -9.18 17.46 20.64
N GLU C 642 -9.34 18.29 19.63
CA GLU C 642 -10.55 18.30 18.81
C GLU C 642 -10.48 17.38 17.60
N GLY C 643 -9.41 16.59 17.46
CA GLY C 643 -9.25 15.72 16.32
C GLY C 643 -9.05 14.26 16.72
N ILE C 644 -8.86 13.44 15.70
CA ILE C 644 -8.60 12.02 15.90
C ILE C 644 -7.10 11.73 16.01
N ILE C 645 -6.31 12.27 15.09
CA ILE C 645 -4.85 12.22 15.17
C ILE C 645 -4.37 13.61 15.53
N ASN C 646 -3.71 13.74 16.68
CA ASN C 646 -3.38 15.04 17.23
C ASN C 646 -1.91 15.12 17.57
N ALA C 647 -1.42 16.35 17.62
CA ALA C 647 -0.16 16.69 18.27
C ALA C 647 -0.47 17.31 19.64
N ARG C 648 0.45 17.14 20.58
CA ARG C 648 0.19 17.55 21.95
C ARG C 648 0.02 19.05 22.06
N GLY C 649 -1.08 19.48 22.68
CA GLY C 649 -1.41 20.88 22.82
C GLY C 649 -0.69 21.60 23.94
N ASP C 650 -0.09 20.88 24.87
CA ASP C 650 0.70 21.48 25.93
C ASP C 650 2.19 21.47 25.63
N PHE C 651 2.57 21.13 24.40
CA PHE C 651 3.95 21.23 23.95
C PHE C 651 4.11 22.17 22.77
N GLY C 652 3.05 22.83 22.33
CA GLY C 652 3.08 23.73 21.20
C GLY C 652 2.33 23.24 19.99
N GLY C 653 2.06 21.94 19.90
CA GLY C 653 1.34 21.41 18.76
C GLY C 653 2.19 21.08 17.56
N PHE C 654 3.46 20.78 17.74
CA PHE C 654 4.36 20.52 16.64
C PHE C 654 4.53 19.03 16.40
N HIS C 655 4.86 18.68 15.15
CA HIS C 655 5.23 17.32 14.79
C HIS C 655 6.17 17.41 13.59
N ASP C 656 7.48 17.35 13.87
CA ASP C 656 8.50 17.54 12.83
C ASP C 656 8.74 16.21 12.12
N GLY C 657 7.81 15.86 11.24
CA GLY C 657 7.91 14.61 10.52
C GLY C 657 6.61 14.32 9.80
N GLY C 658 6.63 13.24 9.03
CA GLY C 658 5.49 12.87 8.22
C GLY C 658 4.47 12.03 8.95
N LEU C 659 3.32 11.87 8.31
CA LEU C 659 2.24 11.03 8.82
C LEU C 659 1.68 10.24 7.64
N TYR C 660 1.87 8.92 7.68
CA TYR C 660 1.51 8.04 6.57
C TYR C 660 0.47 7.05 7.04
N ILE C 661 -0.71 7.11 6.44
CA ILE C 661 -1.88 6.34 6.87
C ILE C 661 -2.29 5.41 5.74
N LYS C 662 -2.71 4.19 6.11
CA LYS C 662 -3.20 3.22 5.14
C LYS C 662 -4.39 2.47 5.75
N ASP C 663 -5.53 2.53 5.09
CA ASP C 663 -6.72 1.74 5.43
C ASP C 663 -7.22 2.07 6.85
N LEU C 664 -7.68 3.29 7.01
CA LEU C 664 -8.27 3.76 8.26
C LEU C 664 -9.78 3.65 8.19
N THR C 665 -10.39 3.10 9.24
CA THR C 665 -11.83 2.92 9.32
C THR C 665 -12.40 3.72 10.48
N ILE C 666 -13.51 4.41 10.24
CA ILE C 666 -14.16 5.26 11.23
C ILE C 666 -15.56 4.72 11.49
N VAL C 667 -15.87 4.48 12.77
CA VAL C 667 -17.21 4.11 13.20
C VAL C 667 -17.59 4.98 14.39
N GLY C 668 -18.89 5.09 14.64
CA GLY C 668 -19.39 5.95 15.69
C GLY C 668 -19.54 7.38 15.24
N GLU C 669 -19.99 8.24 16.17
CA GLU C 669 -20.26 9.62 15.83
C GLU C 669 -19.71 10.66 16.79
N ALA C 670 -19.45 10.32 18.05
CA ALA C 670 -18.97 11.29 19.05
C ALA C 670 -19.96 12.45 19.21
N SER C 671 -21.21 12.10 19.54
CA SER C 671 -22.27 13.08 19.57
C SER C 671 -22.23 13.95 20.83
N ALA C 672 -21.68 13.43 21.94
CA ALA C 672 -21.63 14.22 23.16
C ALA C 672 -20.74 15.45 23.01
N PHE C 673 -19.61 15.30 22.31
CA PHE C 673 -18.77 16.46 22.01
C PHE C 673 -19.48 17.42 21.06
N GLU C 674 -20.22 16.89 20.09
CA GLU C 674 -20.91 17.75 19.13
C GLU C 674 -22.04 18.54 19.77
N ALA C 675 -22.73 17.96 20.74
CA ALA C 675 -23.81 18.66 21.42
C ALA C 675 -23.33 19.89 22.17
N THR C 676 -22.05 19.94 22.53
CA THR C 676 -21.48 21.08 23.24
C THR C 676 -20.78 22.06 22.32
N SER C 677 -19.91 21.58 21.45
CA SER C 677 -19.15 22.44 20.55
C SER C 677 -19.93 22.87 19.32
N GLY C 678 -20.94 22.12 18.91
CA GLY C 678 -21.73 22.46 17.75
C GLY C 678 -21.28 21.84 16.44
N HIS C 679 -20.13 21.19 16.41
CA HIS C 679 -19.61 20.60 15.18
C HIS C 679 -18.95 19.27 15.52
N PRO C 680 -18.78 18.38 14.54
CA PRO C 680 -18.07 17.13 14.80
C PRO C 680 -16.57 17.32 14.97
N VAL C 681 -15.85 16.23 15.22
CA VAL C 681 -14.40 16.28 15.39
C VAL C 681 -13.72 16.47 14.04
N ALA C 682 -12.45 16.83 14.07
CA ALA C 682 -11.63 16.92 12.86
C ALA C 682 -10.82 15.64 12.69
N LEU C 683 -10.25 15.47 11.50
CA LEU C 683 -9.42 14.31 11.26
C LEU C 683 -8.04 14.48 11.89
N VAL C 684 -7.33 15.54 11.52
CA VAL C 684 -6.01 15.84 12.05
C VAL C 684 -6.04 17.24 12.66
N SER C 685 -5.49 17.39 13.85
CA SER C 685 -5.41 18.68 14.51
C SER C 685 -4.01 18.90 15.06
N ALA C 686 -3.58 20.15 15.06
CA ALA C 686 -2.26 20.52 15.57
C ALA C 686 -2.29 21.98 15.95
N TYR C 687 -2.29 22.26 17.26
CA TYR C 687 -2.40 23.63 17.75
C TYR C 687 -1.96 23.66 19.20
N SER C 688 -1.97 24.85 19.80
CA SER C 688 -1.48 25.07 21.14
C SER C 688 -2.59 25.63 22.02
N PHE C 689 -2.61 25.23 23.29
CA PHE C 689 -3.59 25.75 24.23
C PHE C 689 -3.25 27.16 24.69
N ASN C 690 -1.97 27.48 24.82
CA ASN C 690 -1.53 28.75 25.39
C ASN C 690 -0.15 29.06 24.85
N ALA C 691 -0.03 30.09 24.01
CA ALA C 691 1.25 30.39 23.39
C ALA C 691 2.28 30.90 24.36
N SER C 692 1.87 31.41 25.52
CA SER C 692 2.83 31.88 26.50
C SER C 692 3.38 30.75 27.36
N LEU C 693 2.76 29.58 27.35
CA LEU C 693 3.20 28.45 28.15
C LEU C 693 3.76 27.30 27.32
N ALA C 694 3.33 27.16 26.07
CA ALA C 694 3.78 26.06 25.21
C ALA C 694 4.08 26.63 23.83
N TYR C 695 5.35 26.62 23.44
CA TYR C 695 5.75 27.18 22.15
C TYR C 695 7.16 26.70 21.82
N ILE C 696 7.60 27.00 20.62
CA ILE C 696 8.94 26.71 20.13
C ILE C 696 9.72 28.02 20.08
N PRO C 697 10.79 28.18 20.84
CA PRO C 697 11.56 29.42 20.79
C PRO C 697 12.24 29.61 19.44
N GLU C 698 12.54 30.86 19.14
CA GLU C 698 13.13 31.20 17.84
C GLU C 698 14.53 30.64 17.66
N SER C 699 15.27 30.47 18.76
CA SER C 699 16.63 29.95 18.69
C SER C 699 16.69 28.43 18.70
N SER C 700 15.55 27.75 18.80
CA SER C 700 15.53 26.30 18.79
C SER C 700 15.83 25.78 17.39
N PRO C 701 16.47 24.62 17.29
CA PRO C 701 16.67 23.99 15.97
C PRO C 701 15.46 23.25 15.44
N VAL C 702 14.37 23.18 16.20
CA VAL C 702 13.16 22.48 15.77
C VAL C 702 12.42 23.35 14.78
N THR C 703 11.99 22.75 13.67
CA THR C 703 11.14 23.44 12.70
C THR C 703 9.68 23.24 13.09
N PRO C 704 8.94 24.29 13.39
CA PRO C 704 7.59 24.13 13.95
C PRO C 704 6.53 23.80 12.89
N TRP C 705 6.62 22.59 12.35
CA TRP C 705 5.58 22.09 11.45
C TRP C 705 4.42 21.53 12.26
N GLY C 706 3.21 21.82 11.82
CA GLY C 706 2.05 21.13 12.38
C GLY C 706 2.20 19.65 12.13
N PHE C 707 2.17 19.27 10.87
CA PHE C 707 2.70 18.01 10.38
C PHE C 707 3.45 18.33 9.11
N LYS C 708 4.63 17.74 8.92
CA LYS C 708 5.39 18.06 7.72
C LYS C 708 4.64 17.62 6.46
N GLU C 709 4.23 16.36 6.41
CA GLU C 709 3.43 15.83 5.32
C GLU C 709 2.32 14.98 5.88
N VAL C 710 1.19 14.94 5.18
CA VAL C 710 0.07 14.08 5.53
C VAL C 710 -0.35 13.30 4.29
N ILE C 711 -0.23 11.97 4.35
CA ILE C 711 -0.63 11.09 3.27
C ILE C 711 -1.68 10.13 3.81
N VAL C 712 -2.89 10.20 3.25
CA VAL C 712 -3.98 9.32 3.63
C VAL C 712 -4.39 8.53 2.41
N GLU C 713 -4.31 7.20 2.51
CA GLU C 713 -4.60 6.30 1.39
C GLU C 713 -5.61 5.26 1.84
N GLY C 714 -6.88 5.52 1.63
CA GLY C 714 -7.92 4.57 1.96
C GLY C 714 -8.60 4.90 3.28
N LEU C 715 -9.78 5.51 3.19
CA LEU C 715 -10.57 5.86 4.36
C LEU C 715 -11.98 5.33 4.17
N HIS C 716 -12.41 4.43 5.04
CA HIS C 716 -13.70 3.78 4.92
C HIS C 716 -14.61 4.21 6.06
N CYS C 717 -15.83 4.60 5.73
CA CYS C 717 -16.86 4.96 6.71
C CYS C 717 -18.10 4.14 6.40
N PRO C 718 -18.25 2.97 7.03
CA PRO C 718 -19.37 2.09 6.67
C PRO C 718 -20.76 2.67 6.91
N PHE C 719 -20.95 3.50 7.92
CA PHE C 719 -22.26 4.03 8.26
C PHE C 719 -22.37 5.47 7.81
N LYS C 720 -23.46 5.79 7.11
CA LYS C 720 -23.62 7.12 6.55
C LYS C 720 -23.92 8.13 7.64
N ARG C 721 -23.60 9.39 7.34
CA ARG C 721 -23.82 10.49 8.27
C ARG C 721 -24.65 11.57 7.60
N THR C 722 -25.57 12.15 8.37
CA THR C 722 -26.28 13.36 7.95
C THR C 722 -25.48 14.56 8.43
N GLY C 723 -24.99 15.36 7.48
CA GLY C 723 -24.05 16.42 7.77
C GLY C 723 -22.73 16.15 7.07
N ARG C 724 -21.65 16.61 7.69
CA ARG C 724 -20.31 16.36 7.19
C ARG C 724 -19.54 15.49 8.18
N ARG C 725 -18.66 14.66 7.64
CA ARG C 725 -17.96 13.68 8.46
C ARG C 725 -17.01 14.35 9.44
N PHE C 726 -16.21 15.30 8.97
CA PHE C 726 -15.22 15.96 9.79
C PHE C 726 -15.42 17.46 9.76
N ASN C 727 -15.07 18.12 10.85
CA ASN C 727 -15.07 19.58 10.88
C ASN C 727 -14.05 20.15 9.92
N SER C 728 -12.90 19.50 9.79
CA SER C 728 -11.88 19.92 8.85
C SER C 728 -10.90 18.78 8.66
N ILE C 729 -10.29 18.73 7.48
CA ILE C 729 -9.27 17.71 7.22
C ILE C 729 -8.04 17.98 8.08
N ILE C 730 -7.59 19.23 8.14
CA ILE C 730 -6.49 19.64 8.99
C ILE C 730 -6.97 20.86 9.76
N SER C 731 -6.96 20.78 11.09
CA SER C 731 -7.62 21.77 11.93
C SER C 731 -6.66 22.41 12.92
N ALA C 732 -6.77 23.73 13.06
CA ALA C 732 -6.06 24.49 14.10
C ALA C 732 -7.04 25.44 14.76
N PRO C 733 -7.91 24.93 15.63
CA PRO C 733 -8.99 25.78 16.19
C PRO C 733 -8.54 26.59 17.40
N SER C 734 -7.67 27.57 17.14
CA SER C 734 -7.10 28.37 18.22
C SER C 734 -6.72 29.74 17.67
N ILE C 735 -6.31 30.62 18.57
CA ILE C 735 -5.82 31.94 18.18
C ILE C 735 -4.41 32.14 18.72
N GLN C 736 -3.64 31.06 18.80
CA GLN C 736 -2.26 31.13 19.28
C GLN C 736 -1.24 31.19 18.15
N PHE C 737 -1.49 30.52 17.03
CA PHE C 737 -0.65 30.59 15.83
C PHE C 737 0.79 30.18 16.12
N THR C 738 0.96 28.91 16.51
CA THR C 738 2.29 28.42 16.88
C THR C 738 2.96 27.58 15.81
N VAL C 739 2.21 26.92 14.92
CA VAL C 739 2.79 25.97 13.99
C VAL C 739 2.30 26.25 12.57
N TYR C 740 3.08 25.79 11.60
CA TYR C 740 2.75 25.93 10.19
C TYR C 740 1.68 24.93 9.77
N HIS C 741 0.97 25.28 8.71
CA HIS C 741 0.13 24.31 8.03
C HIS C 741 1.01 23.28 7.33
N PRO C 742 0.55 22.04 7.19
CA PRO C 742 1.36 21.03 6.50
C PRO C 742 1.76 21.45 5.11
N MET C 743 3.00 21.14 4.75
CA MET C 743 3.53 21.54 3.45
C MET C 743 2.82 20.83 2.30
N ARG C 744 2.53 19.53 2.47
CA ARG C 744 1.92 18.75 1.41
C ARG C 744 0.88 17.82 2.01
N VAL C 745 -0.30 17.78 1.40
CA VAL C 745 -1.39 16.91 1.83
C VAL C 745 -1.87 16.12 0.62
N LYS C 746 -2.06 14.81 0.80
CA LYS C 746 -2.52 13.95 -0.28
C LYS C 746 -3.60 13.03 0.25
N LEU C 747 -4.69 12.88 -0.52
CA LEU C 747 -5.79 12.00 -0.20
C LEU C 747 -6.06 11.09 -1.38
N GLU C 748 -6.41 9.83 -1.11
CA GLU C 748 -6.63 8.87 -2.19
C GLU C 748 -7.58 7.78 -1.70
N ASP C 749 -8.58 7.46 -2.51
CA ASP C 749 -9.57 6.42 -2.20
C ASP C 749 -10.25 6.66 -0.86
N CYS C 750 -10.68 7.90 -0.64
CA CYS C 750 -11.36 8.27 0.59
C CYS C 750 -12.85 8.42 0.32
N ASN C 751 -13.66 7.64 1.03
CA ASN C 751 -15.11 7.69 0.91
C ASN C 751 -15.67 8.22 2.22
N PHE C 752 -16.08 9.49 2.22
CA PHE C 752 -16.55 10.12 3.45
C PHE C 752 -17.97 9.70 3.81
N ASN C 753 -18.82 9.45 2.82
CA ASN C 753 -20.17 8.94 3.03
C ASN C 753 -21.01 9.91 3.86
N SER C 754 -21.09 11.14 3.39
CA SER C 754 -21.80 12.20 4.09
C SER C 754 -22.65 12.98 3.10
N THR C 755 -23.49 13.86 3.63
CA THR C 755 -24.43 14.64 2.82
C THR C 755 -24.05 16.10 2.69
N ALA C 756 -22.98 16.56 3.34
CA ALA C 756 -22.55 17.95 3.25
C ALA C 756 -21.06 18.00 2.92
N PHE C 757 -20.64 19.12 2.36
CA PHE C 757 -19.30 19.22 1.80
C PHE C 757 -18.23 19.23 2.90
N GLU C 758 -17.07 18.67 2.57
CA GLU C 758 -15.90 18.72 3.42
C GLU C 758 -15.14 20.03 3.16
N LYS C 759 -14.23 20.37 4.07
CA LYS C 759 -13.54 21.65 3.93
C LYS C 759 -12.11 21.57 4.42
N PHE C 760 -11.28 22.44 3.84
CA PHE C 760 -9.90 22.69 4.24
C PHE C 760 -9.90 24.05 4.91
N ASP C 761 -9.91 24.07 6.24
CA ASP C 761 -9.91 25.32 6.98
C ASP C 761 -8.48 25.79 7.20
N LEU C 762 -8.14 26.95 6.63
CA LEU C 762 -6.78 27.47 6.70
C LEU C 762 -6.64 28.61 7.70
N ARG C 763 -7.54 28.70 8.67
CA ARG C 763 -7.45 29.72 9.71
C ARG C 763 -6.74 29.17 10.93
N GLY C 764 -5.90 30.00 11.55
CA GLY C 764 -5.23 29.63 12.77
C GLY C 764 -3.81 29.12 12.63
N TRP C 765 -3.20 29.25 11.46
CA TRP C 765 -1.87 28.70 11.21
C TRP C 765 -0.83 29.82 11.18
N ARG C 766 0.39 29.46 11.56
CA ARG C 766 1.52 30.37 11.44
C ARG C 766 1.84 30.65 9.98
N VAL C 767 2.36 31.84 9.71
CA VAL C 767 2.69 32.24 8.35
C VAL C 767 3.76 31.31 7.79
N THR C 768 3.58 30.90 6.53
CA THR C 768 4.41 29.88 5.92
C THR C 768 5.86 30.33 5.82
N PRO C 769 6.82 29.39 5.93
CA PRO C 769 8.23 29.75 5.78
C PRO C 769 8.67 30.00 4.35
N TYR C 770 7.82 29.72 3.35
CA TYR C 770 8.15 30.02 1.97
C TYR C 770 8.00 31.50 1.64
N ASN C 771 7.29 32.25 2.48
CA ASN C 771 7.07 33.68 2.27
C ASN C 771 7.41 34.41 3.56
N PRO C 772 8.69 34.46 3.93
CA PRO C 772 9.05 35.04 5.22
C PRO C 772 8.95 36.55 5.26
N SER C 773 9.18 37.24 4.14
CA SER C 773 9.08 38.68 4.09
C SER C 773 7.64 39.18 4.05
N LYS C 774 6.67 38.27 3.94
CA LYS C 774 5.25 38.60 3.91
C LYS C 774 4.92 39.54 2.76
N VAL C 775 5.25 39.08 1.56
CA VAL C 775 4.94 39.81 0.33
C VAL C 775 3.49 39.55 -0.04
N GLY C 776 2.76 40.61 -0.35
CA GLY C 776 1.39 40.45 -0.82
C GLY C 776 1.37 39.97 -2.27
N ILE C 777 0.48 39.01 -2.53
CA ILE C 777 0.36 38.39 -3.84
C ILE C 777 -0.86 38.96 -4.55
N ALA C 778 -0.66 39.45 -5.77
CA ALA C 778 -1.76 39.95 -6.59
C ALA C 778 -2.30 38.91 -7.55
N ASN C 779 -1.42 38.15 -8.19
CA ASN C 779 -1.79 37.07 -9.09
C ASN C 779 -1.06 35.80 -8.64
N THR C 780 -1.76 34.66 -8.72
CA THR C 780 -1.18 33.42 -8.21
C THR C 780 0.03 32.98 -9.00
N LEU C 781 0.17 33.41 -10.26
CA LEU C 781 1.27 33.01 -11.11
C LEU C 781 2.52 33.87 -10.91
N ALA C 782 2.41 34.96 -10.16
CA ALA C 782 3.53 35.87 -9.96
C ALA C 782 4.33 35.56 -8.71
N PHE C 783 4.02 34.46 -8.02
CA PHE C 783 4.74 34.06 -6.82
C PHE C 783 4.83 32.54 -6.80
N ARG C 784 5.81 32.04 -6.06
CA ARG C 784 6.01 30.61 -5.94
C ARG C 784 4.86 29.98 -5.15
N PRO C 785 4.54 28.71 -5.42
CA PRO C 785 3.58 28.00 -4.57
C PRO C 785 4.18 27.71 -3.20
N THR C 786 3.33 27.72 -2.19
CA THR C 786 3.76 27.44 -0.84
C THR C 786 3.17 26.16 -0.25
N ASN C 787 1.98 25.76 -0.67
CA ASN C 787 1.34 24.56 -0.16
C ASN C 787 0.76 23.77 -1.33
N PHE C 788 0.74 22.44 -1.18
CA PHE C 788 0.34 21.54 -2.24
C PHE C 788 -0.72 20.57 -1.72
N VAL C 789 -1.82 20.43 -2.45
CA VAL C 789 -2.91 19.54 -2.08
C VAL C 789 -3.25 18.66 -3.28
N ASP C 790 -3.39 17.36 -3.04
CA ASP C 790 -3.74 16.40 -4.09
C ASP C 790 -4.88 15.52 -3.62
N VAL C 791 -5.92 15.42 -4.43
CA VAL C 791 -7.07 14.56 -4.16
C VAL C 791 -7.31 13.67 -5.37
N LYS C 792 -7.35 12.36 -5.15
CA LYS C 792 -7.48 11.40 -6.24
C LYS C 792 -8.51 10.34 -5.90
N ASP C 793 -9.51 10.19 -6.78
CA ASP C 793 -10.49 9.09 -6.68
C ASP C 793 -11.22 9.10 -5.35
N CYS C 794 -11.54 10.28 -4.84
CA CYS C 794 -12.25 10.39 -3.58
C CYS C 794 -13.71 10.73 -3.82
N SER C 795 -14.54 10.40 -2.83
CA SER C 795 -15.99 10.56 -2.93
C SER C 795 -16.45 11.60 -1.92
N MET C 796 -16.90 12.75 -2.40
CA MET C 796 -17.49 13.76 -1.52
C MET C 796 -18.51 14.56 -2.31
N VAL C 797 -19.41 15.20 -1.56
CA VAL C 797 -20.40 16.10 -2.15
C VAL C 797 -19.75 17.41 -2.62
N GLY C 798 -18.79 17.93 -1.87
CA GLY C 798 -18.13 19.16 -2.25
C GLY C 798 -16.86 19.35 -1.48
N LEU C 799 -16.16 20.44 -1.78
CA LEU C 799 -14.90 20.76 -1.13
C LEU C 799 -14.78 22.27 -1.01
N GLU C 800 -14.33 22.74 0.14
CA GLU C 800 -14.25 24.17 0.43
C GLU C 800 -12.88 24.54 0.97
N PHE C 801 -12.32 25.63 0.47
CA PHE C 801 -11.07 26.21 0.97
C PHE C 801 -11.39 27.58 1.56
N THR C 802 -11.01 27.79 2.82
CA THR C 802 -11.27 29.04 3.52
C THR C 802 -9.94 29.70 3.84
N ARG C 803 -9.73 30.91 3.31
CA ARG C 803 -8.48 31.60 3.51
C ARG C 803 -8.36 32.13 4.93
N PRO C 804 -7.14 32.34 5.41
CA PRO C 804 -6.95 32.88 6.76
C PRO C 804 -7.27 34.37 6.83
N THR C 805 -7.36 34.86 8.06
CA THR C 805 -7.60 36.26 8.31
C THR C 805 -6.39 37.09 7.92
N SER C 806 -6.62 38.39 7.71
CA SER C 806 -5.52 39.30 7.42
C SER C 806 -4.47 39.26 8.52
N ALA C 807 -3.24 39.56 8.15
CA ALA C 807 -2.00 39.40 8.94
C ALA C 807 -1.55 37.95 8.93
N TYR C 808 -2.32 37.03 8.36
CA TYR C 808 -1.86 35.66 8.19
C TYR C 808 -2.15 35.14 6.78
N ASP C 809 -2.63 36.00 5.87
CA ASP C 809 -3.02 35.58 4.53
C ASP C 809 -1.88 35.84 3.57
N TYR C 810 -0.93 34.90 3.54
CA TYR C 810 0.22 35.01 2.65
C TYR C 810 0.58 33.69 2.00
N SER C 811 -0.37 32.78 1.86
CA SER C 811 -0.13 31.48 1.25
C SER C 811 -0.50 31.49 -0.22
N ASN C 812 -0.01 30.48 -0.93
CA ASN C 812 -0.26 30.31 -2.35
C ASN C 812 -0.39 28.81 -2.60
N PHE C 813 -1.60 28.34 -2.89
CA PHE C 813 -1.89 26.92 -2.94
C PHE C 813 -1.84 26.38 -4.35
N ASP C 814 -1.40 25.13 -4.47
CA ASP C 814 -1.39 24.41 -5.74
C ASP C 814 -2.24 23.16 -5.56
N VAL C 815 -3.43 23.15 -6.15
CA VAL C 815 -4.43 22.13 -5.89
C VAL C 815 -4.63 21.29 -7.15
N ASN C 816 -4.62 19.98 -6.98
CA ASN C 816 -4.75 19.03 -8.08
C ASN C 816 -5.83 18.03 -7.74
N LEU C 817 -6.93 18.04 -8.50
CA LEU C 817 -8.05 17.14 -8.28
C LEU C 817 -8.22 16.23 -9.49
N VAL C 818 -8.24 14.92 -9.25
CA VAL C 818 -8.33 13.93 -10.32
C VAL C 818 -9.46 12.96 -9.99
N ASN C 819 -10.46 12.90 -10.86
CA ASN C 819 -11.53 11.91 -10.79
C ASN C 819 -12.28 11.98 -9.45
N VAL C 820 -12.85 13.16 -9.18
CA VAL C 820 -13.56 13.42 -7.95
C VAL C 820 -15.04 13.56 -8.26
N LYS C 821 -15.87 12.86 -7.49
CA LYS C 821 -17.32 12.92 -7.63
C LYS C 821 -17.92 12.30 -6.37
N ASN C 822 -19.24 12.15 -6.37
CA ASN C 822 -19.96 11.47 -5.29
C ASN C 822 -20.54 10.17 -5.84
N VAL C 823 -20.22 9.05 -5.19
CA VAL C 823 -20.66 7.75 -5.66
C VAL C 823 -21.79 7.16 -4.83
N GLU C 824 -22.14 7.75 -3.70
CA GLU C 824 -23.16 7.20 -2.84
C GLU C 824 -24.55 7.56 -3.34
N GLU C 825 -25.50 6.66 -3.08
CA GLU C 825 -26.84 6.80 -3.62
C GLU C 825 -27.67 7.88 -2.92
N HIS C 826 -27.34 8.23 -1.68
CA HIS C 826 -28.18 9.15 -0.94
C HIS C 826 -28.06 10.59 -1.42
N SER C 827 -27.10 10.90 -2.29
CA SER C 827 -26.90 12.26 -2.77
C SER C 827 -26.67 12.25 -4.28
N LEU C 828 -26.58 13.45 -4.84
CA LEU C 828 -26.32 13.61 -6.26
C LEU C 828 -24.84 13.44 -6.55
N SER C 829 -24.54 13.11 -7.80
CA SER C 829 -23.17 12.78 -8.21
C SER C 829 -22.25 14.00 -8.36
N PRO C 830 -22.63 15.05 -9.11
CA PRO C 830 -21.68 16.14 -9.34
C PRO C 830 -21.32 16.86 -8.05
N PHE C 831 -20.08 17.36 -7.99
CA PHE C 831 -19.54 17.96 -6.79
C PHE C 831 -19.22 19.43 -7.04
N THR C 832 -19.32 20.23 -5.98
CA THR C 832 -19.13 21.68 -6.04
C THR C 832 -17.80 22.05 -5.40
N LEU C 833 -17.11 23.01 -6.00
CA LEU C 833 -15.84 23.51 -5.50
C LEU C 833 -16.03 24.94 -5.01
N TYR C 834 -15.94 25.14 -3.70
CA TYR C 834 -15.96 26.46 -3.09
C TYR C 834 -14.53 26.87 -2.78
N THR C 835 -14.10 28.00 -3.30
CA THR C 835 -12.75 28.46 -3.05
C THR C 835 -12.76 29.93 -2.62
N ASN C 836 -11.81 30.25 -1.76
CA ASN C 836 -11.66 31.58 -1.20
C ASN C 836 -10.21 32.04 -1.20
N GLN C 837 -9.28 31.16 -1.54
CA GLN C 837 -7.86 31.35 -1.31
C GLN C 837 -7.11 31.38 -2.64
N CYS C 838 -6.10 32.25 -2.71
CA CYS C 838 -5.28 32.38 -3.92
C CYS C 838 -4.59 31.06 -4.24
N GLY C 839 -4.74 30.60 -5.47
CA GLY C 839 -4.12 29.35 -5.85
C GLY C 839 -4.40 28.98 -7.29
N ARG C 840 -3.79 27.88 -7.71
CA ARG C 840 -3.98 27.31 -9.04
C ARG C 840 -4.69 25.98 -8.91
N TYR C 841 -5.76 25.80 -9.69
CA TYR C 841 -6.63 24.65 -9.58
C TYR C 841 -6.66 23.89 -10.89
N ASN C 842 -6.39 22.59 -10.83
CA ASN C 842 -6.37 21.71 -11.99
C ASN C 842 -7.32 20.55 -11.75
N LEU C 843 -8.22 20.31 -12.70
CA LEU C 843 -9.21 19.25 -12.59
C LEU C 843 -9.13 18.37 -13.83
N VAL C 844 -8.95 17.07 -13.63
CA VAL C 844 -8.80 16.11 -14.71
C VAL C 844 -9.86 15.03 -14.54
N GLY C 845 -10.79 14.96 -15.46
CA GLY C 845 -11.80 13.90 -15.45
C GLY C 845 -12.69 13.87 -14.23
N CYS C 846 -13.16 15.03 -13.79
CA CYS C 846 -13.98 15.14 -12.60
C CYS C 846 -15.45 15.24 -12.94
N GLY C 847 -16.29 14.86 -11.99
CA GLY C 847 -17.71 15.08 -12.07
C GLY C 847 -18.11 16.42 -11.46
N LEU C 848 -17.81 17.50 -12.16
CA LEU C 848 -17.98 18.84 -11.61
C LEU C 848 -19.43 19.31 -11.72
N GLN C 849 -19.85 20.11 -10.74
CA GLN C 849 -21.16 20.75 -10.75
C GLN C 849 -21.07 22.26 -10.90
N GLN C 850 -20.27 22.92 -10.06
CA GLN C 850 -20.22 24.38 -10.06
C GLN C 850 -18.90 24.82 -9.46
N ILE C 851 -18.44 25.99 -9.89
CA ILE C 851 -17.27 26.64 -9.32
C ILE C 851 -17.72 27.95 -8.71
N VAL C 852 -17.56 28.07 -7.39
CA VAL C 852 -17.99 29.25 -6.64
C VAL C 852 -16.78 29.83 -5.94
N ASP C 853 -16.52 31.11 -6.18
CA ASP C 853 -15.38 31.79 -5.56
C ASP C 853 -15.80 32.49 -4.26
N LYS C 854 -16.31 31.67 -3.34
CA LYS C 854 -16.77 32.17 -2.06
C LYS C 854 -16.69 31.03 -1.04
N SER C 855 -16.39 31.39 0.19
CA SER C 855 -16.41 30.43 1.29
C SER C 855 -17.77 30.47 1.96
N MET C 856 -18.45 29.33 2.03
CA MET C 856 -19.77 29.30 2.66
C MET C 856 -19.69 29.37 4.18
N THR C 857 -18.55 28.96 4.75
CA THR C 857 -18.42 28.99 6.21
C THR C 857 -18.35 30.43 6.73
N SER C 858 -17.54 31.27 6.10
CA SER C 858 -17.36 32.65 6.55
C SER C 858 -18.06 33.68 5.68
N GLY C 859 -18.52 33.31 4.50
CA GLY C 859 -19.23 34.23 3.63
C GLY C 859 -18.40 35.38 3.07
N GLU C 860 -17.12 35.15 2.78
CA GLU C 860 -16.25 36.13 2.16
C GLU C 860 -15.91 35.70 0.75
N ARG C 861 -15.83 36.65 -0.18
CA ARG C 861 -15.79 36.27 -1.59
C ARG C 861 -14.39 35.89 -2.05
N ALA C 862 -13.50 36.88 -2.20
CA ALA C 862 -12.14 36.64 -2.70
C ALA C 862 -11.45 38.00 -2.77
N ASN C 863 -10.12 37.96 -2.80
CA ASN C 863 -9.36 39.18 -2.91
C ASN C 863 -8.15 39.07 -3.82
N ARG C 864 -7.94 37.92 -4.47
CA ARG C 864 -6.78 37.71 -5.33
C ARG C 864 -7.20 36.91 -6.55
N ARG C 865 -6.37 36.97 -7.59
CA ARG C 865 -6.68 36.33 -8.86
C ARG C 865 -6.14 34.91 -8.88
N SER C 866 -6.99 33.96 -9.28
CA SER C 866 -6.65 32.55 -9.36
C SER C 866 -6.84 32.05 -10.79
N THR C 867 -6.50 30.79 -11.01
CA THR C 867 -6.61 30.16 -12.32
C THR C 867 -7.29 28.81 -12.19
N PHE C 868 -8.09 28.45 -13.19
CA PHE C 868 -8.83 27.19 -13.20
C PHE C 868 -8.66 26.52 -14.55
N SER C 869 -8.30 25.24 -14.53
CA SER C 869 -8.11 24.45 -15.74
C SER C 869 -8.89 23.15 -15.60
N VAL C 870 -9.77 22.88 -16.56
CA VAL C 870 -10.64 21.71 -16.54
C VAL C 870 -10.39 20.90 -17.80
N THR C 871 -10.10 19.61 -17.62
CA THR C 871 -9.82 18.70 -18.74
C THR C 871 -10.71 17.48 -18.62
N GLY C 872 -11.46 17.19 -19.67
CA GLY C 872 -12.29 16.00 -19.70
C GLY C 872 -13.45 16.06 -18.71
N GLY C 873 -14.08 14.90 -18.53
CA GLY C 873 -15.14 14.76 -17.56
C GLY C 873 -16.47 15.38 -18.00
N THR C 874 -17.37 15.49 -17.03
CA THR C 874 -18.68 16.09 -17.23
C THR C 874 -18.82 17.31 -16.34
N TRP C 875 -19.58 18.29 -16.81
CA TRP C 875 -19.90 19.51 -16.06
C TRP C 875 -21.42 19.63 -16.01
N ASN C 876 -22.03 19.01 -15.00
CA ASN C 876 -23.48 18.98 -14.85
C ASN C 876 -23.89 19.99 -13.79
N SER C 877 -24.45 21.11 -14.21
CA SER C 877 -24.86 22.16 -13.29
C SER C 877 -26.31 21.99 -12.83
N LEU C 878 -26.95 20.88 -13.19
CA LEU C 878 -28.31 20.56 -12.76
C LEU C 878 -29.30 21.63 -13.20
N SER C 879 -29.73 22.49 -12.29
CA SER C 879 -30.69 23.54 -12.62
C SER C 879 -30.12 24.94 -12.41
N GLY C 880 -28.81 25.08 -12.29
CA GLY C 880 -28.20 26.37 -12.11
C GLY C 880 -27.11 26.68 -13.12
N ASN C 881 -26.38 27.76 -12.89
CA ASN C 881 -25.28 28.15 -13.76
C ASN C 881 -24.03 27.34 -13.46
N PRO C 882 -23.18 27.10 -14.46
CA PRO C 882 -21.93 26.36 -14.21
C PRO C 882 -20.93 27.08 -13.30
N THR C 883 -20.96 28.41 -13.22
CA THR C 883 -19.99 29.15 -12.42
C THR C 883 -20.70 30.18 -11.56
N ASP C 884 -20.06 30.56 -10.46
CA ASP C 884 -20.46 31.70 -9.63
C ASP C 884 -19.19 32.43 -9.21
N ILE C 885 -18.73 33.37 -10.04
CA ILE C 885 -17.49 34.10 -9.82
C ILE C 885 -17.79 35.59 -9.85
N THR C 886 -17.33 36.30 -8.83
CA THR C 886 -17.79 37.68 -8.63
C THR C 886 -16.62 38.65 -8.46
N TYR C 887 -15.49 38.17 -7.92
CA TYR C 887 -14.39 39.07 -7.61
C TYR C 887 -13.88 39.76 -8.87
N GLY C 888 -13.84 41.09 -8.83
CA GLY C 888 -13.47 41.86 -10.00
C GLY C 888 -14.41 41.69 -11.16
N ASN C 889 -15.68 41.34 -10.89
CA ASN C 889 -16.69 41.06 -11.90
C ASN C 889 -16.32 39.88 -12.79
N GLY C 890 -15.36 39.07 -12.37
CA GLY C 890 -14.97 37.90 -13.12
C GLY C 890 -13.88 38.13 -14.14
N TYR C 891 -13.56 39.38 -14.47
CA TYR C 891 -12.44 39.63 -15.36
C TYR C 891 -11.15 39.27 -14.65
N ASP C 892 -10.13 38.93 -15.44
CA ASP C 892 -8.83 38.45 -14.97
C ASP C 892 -8.88 37.06 -14.36
N ILE C 893 -9.98 36.34 -14.48
CA ILE C 893 -10.05 34.97 -13.96
C ILE C 893 -10.16 34.00 -15.13
N PRO C 894 -9.07 33.33 -15.50
CA PRO C 894 -9.09 32.43 -16.66
C PRO C 894 -9.61 31.02 -16.39
N VAL C 895 -10.90 30.77 -16.54
CA VAL C 895 -11.42 29.41 -16.55
C VAL C 895 -11.27 28.84 -17.96
N VAL C 896 -10.51 27.76 -18.09
CA VAL C 896 -10.19 27.17 -19.38
C VAL C 896 -10.62 25.70 -19.37
N ALA C 897 -11.40 25.31 -20.37
CA ALA C 897 -11.95 23.96 -20.44
C ALA C 897 -11.61 23.32 -21.78
N THR C 898 -11.38 22.01 -21.76
CA THR C 898 -11.00 21.27 -22.95
C THR C 898 -11.64 19.90 -22.92
N GLY C 899 -12.44 19.59 -23.94
CA GLY C 899 -13.06 18.28 -24.05
C GLY C 899 -14.06 17.93 -22.97
N VAL C 900 -14.90 18.89 -22.57
CA VAL C 900 -15.84 18.70 -21.48
C VAL C 900 -17.24 18.57 -22.06
N MET C 901 -18.07 17.75 -21.41
CA MET C 901 -19.49 17.64 -21.74
C MET C 901 -20.28 18.48 -20.75
N PHE C 902 -21.04 19.44 -21.26
CA PHE C 902 -21.81 20.36 -20.44
C PHE C 902 -23.28 19.93 -20.42
N VAL C 903 -23.82 19.72 -19.22
CA VAL C 903 -25.21 19.36 -19.03
C VAL C 903 -25.85 20.40 -18.12
N GLY C 904 -27.02 20.89 -18.52
CA GLY C 904 -27.70 21.90 -17.73
C GLY C 904 -28.86 22.52 -18.48
N PRO C 905 -29.38 23.63 -17.97
CA PRO C 905 -30.54 24.29 -18.58
C PRO C 905 -30.16 25.23 -19.73
N TYR C 906 -29.52 24.67 -20.75
CA TYR C 906 -29.19 25.42 -21.94
C TYR C 906 -30.32 25.33 -22.96
N SER C 907 -30.35 26.27 -23.88
CA SER C 907 -31.40 26.29 -24.88
C SER C 907 -30.86 26.82 -26.20
N GLN C 908 -31.43 26.32 -27.29
CA GLN C 908 -31.09 26.81 -28.62
C GLN C 908 -32.12 27.79 -29.18
N THR C 909 -33.34 27.76 -28.69
CA THR C 909 -34.39 28.65 -29.17
C THR C 909 -34.68 29.81 -28.23
N GLU C 910 -34.02 29.87 -27.07
CA GLU C 910 -34.24 30.93 -26.11
C GLU C 910 -32.92 31.30 -25.45
N VAL C 911 -32.82 32.57 -25.04
CA VAL C 911 -31.63 33.06 -24.35
C VAL C 911 -31.86 32.85 -22.86
N THR C 912 -31.26 31.82 -22.31
CA THR C 912 -31.39 31.50 -20.89
C THR C 912 -30.20 32.05 -20.11
N GLY C 913 -30.34 32.03 -18.79
CA GLY C 913 -29.26 32.48 -17.93
C GLY C 913 -28.01 31.62 -18.02
N ALA C 914 -28.18 30.32 -18.25
CA ALA C 914 -27.03 29.43 -18.37
C ALA C 914 -26.30 29.62 -19.69
N ASN C 915 -27.02 30.04 -20.74
CA ASN C 915 -26.36 30.34 -22.01
C ASN C 915 -25.38 31.50 -21.85
N LEU C 916 -25.81 32.56 -21.17
CA LEU C 916 -24.95 33.73 -21.02
C LEU C 916 -23.83 33.47 -20.03
N ASN C 917 -24.06 32.61 -19.03
CA ASN C 917 -23.05 32.37 -18.02
C ASN C 917 -21.85 31.62 -18.60
N VAL C 918 -22.10 30.56 -19.37
CA VAL C 918 -20.99 29.76 -19.87
C VAL C 918 -20.20 30.51 -20.94
N ALA C 919 -20.87 31.35 -21.73
CA ALA C 919 -20.17 32.06 -22.80
C ALA C 919 -19.25 33.14 -22.25
N GLU C 920 -19.56 33.65 -21.06
CA GLU C 920 -18.78 34.75 -20.49
C GLU C 920 -17.62 34.26 -19.63
N PHE C 921 -17.83 33.22 -18.82
CA PHE C 921 -16.85 32.85 -17.82
C PHE C 921 -15.98 31.66 -18.21
N VAL C 922 -16.35 30.89 -19.22
CA VAL C 922 -15.61 29.70 -19.62
C VAL C 922 -15.13 29.88 -21.05
N GLN C 923 -13.85 29.62 -21.28
CA GLN C 923 -13.28 29.59 -22.62
C GLN C 923 -13.21 28.13 -23.04
N ALA C 924 -14.12 27.71 -23.90
CA ALA C 924 -14.29 26.31 -24.25
C ALA C 924 -13.69 26.01 -25.62
N SER C 925 -13.35 24.74 -25.81
CA SER C 925 -12.80 24.28 -27.09
C SER C 925 -13.06 22.78 -27.18
N GLY C 926 -13.82 22.38 -28.20
CA GLY C 926 -14.20 20.99 -28.34
C GLY C 926 -15.14 20.48 -27.25
N CYS C 927 -16.16 21.25 -26.91
CA CYS C 927 -17.09 20.91 -25.86
C CYS C 927 -18.50 20.76 -26.43
N LYS C 928 -19.33 19.97 -25.75
CA LYS C 928 -20.69 19.68 -26.18
C LYS C 928 -21.67 20.17 -25.13
N PHE C 929 -22.91 20.44 -25.56
CA PHE C 929 -23.96 20.92 -24.69
C PHE C 929 -25.22 20.08 -24.87
N LEU C 930 -25.91 19.80 -23.77
CA LEU C 930 -27.10 18.96 -23.79
C LEU C 930 -28.01 19.36 -22.65
N SER C 931 -29.23 19.78 -22.95
CA SER C 931 -30.18 20.15 -21.89
C SER C 931 -30.93 18.94 -21.35
N SER C 932 -31.79 18.36 -22.16
CA SER C 932 -32.51 17.16 -21.75
C SER C 932 -32.54 16.07 -22.82
N GLY C 933 -32.67 16.46 -24.09
CA GLY C 933 -33.02 15.51 -25.11
C GLY C 933 -31.88 14.61 -25.47
N PRO C 934 -32.12 13.72 -26.43
CA PRO C 934 -31.08 12.80 -26.87
C PRO C 934 -30.07 13.41 -27.83
N THR C 935 -30.18 14.68 -28.16
CA THR C 935 -29.28 15.34 -29.10
C THR C 935 -28.61 16.53 -28.42
N TYR C 936 -27.79 17.23 -29.20
CA TYR C 936 -26.96 18.31 -28.68
C TYR C 936 -27.39 19.64 -29.31
N ILE C 937 -27.06 20.72 -28.63
CA ILE C 937 -27.52 22.05 -29.00
C ILE C 937 -26.36 23.03 -28.97
N GLN C 938 -26.55 24.17 -29.65
CA GLN C 938 -25.64 25.30 -29.58
C GLN C 938 -26.34 26.43 -28.83
N PRO C 939 -25.82 26.86 -27.69
CA PRO C 939 -26.52 27.88 -26.90
C PRO C 939 -26.72 29.17 -27.68
N LEU C 940 -27.90 29.75 -27.52
CA LEU C 940 -28.27 30.99 -28.21
C LEU C 940 -27.99 32.17 -27.29
N LEU C 941 -27.27 33.17 -27.81
CA LEU C 941 -26.86 34.32 -27.02
C LEU C 941 -27.62 35.59 -27.35
N TRP C 942 -28.10 35.76 -28.57
CA TRP C 942 -28.74 37.01 -28.97
C TRP C 942 -29.70 36.72 -30.11
N SER C 943 -30.79 37.48 -30.14
CA SER C 943 -31.81 37.33 -31.16
C SER C 943 -32.30 38.70 -31.57
N GLY C 944 -32.52 38.89 -32.87
CA GLY C 944 -32.97 40.18 -33.36
C GLY C 944 -32.81 40.29 -34.86
N ALA C 945 -32.49 41.50 -35.32
CA ALA C 945 -32.32 41.79 -36.74
C ALA C 945 -31.18 42.80 -36.89
N GLY C 946 -29.96 42.29 -37.09
CA GLY C 946 -28.77 43.09 -37.25
C GLY C 946 -28.50 43.59 -38.65
N GLY C 947 -29.20 44.64 -39.08
CA GLY C 947 -29.03 45.16 -40.42
C GLY C 947 -27.80 46.01 -40.60
N PRO C 948 -27.72 46.75 -41.71
CA PRO C 948 -26.54 47.58 -41.98
C PRO C 948 -26.31 48.66 -40.95
N THR C 949 -27.35 49.21 -40.34
CA THR C 949 -27.17 50.26 -39.34
C THR C 949 -26.71 49.70 -38.00
N GLY C 950 -27.24 48.56 -37.60
CA GLY C 950 -26.81 47.91 -36.37
C GLY C 950 -27.92 47.86 -35.33
N ALA C 951 -27.80 46.87 -34.44
CA ALA C 951 -28.73 46.69 -33.34
C ALA C 951 -27.94 46.45 -32.05
N SER C 952 -28.53 46.86 -30.92
CA SER C 952 -27.85 46.79 -29.64
C SER C 952 -27.92 45.39 -29.06
N ALA C 953 -26.80 44.94 -28.46
CA ALA C 953 -26.72 43.59 -27.92
C ALA C 953 -26.50 43.53 -26.42
N ASN C 954 -25.43 44.12 -25.90
CA ASN C 954 -25.11 44.17 -24.47
C ASN C 954 -25.02 42.78 -23.84
N PHE C 955 -24.01 42.02 -24.27
CA PHE C 955 -23.67 40.79 -23.59
C PHE C 955 -22.16 40.56 -23.66
N ASN C 956 -21.63 39.89 -22.64
CA ASN C 956 -20.20 39.65 -22.51
C ASN C 956 -19.82 38.25 -23.00
N VAL C 957 -18.62 38.15 -23.55
CA VAL C 957 -18.09 36.87 -24.04
C VAL C 957 -16.60 36.84 -23.80
N ALA C 958 -16.09 35.68 -23.40
CA ALA C 958 -14.65 35.51 -23.19
C ALA C 958 -13.91 35.47 -24.52
N ARG C 959 -12.79 36.18 -24.58
CA ARG C 959 -11.98 36.21 -25.79
C ARG C 959 -11.36 34.85 -26.05
N GLY C 960 -11.33 34.46 -27.32
CA GLY C 960 -10.89 33.13 -27.70
C GLY C 960 -12.02 32.17 -28.00
N ASN C 961 -13.25 32.50 -27.60
CA ASN C 961 -14.40 31.70 -27.96
C ASN C 961 -14.77 31.93 -29.42
N THR C 962 -15.44 30.95 -30.01
CA THR C 962 -15.88 31.02 -31.39
C THR C 962 -17.39 31.19 -31.43
N LEU C 963 -17.85 32.18 -32.19
CA LEU C 963 -19.27 32.48 -32.31
C LEU C 963 -19.73 32.18 -33.74
N GLY C 964 -20.93 31.64 -33.85
CA GLY C 964 -21.57 31.43 -35.14
C GLY C 964 -22.79 32.32 -35.25
N LEU C 965 -23.04 32.85 -36.45
CA LEU C 965 -24.17 33.73 -36.69
C LEU C 965 -25.00 33.23 -37.86
N ASN C 966 -26.31 33.26 -37.68
CA ASN C 966 -27.25 32.87 -38.73
C ASN C 966 -27.63 34.11 -39.52
N ILE C 967 -27.42 34.07 -40.83
CA ILE C 967 -27.55 35.24 -41.69
C ILE C 967 -28.57 34.94 -42.77
N SER C 968 -29.49 35.86 -43.00
CA SER C 968 -30.47 35.77 -44.07
C SER C 968 -30.11 36.82 -45.12
N ALA C 969 -29.52 36.36 -46.22
CA ALA C 969 -29.03 37.23 -47.26
C ALA C 969 -30.01 37.28 -48.41
N VAL C 970 -30.32 38.48 -48.89
CA VAL C 970 -31.31 38.69 -49.93
C VAL C 970 -30.69 39.53 -51.04
N ASN C 971 -30.58 38.96 -52.23
CA ASN C 971 -30.18 39.70 -53.42
C ASN C 971 -31.44 40.32 -54.04
N GLY C 972 -31.34 40.77 -55.28
CA GLY C 972 -32.47 41.44 -55.91
C GLY C 972 -33.74 40.61 -55.90
N GLU C 973 -33.63 39.32 -56.21
CA GLU C 973 -34.80 38.45 -56.18
C GLU C 973 -34.51 37.15 -55.44
N THR C 974 -33.25 36.73 -55.42
CA THR C 974 -32.86 35.47 -54.80
C THR C 974 -32.61 35.65 -53.31
N SER C 975 -32.60 34.54 -52.58
CA SER C 975 -32.32 34.54 -51.16
C SER C 975 -31.51 33.31 -50.81
N GLN C 976 -30.79 33.38 -49.69
CA GLN C 976 -29.94 32.28 -49.26
C GLN C 976 -29.68 32.40 -47.77
N VAL C 977 -29.59 31.25 -47.12
CA VAL C 977 -29.23 31.18 -45.71
C VAL C 977 -27.73 30.93 -45.60
N ILE C 978 -27.06 31.71 -44.76
CA ILE C 978 -25.60 31.69 -44.66
C ILE C 978 -25.22 31.43 -43.22
N ALA C 979 -24.27 30.52 -43.01
CA ALA C 979 -23.74 30.20 -41.69
C ALA C 979 -22.29 30.67 -41.64
N ALA C 980 -22.01 31.65 -40.79
CA ALA C 980 -20.68 32.24 -40.70
C ALA C 980 -20.09 32.01 -39.31
N THR C 981 -18.77 31.89 -39.27
CA THR C 981 -18.03 31.60 -38.04
C THR C 981 -17.09 32.76 -37.73
N LEU C 982 -17.09 33.20 -36.48
CA LEU C 982 -16.30 34.34 -36.04
C LEU C 982 -15.50 33.98 -34.80
N VAL C 983 -14.24 34.38 -34.78
CA VAL C 983 -13.36 34.18 -33.63
C VAL C 983 -13.09 35.52 -32.98
N ILE C 984 -13.29 35.60 -31.67
CA ILE C 984 -13.06 36.83 -30.94
C ILE C 984 -11.56 37.00 -30.70
N PRO C 985 -10.97 38.12 -31.11
CA PRO C 985 -9.53 38.33 -30.89
C PRO C 985 -9.18 38.41 -29.42
N GLN C 986 -7.91 38.15 -29.12
CA GLN C 986 -7.46 37.96 -27.74
C GLN C 986 -7.14 39.26 -27.01
N GLY C 987 -7.09 40.40 -27.69
CA GLY C 987 -6.86 41.66 -27.03
C GLY C 987 -5.54 42.34 -27.35
N PHE C 988 -4.90 42.01 -28.47
CA PHE C 988 -3.73 42.74 -28.94
C PHE C 988 -4.10 44.07 -29.59
N SER C 989 -5.38 44.28 -29.86
CA SER C 989 -5.83 45.46 -30.59
C SER C 989 -7.18 45.91 -30.03
N THR C 990 -7.54 47.14 -30.33
CA THR C 990 -8.81 47.70 -29.90
C THR C 990 -9.89 47.61 -30.98
N GLY C 991 -9.61 46.96 -32.10
CA GLY C 991 -10.55 46.87 -33.19
C GLY C 991 -11.67 45.88 -32.92
N PRO C 992 -12.74 45.98 -33.70
CA PRO C 992 -13.86 45.05 -33.54
C PRO C 992 -13.58 43.72 -34.23
N ALA C 993 -14.48 42.77 -33.99
CA ALA C 993 -14.42 41.47 -34.66
C ALA C 993 -15.25 41.54 -35.94
N ALA C 994 -14.60 41.29 -37.07
CA ALA C 994 -15.24 41.39 -38.37
C ALA C 994 -14.89 40.17 -39.20
N GLY C 995 -15.46 40.12 -40.40
CA GLY C 995 -15.21 39.00 -41.29
C GLY C 995 -15.90 39.21 -42.61
N THR C 996 -15.66 38.28 -43.53
CA THR C 996 -16.22 38.35 -44.87
C THR C 996 -16.42 36.93 -45.40
N THR C 997 -17.59 36.68 -45.99
CA THR C 997 -17.89 35.40 -46.60
C THR C 997 -18.60 35.65 -47.92
N TYR C 998 -18.98 34.57 -48.60
CA TYR C 998 -19.57 34.67 -49.93
C TYR C 998 -20.77 33.75 -50.04
N GLY C 999 -21.69 34.11 -50.93
CA GLY C 999 -22.83 33.27 -51.22
C GLY C 999 -23.00 33.05 -52.72
N PHE C 1000 -22.92 31.80 -53.16
CA PHE C 1000 -22.96 31.52 -54.59
C PHE C 1000 -24.35 31.64 -55.18
N ALA C 1001 -25.40 31.58 -54.35
CA ALA C 1001 -26.75 31.74 -54.85
C ALA C 1001 -27.20 33.20 -54.91
N VAL C 1002 -26.41 34.12 -54.34
CA VAL C 1002 -26.74 35.54 -54.40
C VAL C 1002 -25.66 36.35 -55.11
N GLU C 1003 -24.50 35.78 -55.41
CA GLU C 1003 -23.46 36.43 -56.20
C GLU C 1003 -22.97 37.73 -55.56
N LYS C 1004 -22.69 37.66 -54.26
CA LYS C 1004 -22.17 38.83 -53.56
C LYS C 1004 -21.47 38.38 -52.28
N ASN C 1005 -20.66 39.27 -51.73
CA ASN C 1005 -20.02 39.04 -50.45
C ASN C 1005 -20.91 39.50 -49.31
N ILE C 1006 -20.78 38.83 -48.17
CA ILE C 1006 -21.51 39.17 -46.95
C ILE C 1006 -20.48 39.62 -45.92
N ASN C 1007 -20.64 40.84 -45.42
CA ASN C 1007 -19.74 41.41 -44.43
C ASN C 1007 -20.48 41.57 -43.10
N TYR C 1008 -19.76 41.34 -42.01
CA TYR C 1008 -20.36 41.44 -40.69
C TYR C 1008 -19.34 42.01 -39.72
N GLN C 1009 -19.84 42.56 -38.61
CA GLN C 1009 -19.01 43.20 -37.61
C GLN C 1009 -19.68 43.14 -36.26
N LEU C 1010 -18.88 42.96 -35.21
CA LEU C 1010 -19.36 42.92 -33.83
C LEU C 1010 -18.58 43.93 -33.02
N GLY C 1011 -19.24 45.00 -32.59
CA GLY C 1011 -18.57 46.03 -31.81
C GLY C 1011 -18.17 45.51 -30.44
N LEU C 1012 -16.92 45.74 -30.06
CA LEU C 1012 -16.35 45.20 -28.84
C LEU C 1012 -15.93 46.32 -27.90
N ASN C 1013 -16.20 46.14 -26.61
CA ASN C 1013 -15.68 46.99 -25.56
C ASN C 1013 -14.76 46.16 -24.67
N ALA C 1014 -13.63 46.73 -24.29
CA ALA C 1014 -12.59 45.98 -23.60
C ALA C 1014 -12.93 45.79 -22.13
N ARG C 1015 -12.96 44.54 -21.68
CA ARG C 1015 -13.03 44.21 -20.25
C ARG C 1015 -11.95 43.15 -19.99
N SER C 1016 -10.71 43.60 -19.83
CA SER C 1016 -9.55 42.75 -19.58
C SER C 1016 -9.54 41.46 -20.39
N LEU C 1017 -9.79 40.34 -19.72
CA LEU C 1017 -9.78 39.03 -20.34
C LEU C 1017 -11.04 38.74 -21.16
N LYS C 1018 -12.07 39.57 -21.04
CA LYS C 1018 -13.34 39.39 -21.73
C LYS C 1018 -13.57 40.55 -22.69
N ALA C 1019 -14.73 40.52 -23.34
CA ALA C 1019 -15.16 41.60 -24.22
C ALA C 1019 -16.66 41.76 -24.10
N ASN C 1020 -17.13 42.99 -24.24
CA ASN C 1020 -18.55 43.31 -24.19
C ASN C 1020 -19.03 43.64 -25.59
N VAL C 1021 -20.05 42.93 -26.05
CA VAL C 1021 -20.61 43.13 -27.38
C VAL C 1021 -21.72 44.16 -27.27
N GLY C 1022 -21.61 45.24 -28.04
CA GLY C 1022 -22.56 46.32 -27.94
C GLY C 1022 -23.38 46.58 -29.19
N LEU C 1023 -22.84 46.19 -30.34
CA LEU C 1023 -23.50 46.43 -31.61
C LEU C 1023 -23.31 45.23 -32.53
N VAL C 1024 -24.38 44.85 -33.21
CA VAL C 1024 -24.37 43.77 -34.19
C VAL C 1024 -24.67 44.38 -35.55
N ARG C 1025 -23.76 44.19 -36.50
CA ARG C 1025 -23.89 44.78 -37.82
C ARG C 1025 -23.63 43.73 -38.88
N CYS C 1026 -24.34 43.85 -40.00
CA CYS C 1026 -24.13 42.96 -41.13
C CYS C 1026 -24.60 43.65 -42.39
N SER C 1027 -24.12 43.14 -43.53
CA SER C 1027 -24.53 43.70 -44.81
C SER C 1027 -26.01 43.43 -45.07
N ASP C 1028 -26.45 42.17 -44.89
CA ASP C 1028 -27.86 41.88 -45.12
C ASP C 1028 -28.70 41.85 -43.84
N THR C 1029 -28.48 40.86 -42.97
CA THR C 1029 -29.23 40.73 -41.73
C THR C 1029 -28.66 39.58 -40.91
N ILE C 1030 -28.48 39.80 -39.61
CA ILE C 1030 -28.15 38.74 -38.66
C ILE C 1030 -29.36 38.47 -37.80
N THR C 1031 -29.78 37.20 -37.73
CA THR C 1031 -30.95 36.84 -36.96
C THR C 1031 -30.64 36.17 -35.64
N GLY C 1032 -29.42 35.68 -35.44
CA GLY C 1032 -29.06 35.05 -34.18
C GLY C 1032 -27.57 34.84 -34.02
N VAL C 1033 -27.09 34.95 -32.78
CA VAL C 1033 -25.69 34.73 -32.46
C VAL C 1033 -25.62 33.56 -31.49
N TYR C 1034 -24.76 32.58 -31.80
CA TYR C 1034 -24.69 31.34 -31.05
C TYR C 1034 -23.26 31.11 -30.57
N LEU C 1035 -23.14 30.31 -29.52
CA LEU C 1035 -21.83 29.84 -29.07
C LEU C 1035 -21.45 28.63 -29.90
N ASN C 1036 -20.46 28.78 -30.76
CA ASN C 1036 -20.07 27.73 -31.70
C ASN C 1036 -18.98 26.89 -31.05
N ALA C 1037 -19.39 25.78 -30.43
CA ALA C 1037 -18.43 24.87 -29.81
C ALA C 1037 -19.00 23.46 -29.73
#